data_5V6D
#
_entry.id   5V6D
#
_cell.length_a   57.240
_cell.length_b   112.350
_cell.length_c   112.870
_cell.angle_alpha   104.310
_cell.angle_beta   98.500
_cell.angle_gamma   105.390
#
_symmetry.space_group_name_H-M   'P 1'
#
loop_
_entity.id
_entity.type
_entity.pdbx_description
1 polymer 'Nucleoside diphosphate kinase'
2 non-polymer 'CITRIC ACID'
3 non-polymer 1,2-ETHANEDIOL
4 water water
#
_entity_poly.entity_id   1
_entity_poly.type   'polypeptide(L)'
_entity_poly.pdbx_seq_one_letter_code
;MAHHHHHHMAIERTISIIKPDAVGKNVIGKIYSRFEENGLKIVAAKMKQLTLKEAQEFYAVHKDRPFYAGLVEFMTGGPV
MIQVLEGENAVLKNRELMGATNPTEAAEGTIRADFATSVSINAVHGSDSVENAALEIAYFFSQTEICPR
;
_entity_poly.pdbx_strand_id   A,B,C,D,E,F,G,H,I,J,K,L,M,N,O,P
#
loop_
_chem_comp.id
_chem_comp.type
_chem_comp.name
_chem_comp.formula
CIT non-polymer 'CITRIC ACID' 'C6 H8 O7'
EDO non-polymer 1,2-ETHANEDIOL 'C2 H6 O2'
#
# COMPACT_ATOMS: atom_id res chain seq x y z
N ALA A 10 -70.70 51.71 -13.54
CA ALA A 10 -71.63 51.75 -14.66
C ALA A 10 -70.96 52.27 -15.92
N ILE A 11 -71.35 51.73 -17.08
CA ILE A 11 -70.72 52.02 -18.37
C ILE A 11 -71.39 53.25 -18.95
N GLU A 12 -70.77 54.41 -18.75
CA GLU A 12 -71.34 55.70 -19.10
C GLU A 12 -70.77 56.22 -20.43
N ARG A 13 -71.37 57.31 -20.90
CA ARG A 13 -70.89 58.08 -22.04
C ARG A 13 -70.81 59.54 -21.65
N THR A 14 -69.71 60.19 -21.99
CA THR A 14 -69.53 61.60 -21.70
C THR A 14 -69.02 62.30 -22.95
N ILE A 15 -69.22 63.60 -23.04
CA ILE A 15 -68.72 64.35 -24.19
C ILE A 15 -67.38 64.97 -23.83
N SER A 16 -66.50 65.03 -24.83
CA SER A 16 -65.20 65.68 -24.75
C SER A 16 -65.07 66.63 -25.93
N ILE A 17 -64.54 67.82 -25.68
CA ILE A 17 -64.21 68.75 -26.74
C ILE A 17 -62.74 69.12 -26.61
N ILE A 18 -61.97 68.88 -27.66
CA ILE A 18 -60.63 69.41 -27.81
C ILE A 18 -60.77 70.80 -28.42
N LYS A 19 -60.39 71.83 -27.66
CA LYS A 19 -60.69 73.22 -27.99
C LYS A 19 -59.74 73.73 -29.08
N PRO A 20 -60.05 74.88 -29.70
CA PRO A 20 -59.26 75.31 -30.87
C PRO A 20 -57.79 75.54 -30.57
N ASP A 21 -57.42 75.81 -29.32
CA ASP A 21 -56.01 75.96 -28.99
C ASP A 21 -55.26 74.64 -29.14
N ALA A 22 -55.84 73.55 -28.64
CA ALA A 22 -55.19 72.25 -28.74
C ALA A 22 -55.22 71.71 -30.17
N VAL A 23 -56.33 71.94 -30.88
CA VAL A 23 -56.38 71.55 -32.28
C VAL A 23 -55.31 72.29 -33.08
N GLY A 24 -55.18 73.60 -32.85
CA GLY A 24 -54.17 74.36 -33.56
C GLY A 24 -52.76 73.92 -33.23
N LYS A 25 -52.54 73.35 -32.04
CA LYS A 25 -51.23 72.82 -31.67
C LYS A 25 -50.97 71.44 -32.26
N ASN A 26 -51.97 70.83 -32.88
CA ASN A 26 -51.86 69.48 -33.45
C ASN A 26 -51.47 68.47 -32.37
N VAL A 27 -52.24 68.44 -31.29
CA VAL A 27 -52.07 67.47 -30.22
C VAL A 27 -53.37 66.68 -29.99
N ILE A 28 -54.23 66.64 -31.00
CA ILE A 28 -55.43 65.79 -30.94
C ILE A 28 -55.03 64.37 -30.59
N GLY A 29 -54.02 63.85 -31.28
CA GLY A 29 -53.59 62.48 -31.04
C GLY A 29 -53.11 62.26 -29.61
N LYS A 30 -52.30 63.17 -29.08
CA LYS A 30 -51.79 62.97 -27.73
C LYS A 30 -52.91 63.05 -26.71
N ILE A 31 -53.95 63.84 -26.99
CA ILE A 31 -55.08 63.93 -26.07
C ILE A 31 -55.94 62.68 -26.16
N TYR A 32 -56.19 62.19 -27.38
CA TYR A 32 -56.91 60.93 -27.55
C TYR A 32 -56.23 59.80 -26.79
N SER A 33 -54.90 59.74 -26.84
CA SER A 33 -54.18 58.69 -26.16
C SER A 33 -54.38 58.74 -24.65
N ARG A 34 -54.54 59.95 -24.09
CA ARG A 34 -54.84 60.06 -22.66
C ARG A 34 -56.15 59.37 -22.32
N PHE A 35 -57.18 59.54 -23.17
CA PHE A 35 -58.43 58.82 -22.97
C PHE A 35 -58.22 57.32 -23.14
N GLU A 36 -57.63 56.93 -24.28
CA GLU A 36 -57.57 55.51 -24.65
C GLU A 36 -56.65 54.73 -23.73
N GLU A 37 -55.52 55.30 -23.34
CA GLU A 37 -54.59 54.57 -22.50
C GLU A 37 -55.07 54.48 -21.06
N ASN A 38 -56.25 55.03 -20.76
N ASN A 38 -56.18 55.12 -20.74
CA ASN A 38 -56.89 54.87 -19.46
CA ASN A 38 -56.84 54.80 -19.48
C ASN A 38 -58.29 54.26 -19.60
C ASN A 38 -58.09 54.02 -19.83
N GLY A 39 -58.51 53.44 -20.63
N GLY A 39 -59.19 54.27 -19.16
CA GLY A 39 -59.69 52.60 -20.72
CA GLY A 39 -60.34 53.44 -19.41
C GLY A 39 -60.88 53.19 -21.45
C GLY A 39 -61.38 54.00 -20.35
N LEU A 40 -60.98 54.52 -21.52
CA LEU A 40 -62.00 55.17 -22.34
C LEU A 40 -61.88 54.84 -23.82
N LYS A 41 -63.03 54.70 -24.48
CA LYS A 41 -63.12 54.36 -25.89
C LYS A 41 -63.88 55.46 -26.61
N ILE A 42 -63.38 55.86 -27.78
CA ILE A 42 -64.04 56.86 -28.60
C ILE A 42 -65.13 56.17 -29.41
N VAL A 43 -66.38 56.53 -29.14
CA VAL A 43 -67.51 55.89 -29.81
C VAL A 43 -68.25 56.83 -30.74
N ALA A 44 -67.90 58.11 -30.76
CA ALA A 44 -68.38 59.03 -31.76
C ALA A 44 -67.39 60.18 -31.83
N ALA A 45 -67.28 60.81 -33.00
CA ALA A 45 -66.27 61.83 -33.16
C ALA A 45 -66.54 62.62 -34.42
N LYS A 46 -66.28 63.92 -34.37
CA LYS A 46 -66.36 64.77 -35.55
C LYS A 46 -65.56 66.05 -35.29
N MET A 47 -64.85 66.50 -36.32
CA MET A 47 -64.25 67.81 -36.29
C MET A 47 -65.26 68.83 -36.82
N LYS A 48 -65.37 69.96 -36.14
CA LYS A 48 -66.44 70.91 -36.43
C LYS A 48 -65.95 72.33 -36.18
N GLN A 49 -66.45 73.27 -36.98
CA GLN A 49 -66.28 74.69 -36.74
C GLN A 49 -67.56 75.21 -36.07
N LEU A 50 -67.46 75.55 -34.79
CA LEU A 50 -68.63 76.01 -34.06
C LEU A 50 -69.09 77.38 -34.54
N THR A 51 -70.40 77.55 -34.66
CA THR A 51 -70.96 78.86 -34.90
C THR A 51 -71.07 79.64 -33.60
N LEU A 52 -71.24 80.95 -33.73
CA LEU A 52 -71.48 81.80 -32.57
C LEU A 52 -72.66 81.29 -31.75
N LYS A 53 -73.77 81.00 -32.41
CA LYS A 53 -74.93 80.49 -31.69
C LYS A 53 -74.63 79.17 -31.01
N GLU A 54 -73.90 78.28 -31.68
CA GLU A 54 -73.61 76.97 -31.09
C GLU A 54 -72.78 77.11 -29.82
N ALA A 55 -71.74 77.95 -29.85
CA ALA A 55 -70.94 78.14 -28.65
C ALA A 55 -71.75 78.81 -27.55
N GLN A 56 -72.63 79.75 -27.92
CA GLN A 56 -73.46 80.42 -26.94
C GLN A 56 -74.45 79.47 -26.29
N GLU A 57 -75.11 78.62 -27.09
CA GLU A 57 -76.10 77.71 -26.52
C GLU A 57 -75.45 76.62 -25.68
N PHE A 58 -74.33 76.09 -26.16
CA PHE A 58 -73.66 75.02 -25.42
C PHE A 58 -73.16 75.50 -24.07
N TYR A 59 -72.79 76.78 -23.96
CA TYR A 59 -72.31 77.35 -22.71
C TYR A 59 -73.30 78.31 -22.09
N ALA A 60 -74.60 78.15 -22.39
CA ALA A 60 -75.63 79.04 -21.88
C ALA A 60 -75.68 79.07 -20.36
N VAL A 61 -75.18 78.03 -19.69
CA VAL A 61 -75.17 78.01 -18.23
C VAL A 61 -74.27 79.10 -17.67
N HIS A 62 -73.36 79.64 -18.48
CA HIS A 62 -72.44 80.68 -18.04
C HIS A 62 -72.78 82.05 -18.63
N LYS A 63 -73.99 82.20 -19.18
CA LYS A 63 -74.33 83.44 -19.90
C LYS A 63 -74.27 84.66 -19.01
N ASP A 64 -74.51 84.50 -17.71
CA ASP A 64 -74.47 85.61 -16.76
C ASP A 64 -73.12 85.74 -16.07
N ARG A 65 -72.08 85.08 -16.57
CA ARG A 65 -70.78 85.14 -15.93
C ARG A 65 -69.83 86.02 -16.73
N PRO A 66 -68.84 86.64 -16.08
CA PRO A 66 -68.00 87.63 -16.79
C PRO A 66 -67.20 87.05 -17.95
N PHE A 67 -66.82 85.78 -17.87
CA PHE A 67 -66.00 85.16 -18.91
C PHE A 67 -66.82 84.63 -20.08
N TYR A 68 -68.12 84.90 -20.13
CA TYR A 68 -68.98 84.30 -21.14
C TYR A 68 -68.62 84.77 -22.55
N ALA A 69 -68.51 86.08 -22.74
CA ALA A 69 -68.22 86.61 -24.06
C ALA A 69 -66.88 86.12 -24.59
N GLY A 70 -65.86 86.12 -23.72
CA GLY A 70 -64.55 85.66 -24.15
C GLY A 70 -64.52 84.17 -24.45
N LEU A 71 -65.22 83.38 -23.63
CA LEU A 71 -65.31 81.94 -23.88
C LEU A 71 -65.93 81.64 -25.24
N VAL A 72 -66.98 82.41 -25.62
CA VAL A 72 -67.62 82.21 -26.90
C VAL A 72 -66.68 82.56 -28.05
N GLU A 73 -65.97 83.68 -27.94
CA GLU A 73 -65.02 84.06 -28.99
C GLU A 73 -63.94 82.99 -29.16
N PHE A 74 -63.38 82.51 -28.05
CA PHE A 74 -62.30 81.53 -28.09
C PHE A 74 -62.76 80.22 -28.73
N MET A 75 -63.95 79.76 -28.39
CA MET A 75 -64.46 78.50 -28.91
C MET A 75 -64.93 78.59 -30.36
N THR A 76 -65.03 79.78 -30.93
CA THR A 76 -65.36 79.94 -32.34
C THR A 76 -64.20 80.45 -33.17
N GLY A 77 -63.04 80.71 -32.56
CA GLY A 77 -61.90 81.21 -33.30
C GLY A 77 -61.25 80.20 -34.22
N GLY A 78 -61.57 78.93 -34.06
CA GLY A 78 -60.98 77.86 -34.85
C GLY A 78 -61.71 76.54 -34.62
N PRO A 79 -61.42 75.54 -35.44
CA PRO A 79 -62.16 74.28 -35.34
C PRO A 79 -61.85 73.53 -34.05
N VAL A 80 -62.81 72.72 -33.62
CA VAL A 80 -62.67 71.85 -32.46
C VAL A 80 -62.82 70.41 -32.91
N MET A 81 -62.39 69.50 -32.04
CA MET A 81 -62.59 68.07 -32.21
C MET A 81 -63.51 67.62 -31.08
N ILE A 82 -64.65 67.03 -31.45
CA ILE A 82 -65.68 66.63 -30.50
C ILE A 82 -65.80 65.11 -30.54
N GLN A 83 -65.85 64.48 -29.36
CA GLN A 83 -65.98 63.03 -29.33
C GLN A 83 -66.77 62.61 -28.11
N VAL A 84 -67.48 61.49 -28.24
CA VAL A 84 -68.13 60.81 -27.13
C VAL A 84 -67.19 59.72 -26.62
N LEU A 85 -66.94 59.73 -25.31
CA LEU A 85 -66.04 58.77 -24.68
C LEU A 85 -66.88 57.79 -23.87
N GLU A 86 -66.58 56.50 -24.00
CA GLU A 86 -67.34 55.47 -23.32
C GLU A 86 -66.44 54.67 -22.39
N GLY A 87 -66.98 54.29 -21.23
CA GLY A 87 -66.28 53.47 -20.27
C GLY A 87 -66.88 53.61 -18.89
N GLU A 88 -66.54 52.68 -18.02
CA GLU A 88 -67.02 52.79 -16.65
C GLU A 88 -66.50 54.09 -16.03
N ASN A 89 -67.38 54.78 -15.32
CA ASN A 89 -67.04 56.05 -14.67
C ASN A 89 -66.50 57.06 -15.67
N ALA A 90 -67.06 57.06 -16.89
CA ALA A 90 -66.50 57.86 -17.96
C ALA A 90 -66.56 59.35 -17.65
N VAL A 91 -67.66 59.81 -17.06
CA VAL A 91 -67.82 61.24 -16.78
C VAL A 91 -66.71 61.74 -15.87
N LEU A 92 -66.55 61.09 -14.71
CA LEU A 92 -65.53 61.53 -13.77
C LEU A 92 -64.12 61.25 -14.29
N LYS A 93 -63.92 60.11 -14.95
CA LYS A 93 -62.59 59.76 -15.43
C LYS A 93 -62.08 60.79 -16.43
N ASN A 94 -62.95 61.21 -17.36
CA ASN A 94 -62.60 62.28 -18.29
C ASN A 94 -62.17 63.54 -17.54
N ARG A 95 -62.92 63.92 -16.50
CA ARG A 95 -62.57 65.12 -15.75
C ARG A 95 -61.24 64.94 -15.02
N GLU A 96 -60.97 63.73 -14.52
CA GLU A 96 -59.68 63.48 -13.90
C GLU A 96 -58.54 63.61 -14.90
N LEU A 97 -58.75 63.10 -16.13
CA LEU A 97 -57.69 63.18 -17.14
C LEU A 97 -57.48 64.62 -17.60
N MET A 98 -58.55 65.39 -17.72
CA MET A 98 -58.42 66.80 -18.09
C MET A 98 -57.64 67.56 -17.04
N GLY A 99 -57.97 67.34 -15.77
CA GLY A 99 -57.33 68.06 -14.69
C GLY A 99 -58.05 69.34 -14.32
N ALA A 100 -57.46 70.04 -13.37
CA ALA A 100 -58.02 71.31 -12.91
C ALA A 100 -58.05 72.33 -14.04
N THR A 101 -58.99 73.28 -13.94
CA THR A 101 -59.16 74.27 -15.00
C THR A 101 -57.93 75.16 -15.12
N ASN A 102 -57.40 75.62 -14.00
CA ASN A 102 -56.19 76.44 -14.03
C ASN A 102 -54.97 75.54 -14.18
N PRO A 103 -54.19 75.69 -15.25
CA PRO A 103 -53.05 74.77 -15.46
C PRO A 103 -51.99 74.80 -14.36
N THR A 104 -51.99 75.81 -13.48
CA THR A 104 -51.06 75.80 -12.37
C THR A 104 -51.48 74.78 -11.31
N GLU A 105 -52.78 74.65 -11.08
CA GLU A 105 -53.30 73.68 -10.12
C GLU A 105 -53.53 72.30 -10.72
N ALA A 106 -53.44 72.17 -12.04
CA ALA A 106 -53.67 70.88 -12.69
C ALA A 106 -52.54 69.91 -12.36
N ALA A 107 -52.92 68.67 -12.09
CA ALA A 107 -51.95 67.67 -11.65
C ALA A 107 -51.00 67.28 -12.77
N GLU A 108 -49.80 66.84 -12.38
CA GLU A 108 -48.81 66.37 -13.33
C GLU A 108 -49.40 65.29 -14.23
N GLY A 109 -49.07 65.36 -15.52
CA GLY A 109 -49.55 64.37 -16.47
C GLY A 109 -50.98 64.53 -16.93
N THR A 110 -51.70 65.55 -16.46
CA THR A 110 -53.05 65.78 -16.97
C THR A 110 -52.99 66.53 -18.30
N ILE A 111 -54.13 66.60 -18.97
CA ILE A 111 -54.21 67.27 -20.26
C ILE A 111 -53.88 68.75 -20.12
N ARG A 112 -54.54 69.41 -19.17
CA ARG A 112 -54.31 70.85 -18.99
C ARG A 112 -52.90 71.15 -18.50
N ALA A 113 -52.32 70.26 -17.69
CA ALA A 113 -50.94 70.47 -17.25
C ALA A 113 -49.99 70.47 -18.42
N ASP A 114 -50.27 69.68 -19.45
CA ASP A 114 -49.38 69.55 -20.58
C ASP A 114 -49.78 70.39 -21.79
N PHE A 115 -51.07 70.74 -21.93
CA PHE A 115 -51.53 71.37 -23.15
C PHE A 115 -52.34 72.65 -22.95
N ALA A 116 -52.70 73.02 -21.72
CA ALA A 116 -53.47 74.24 -21.52
C ALA A 116 -52.55 75.44 -21.43
N THR A 117 -53.00 76.57 -21.97
CA THR A 117 -52.27 77.83 -21.96
C THR A 117 -52.56 78.67 -20.73
N SER A 118 -53.83 78.77 -20.35
CA SER A 118 -54.25 79.54 -19.19
C SER A 118 -55.52 78.91 -18.63
N VAL A 119 -56.03 79.51 -17.54
CA VAL A 119 -57.29 79.05 -16.97
C VAL A 119 -58.44 79.20 -17.97
N SER A 120 -58.32 80.12 -18.92
CA SER A 120 -59.35 80.32 -19.93
C SER A 120 -59.07 79.59 -21.24
N ILE A 121 -57.79 79.53 -21.65
CA ILE A 121 -57.38 78.76 -22.81
C ILE A 121 -56.94 77.38 -22.34
N ASN A 122 -57.90 76.54 -21.99
CA ASN A 122 -57.63 75.35 -21.18
C ASN A 122 -57.76 74.04 -21.96
N ALA A 123 -57.68 74.09 -23.30
CA ALA A 123 -57.43 72.92 -24.14
C ALA A 123 -58.60 71.96 -24.29
N VAL A 124 -59.40 71.75 -23.24
CA VAL A 124 -60.41 70.70 -23.28
C VAL A 124 -61.65 71.11 -22.50
N HIS A 125 -62.78 70.55 -22.91
CA HIS A 125 -64.02 70.55 -22.15
C HIS A 125 -64.49 69.11 -21.94
N GLY A 126 -65.17 68.87 -20.84
CA GLY A 126 -65.84 67.60 -20.63
C GLY A 126 -67.08 67.81 -19.78
N SER A 127 -68.06 66.94 -19.96
CA SER A 127 -69.32 67.07 -19.22
C SER A 127 -69.06 66.93 -17.73
N ASP A 128 -69.87 67.64 -16.93
CA ASP A 128 -69.67 67.67 -15.49
C ASP A 128 -70.60 66.72 -14.72
N SER A 129 -71.63 66.19 -15.37
CA SER A 129 -72.52 65.24 -14.72
C SER A 129 -73.09 64.29 -15.76
N VAL A 130 -73.60 63.16 -15.30
CA VAL A 130 -74.23 62.19 -16.20
C VAL A 130 -75.41 62.83 -16.93
N GLU A 131 -76.22 63.60 -16.20
CA GLU A 131 -77.39 64.23 -16.82
C GLU A 131 -76.97 65.31 -17.82
N ASN A 132 -75.94 66.10 -17.49
CA ASN A 132 -75.45 67.07 -18.45
CA ASN A 132 -75.43 67.08 -18.44
C ASN A 132 -74.71 66.40 -19.60
N ALA A 133 -74.11 65.23 -19.36
CA ALA A 133 -73.47 64.50 -20.45
C ALA A 133 -74.49 64.08 -21.49
N ALA A 134 -75.67 63.63 -21.07
CA ALA A 134 -76.70 63.26 -22.03
C ALA A 134 -77.11 64.46 -22.88
N LEU A 135 -77.31 65.62 -22.25
CA LEU A 135 -77.69 66.82 -22.99
C LEU A 135 -76.59 67.23 -23.95
N GLU A 136 -75.34 67.27 -23.48
CA GLU A 136 -74.25 67.72 -24.34
C GLU A 136 -74.02 66.78 -25.51
N ILE A 137 -74.10 65.47 -25.28
CA ILE A 137 -74.00 64.52 -26.39
C ILE A 137 -75.11 64.76 -27.40
N ALA A 138 -76.35 64.91 -26.92
CA ALA A 138 -77.48 65.13 -27.81
C ALA A 138 -77.38 66.45 -28.56
N TYR A 139 -76.63 67.42 -28.02
CA TYR A 139 -76.53 68.70 -28.70
C TYR A 139 -75.75 68.56 -30.00
N PHE A 140 -74.66 67.79 -29.98
CA PHE A 140 -73.76 67.69 -31.13
C PHE A 140 -73.93 66.42 -31.96
N PHE A 141 -74.59 65.39 -31.44
CA PHE A 141 -74.67 64.13 -32.15
C PHE A 141 -76.10 63.61 -32.15
N SER A 142 -76.53 63.01 -33.26
CA SER A 142 -77.69 62.15 -33.20
C SER A 142 -77.28 60.80 -32.63
N GLN A 143 -78.26 60.05 -32.10
CA GLN A 143 -77.93 58.72 -31.62
C GLN A 143 -77.42 57.82 -32.74
N THR A 144 -77.85 58.07 -33.98
CA THR A 144 -77.35 57.28 -35.10
C THR A 144 -75.89 57.57 -35.43
N GLU A 145 -75.29 58.62 -34.86
CA GLU A 145 -73.88 58.89 -35.09
C GLU A 145 -72.98 58.19 -34.09
N ILE A 146 -73.55 57.59 -33.05
N ILE A 146 -73.54 57.59 -33.05
CA ILE A 146 -72.79 56.81 -32.10
CA ILE A 146 -72.75 56.82 -32.10
C ILE A 146 -72.52 55.44 -32.70
C ILE A 146 -72.54 55.43 -32.65
N CYS A 147 -71.29 54.95 -32.52
CA CYS A 147 -70.86 53.69 -33.11
C CYS A 147 -70.42 52.74 -31.99
N PRO A 148 -71.35 51.97 -31.44
CA PRO A 148 -70.96 51.00 -30.41
C PRO A 148 -69.94 50.02 -30.96
N ARG A 149 -69.11 49.50 -30.05
CA ARG A 149 -68.05 48.57 -30.40
C ARG A 149 -68.59 47.16 -30.56
N ALA B 10 -45.91 71.45 -52.52
CA ALA B 10 -47.30 71.88 -52.60
C ALA B 10 -48.17 71.19 -51.55
N ILE B 11 -49.12 71.93 -50.98
CA ILE B 11 -50.01 71.39 -49.97
C ILE B 11 -51.11 70.58 -50.64
N GLU B 12 -51.31 69.36 -50.15
CA GLU B 12 -52.34 68.47 -50.66
C GLU B 12 -53.28 68.06 -49.53
N ARG B 13 -54.36 67.38 -49.90
CA ARG B 13 -55.26 66.73 -48.96
C ARG B 13 -55.46 65.29 -49.38
N THR B 14 -55.49 64.39 -48.40
CA THR B 14 -55.61 62.98 -48.66
C THR B 14 -56.50 62.38 -47.58
N ILE B 15 -57.13 61.26 -47.88
CA ILE B 15 -57.95 60.58 -46.89
C ILE B 15 -57.10 59.56 -46.16
N SER B 16 -57.38 59.43 -44.87
CA SER B 16 -56.90 58.34 -44.04
C SER B 16 -58.10 57.65 -43.44
N ILE B 17 -58.05 56.32 -43.39
CA ILE B 17 -59.02 55.55 -42.62
C ILE B 17 -58.27 54.69 -41.62
N ILE B 18 -58.63 54.83 -40.35
CA ILE B 18 -58.17 53.91 -39.32
C ILE B 18 -59.20 52.80 -39.23
N LYS B 19 -58.76 51.58 -39.56
CA LYS B 19 -59.62 50.44 -39.83
C LYS B 19 -60.14 49.86 -38.52
N PRO B 20 -61.11 48.93 -38.58
CA PRO B 20 -61.71 48.45 -37.34
C PRO B 20 -60.74 47.74 -36.41
N ASP B 21 -59.64 47.20 -36.92
CA ASP B 21 -58.64 46.59 -36.02
C ASP B 21 -57.99 47.64 -35.14
N ALA B 22 -57.53 48.74 -35.76
CA ALA B 22 -56.82 49.75 -34.98
C ALA B 22 -57.76 50.55 -34.08
N VAL B 23 -59.00 50.77 -34.52
CA VAL B 23 -60.00 51.34 -33.61
C VAL B 23 -60.21 50.41 -32.42
N GLY B 24 -60.43 49.12 -32.71
CA GLY B 24 -60.62 48.16 -31.64
C GLY B 24 -59.44 48.05 -30.68
N LYS B 25 -58.24 48.38 -31.15
CA LYS B 25 -57.07 48.41 -30.27
C LYS B 25 -56.99 49.70 -29.47
N ASN B 26 -57.86 50.68 -29.77
CA ASN B 26 -57.86 51.99 -29.11
C ASN B 26 -56.50 52.66 -29.24
N VAL B 27 -55.98 52.70 -30.48
CA VAL B 27 -54.74 53.41 -30.76
C VAL B 27 -55.00 54.51 -31.77
N ILE B 28 -56.23 55.02 -31.82
CA ILE B 28 -56.53 56.15 -32.70
C ILE B 28 -55.58 57.31 -32.42
N GLY B 29 -55.35 57.61 -31.14
CA GLY B 29 -54.49 58.73 -30.79
C GLY B 29 -53.05 58.54 -31.21
N LYS B 30 -52.48 57.35 -30.98
CA LYS B 30 -51.12 57.10 -31.42
C LYS B 30 -51.00 57.30 -32.92
N ILE B 31 -51.97 56.80 -33.69
CA ILE B 31 -51.94 56.99 -35.14
C ILE B 31 -52.10 58.47 -35.50
N TYR B 32 -53.07 59.16 -34.85
CA TYR B 32 -53.20 60.60 -35.08
C TYR B 32 -51.90 61.34 -34.84
N SER B 33 -51.18 61.00 -33.76
CA SER B 33 -49.92 61.67 -33.47
C SER B 33 -48.87 61.37 -34.52
N ARG B 34 -48.94 60.21 -35.17
CA ARG B 34 -48.00 59.90 -36.24
C ARG B 34 -48.15 60.87 -37.40
N PHE B 35 -49.38 61.28 -37.69
CA PHE B 35 -49.61 62.33 -38.67
C PHE B 35 -49.18 63.69 -38.12
N GLU B 36 -49.68 64.06 -36.93
CA GLU B 36 -49.51 65.42 -36.44
C GLU B 36 -48.05 65.77 -36.21
N GLU B 37 -47.23 64.79 -35.79
CA GLU B 37 -45.82 65.06 -35.56
C GLU B 37 -44.99 64.95 -36.83
N ASN B 38 -45.62 64.71 -37.98
CA ASN B 38 -44.93 64.64 -39.26
C ASN B 38 -45.57 65.58 -40.27
N GLY B 39 -45.96 66.77 -39.82
CA GLY B 39 -46.34 67.84 -40.73
C GLY B 39 -47.64 67.67 -41.46
N LEU B 40 -48.54 66.80 -40.99
CA LEU B 40 -49.88 66.70 -41.53
C LEU B 40 -50.87 67.19 -40.48
N LYS B 41 -51.90 67.88 -40.92
CA LYS B 41 -52.93 68.42 -40.05
C LYS B 41 -54.26 67.73 -40.30
N ILE B 42 -55.01 67.48 -39.24
CA ILE B 42 -56.35 66.92 -39.33
CA ILE B 42 -56.35 66.91 -39.36
C ILE B 42 -57.31 68.07 -39.63
N VAL B 43 -57.90 68.09 -40.82
CA VAL B 43 -58.82 69.15 -41.21
C VAL B 43 -60.26 68.67 -41.34
N ALA B 44 -60.50 67.37 -41.29
CA ALA B 44 -61.85 66.83 -41.21
C ALA B 44 -61.74 65.45 -40.59
N ALA B 45 -62.81 65.01 -39.94
CA ALA B 45 -62.70 63.75 -39.21
C ALA B 45 -64.07 63.31 -38.75
N LYS B 46 -64.31 62.00 -38.79
CA LYS B 46 -65.54 61.48 -38.22
C LYS B 46 -65.41 59.98 -38.02
N MET B 47 -66.04 59.48 -36.97
CA MET B 47 -66.15 58.05 -36.73
C MET B 47 -67.43 57.55 -37.36
N LYS B 48 -67.35 56.40 -38.00
CA LYS B 48 -68.44 55.93 -38.84
C LYS B 48 -68.47 54.41 -38.82
N GLN B 49 -69.66 53.85 -38.85
CA GLN B 49 -69.85 52.42 -39.07
C GLN B 49 -70.20 52.23 -40.53
N LEU B 50 -69.28 51.64 -41.30
CA LEU B 50 -69.52 51.49 -42.73
C LEU B 50 -70.57 50.43 -42.98
N THR B 51 -71.46 50.71 -43.94
CA THR B 51 -72.38 49.71 -44.45
C THR B 51 -71.66 48.81 -45.45
N LEU B 52 -72.28 47.67 -45.74
CA LEU B 52 -71.74 46.79 -46.78
C LEU B 52 -71.60 47.54 -48.11
N LYS B 53 -72.65 48.27 -48.50
CA LYS B 53 -72.62 49.00 -49.76
C LYS B 53 -71.46 50.00 -49.78
N GLU B 54 -71.25 50.72 -48.67
CA GLU B 54 -70.17 51.70 -48.63
C GLU B 54 -68.80 51.04 -48.75
N ALA B 55 -68.57 49.93 -48.04
CA ALA B 55 -67.29 49.24 -48.16
C ALA B 55 -67.10 48.69 -49.56
N GLN B 56 -68.16 48.12 -50.14
CA GLN B 56 -68.03 47.54 -51.48
C GLN B 56 -67.74 48.61 -52.51
N GLU B 57 -68.44 49.75 -52.41
CA GLU B 57 -68.24 50.82 -53.38
C GLU B 57 -66.87 51.47 -53.21
N PHE B 58 -66.45 51.70 -51.97
CA PHE B 58 -65.18 52.35 -51.74
C PHE B 58 -64.02 51.52 -52.30
N TYR B 59 -64.11 50.20 -52.18
CA TYR B 59 -63.10 49.29 -52.68
C TYR B 59 -63.52 48.61 -53.97
N ALA B 60 -64.41 49.23 -54.75
CA ALA B 60 -64.91 48.59 -55.96
C ALA B 60 -63.78 48.21 -56.91
N VAL B 61 -62.66 48.91 -56.87
CA VAL B 61 -61.56 48.61 -57.78
C VAL B 61 -61.05 47.18 -57.60
N HIS B 62 -61.29 46.59 -56.44
CA HIS B 62 -60.84 45.24 -56.10
C HIS B 62 -61.92 44.18 -56.27
N LYS B 63 -63.08 44.54 -56.82
CA LYS B 63 -64.27 43.68 -56.75
C LYS B 63 -64.05 42.30 -57.34
N ASP B 64 -63.12 42.15 -58.29
CA ASP B 64 -62.89 40.85 -58.91
C ASP B 64 -61.72 40.10 -58.30
N ARG B 65 -61.24 40.52 -57.14
CA ARG B 65 -60.10 39.85 -56.56
C ARG B 65 -60.53 38.93 -55.43
N PRO B 66 -59.75 37.87 -55.15
CA PRO B 66 -60.16 36.92 -54.10
C PRO B 66 -60.33 37.54 -52.72
N PHE B 67 -59.52 38.54 -52.39
CA PHE B 67 -59.54 39.09 -51.03
C PHE B 67 -60.69 40.04 -50.80
N TYR B 68 -61.47 40.35 -51.85
CA TYR B 68 -62.47 41.40 -51.78
C TYR B 68 -63.54 41.09 -50.72
N ALA B 69 -64.13 39.89 -50.78
CA ALA B 69 -65.18 39.57 -49.82
C ALA B 69 -64.68 39.71 -48.39
N GLY B 70 -63.46 39.22 -48.13
CA GLY B 70 -62.93 39.31 -46.79
C GLY B 70 -62.64 40.75 -46.38
N LEU B 71 -62.21 41.57 -47.33
CA LEU B 71 -61.91 42.97 -47.05
C LEU B 71 -63.18 43.73 -46.68
N VAL B 72 -64.28 43.48 -47.40
CA VAL B 72 -65.55 44.15 -47.09
C VAL B 72 -66.05 43.70 -45.72
N GLU B 73 -65.93 42.41 -45.41
CA GLU B 73 -66.32 41.90 -44.10
C GLU B 73 -65.50 42.55 -43.00
N PHE B 74 -64.18 42.63 -43.20
CA PHE B 74 -63.31 43.31 -42.24
C PHE B 74 -63.73 44.76 -42.05
N MET B 75 -63.91 45.49 -43.15
CA MET B 75 -64.13 46.93 -43.03
C MET B 75 -65.52 47.29 -42.53
N THR B 76 -66.47 46.37 -42.54
CA THR B 76 -67.78 46.61 -41.94
C THR B 76 -67.93 45.93 -40.57
N GLY B 77 -66.89 45.27 -40.09
CA GLY B 77 -67.00 44.50 -38.86
C GLY B 77 -66.97 45.31 -37.58
N GLY B 78 -66.59 46.58 -37.67
CA GLY B 78 -66.55 47.48 -36.55
C GLY B 78 -66.38 48.89 -37.05
N PRO B 79 -66.45 49.88 -36.15
CA PRO B 79 -66.33 51.28 -36.58
C PRO B 79 -64.93 51.63 -37.08
N VAL B 80 -64.89 52.65 -37.93
CA VAL B 80 -63.64 53.20 -38.45
C VAL B 80 -63.57 54.67 -38.08
N MET B 81 -62.35 55.20 -38.11
CA MET B 81 -62.10 56.62 -37.92
C MET B 81 -61.59 57.17 -39.25
N ILE B 82 -62.29 58.15 -39.80
CA ILE B 82 -61.98 58.70 -41.12
C ILE B 82 -61.57 60.15 -40.95
N GLN B 83 -60.46 60.54 -41.58
CA GLN B 83 -60.04 61.92 -41.49
C GLN B 83 -59.39 62.35 -42.80
N VAL B 84 -59.47 63.65 -43.06
CA VAL B 84 -58.71 64.28 -44.14
C VAL B 84 -57.46 64.87 -43.54
N LEU B 85 -56.30 64.52 -44.11
CA LEU B 85 -55.01 65.05 -43.68
C LEU B 85 -54.54 66.06 -44.70
N GLU B 86 -54.04 67.21 -44.22
CA GLU B 86 -53.55 68.28 -45.07
C GLU B 86 -52.08 68.58 -44.77
N GLY B 87 -51.31 68.83 -45.83
CA GLY B 87 -49.91 69.16 -45.68
C GLY B 87 -49.17 68.96 -47.00
N GLU B 88 -47.89 69.35 -46.98
CA GLU B 88 -47.03 69.16 -48.15
C GLU B 88 -46.89 67.69 -48.48
N ASN B 89 -47.06 67.34 -49.77
CA ASN B 89 -46.88 65.97 -50.24
C ASN B 89 -47.75 64.99 -49.47
N ALA B 90 -48.96 65.43 -49.09
CA ALA B 90 -49.75 64.71 -48.10
C ALA B 90 -50.10 63.30 -48.58
N VAL B 91 -50.36 63.14 -49.88
CA VAL B 91 -50.74 61.83 -50.39
C VAL B 91 -49.61 60.82 -50.17
N LEU B 92 -48.41 61.16 -50.65
CA LEU B 92 -47.31 60.21 -50.51
C LEU B 92 -46.76 60.18 -49.09
N LYS B 93 -46.85 61.29 -48.36
CA LYS B 93 -46.35 61.28 -46.99
C LYS B 93 -47.23 60.43 -46.08
N ASN B 94 -48.55 60.46 -46.31
CA ASN B 94 -49.45 59.56 -45.60
C ASN B 94 -49.06 58.10 -45.83
N ARG B 95 -48.81 57.74 -47.09
CA ARG B 95 -48.48 56.35 -47.40
C ARG B 95 -47.14 55.95 -46.84
N GLU B 96 -46.18 56.89 -46.78
CA GLU B 96 -44.89 56.61 -46.16
CA GLU B 96 -44.89 56.61 -46.16
C GLU B 96 -45.05 56.32 -44.68
N LEU B 97 -45.85 57.13 -43.98
CA LEU B 97 -46.08 56.93 -42.55
C LEU B 97 -46.87 55.66 -42.28
N MET B 98 -47.76 55.28 -43.21
CA MET B 98 -48.50 54.03 -43.08
C MET B 98 -47.57 52.83 -43.14
N GLY B 99 -46.65 52.81 -44.10
CA GLY B 99 -45.77 51.69 -44.30
C GLY B 99 -46.35 50.65 -45.24
N ALA B 100 -45.51 49.69 -45.60
CA ALA B 100 -45.93 48.60 -46.47
C ALA B 100 -47.02 47.78 -45.79
N THR B 101 -47.87 47.15 -46.61
CA THR B 101 -49.03 46.44 -46.05
C THR B 101 -48.59 45.24 -45.22
N ASN B 102 -47.53 44.55 -45.63
CA ASN B 102 -47.05 43.43 -44.84
C ASN B 102 -46.34 43.95 -43.59
N PRO B 103 -46.88 43.70 -42.39
CA PRO B 103 -46.26 44.26 -41.17
C PRO B 103 -44.82 43.81 -40.97
N THR B 104 -44.47 42.62 -41.44
CA THR B 104 -43.08 42.18 -41.35
C THR B 104 -42.16 43.07 -42.17
N GLU B 105 -42.64 43.61 -43.29
CA GLU B 105 -41.82 44.41 -44.18
C GLU B 105 -41.92 45.92 -43.94
N ALA B 106 -42.96 46.36 -43.25
CA ALA B 106 -43.11 47.78 -42.96
C ALA B 106 -41.89 48.32 -42.21
N ALA B 107 -41.42 49.49 -42.63
CA ALA B 107 -40.24 50.09 -42.03
C ALA B 107 -40.48 50.42 -40.57
N GLU B 108 -39.41 50.39 -39.78
CA GLU B 108 -39.51 50.72 -38.36
C GLU B 108 -40.12 52.10 -38.19
N GLY B 109 -41.05 52.22 -37.26
CA GLY B 109 -41.69 53.50 -36.97
C GLY B 109 -42.92 53.80 -37.79
N THR B 110 -43.28 52.94 -38.74
CA THR B 110 -44.51 53.16 -39.48
C THR B 110 -45.71 52.65 -38.70
N ILE B 111 -46.89 53.10 -39.12
CA ILE B 111 -48.13 52.72 -38.47
C ILE B 111 -48.33 51.22 -38.55
N ARG B 112 -48.04 50.62 -39.71
CA ARG B 112 -48.28 49.19 -39.84
C ARG B 112 -47.23 48.39 -39.07
N ALA B 113 -45.98 48.85 -39.06
CA ALA B 113 -44.99 48.19 -38.22
C ALA B 113 -45.47 48.10 -36.78
N ASP B 114 -46.15 49.14 -36.30
CA ASP B 114 -46.52 49.19 -34.89
C ASP B 114 -47.87 48.55 -34.60
N PHE B 115 -48.83 48.60 -35.53
CA PHE B 115 -50.21 48.28 -35.20
C PHE B 115 -50.90 47.31 -36.15
N ALA B 116 -50.29 46.94 -37.27
CA ALA B 116 -50.92 46.00 -38.19
C ALA B 116 -50.74 44.56 -37.72
N THR B 117 -51.79 43.77 -37.89
CA THR B 117 -51.79 42.34 -37.57
C THR B 117 -51.31 41.47 -38.73
N SER B 118 -51.75 41.76 -39.95
CA SER B 118 -51.36 40.97 -41.10
C SER B 118 -51.48 41.84 -42.34
N VAL B 119 -51.04 41.29 -43.47
CA VAL B 119 -51.09 42.05 -44.72
C VAL B 119 -52.53 42.45 -45.06
N SER B 120 -53.52 41.69 -44.58
CA SER B 120 -54.93 42.03 -44.79
CA SER B 120 -54.91 42.07 -44.80
C SER B 120 -55.50 42.85 -43.64
N ILE B 121 -55.12 42.51 -42.40
CA ILE B 121 -55.60 43.23 -41.23
C ILE B 121 -54.56 44.28 -40.90
N ASN B 122 -54.56 45.40 -41.61
CA ASN B 122 -53.37 46.24 -41.70
C ASN B 122 -53.59 47.67 -41.23
N ALA B 123 -54.59 47.90 -40.37
CA ALA B 123 -54.70 49.08 -39.51
C ALA B 123 -55.14 50.37 -40.19
N VAL B 124 -54.69 50.62 -41.43
CA VAL B 124 -54.94 51.92 -42.06
C VAL B 124 -55.14 51.77 -43.56
N HIS B 125 -55.89 52.70 -44.12
CA HIS B 125 -55.96 52.97 -45.55
C HIS B 125 -55.52 54.42 -45.78
N GLY B 126 -54.92 54.67 -46.93
CA GLY B 126 -54.68 56.03 -47.37
C GLY B 126 -54.83 56.10 -48.86
N SER B 127 -55.30 57.26 -49.34
CA SER B 127 -55.40 57.47 -50.78
C SER B 127 -54.04 57.28 -51.44
N ASP B 128 -54.05 56.73 -52.65
CA ASP B 128 -52.80 56.34 -53.31
C ASP B 128 -52.37 57.27 -54.43
N SER B 129 -53.11 58.35 -54.71
CA SER B 129 -52.76 59.31 -55.73
C SER B 129 -53.60 60.56 -55.53
N VAL B 130 -53.18 61.65 -56.19
CA VAL B 130 -53.92 62.91 -56.09
C VAL B 130 -55.35 62.74 -56.57
N GLU B 131 -55.54 62.08 -57.71
N GLU B 131 -55.53 62.06 -57.70
CA GLU B 131 -56.89 61.84 -58.22
CA GLU B 131 -56.86 61.81 -58.24
C GLU B 131 -57.70 61.00 -57.24
C GLU B 131 -57.69 60.97 -57.29
N ASN B 132 -57.10 59.91 -56.76
CA ASN B 132 -57.81 59.04 -55.83
C ASN B 132 -58.13 59.76 -54.52
N ALA B 133 -57.28 60.67 -54.07
CA ALA B 133 -57.58 61.40 -52.83
C ALA B 133 -58.83 62.26 -53.01
N ALA B 134 -58.95 62.92 -54.16
CA ALA B 134 -60.13 63.76 -54.37
C ALA B 134 -61.40 62.91 -54.36
N LEU B 135 -61.37 61.76 -55.05
CA LEU B 135 -62.55 60.90 -55.09
C LEU B 135 -62.90 60.36 -53.71
N GLU B 136 -61.88 59.93 -52.95
CA GLU B 136 -62.15 59.30 -51.66
C GLU B 136 -62.64 60.31 -50.64
N ILE B 137 -62.05 61.51 -50.64
CA ILE B 137 -62.52 62.58 -49.75
C ILE B 137 -63.97 62.90 -50.06
N ALA B 138 -64.28 63.11 -51.34
CA ALA B 138 -65.65 63.41 -51.72
C ALA B 138 -66.60 62.26 -51.42
N TYR B 139 -66.09 61.02 -51.35
CA TYR B 139 -66.96 59.90 -51.04
C TYR B 139 -67.51 60.00 -49.63
N PHE B 140 -66.64 60.35 -48.66
CA PHE B 140 -67.03 60.36 -47.25
C PHE B 140 -67.35 61.75 -46.71
N PHE B 141 -66.88 62.83 -47.34
CA PHE B 141 -67.08 64.17 -46.84
C PHE B 141 -67.71 65.09 -47.88
N SER B 142 -68.53 66.00 -47.41
CA SER B 142 -68.82 67.21 -48.18
C SER B 142 -67.72 68.22 -47.95
N GLN B 143 -67.54 69.13 -48.91
CA GLN B 143 -66.56 70.20 -48.71
C GLN B 143 -66.84 71.00 -47.44
N THR B 144 -68.12 71.15 -47.06
CA THR B 144 -68.45 71.91 -45.88
C THR B 144 -68.05 71.22 -44.58
N GLU B 145 -67.66 69.94 -44.64
CA GLU B 145 -67.17 69.23 -43.46
C GLU B 145 -65.67 69.42 -43.24
N ILE B 146 -64.97 70.02 -44.19
CA ILE B 146 -63.55 70.32 -44.03
C ILE B 146 -63.41 71.66 -43.32
N CYS B 147 -62.56 71.70 -42.31
CA CYS B 147 -62.42 72.85 -41.42
C CYS B 147 -61.04 73.47 -41.58
N PRO B 148 -60.91 74.55 -42.34
CA PRO B 148 -59.62 75.25 -42.42
C PRO B 148 -59.25 75.88 -41.08
N ARG B 149 -57.96 75.92 -40.81
CA ARG B 149 -57.45 76.38 -39.52
C ARG B 149 -57.50 77.91 -39.39
N ILE C 11 -43.53 54.11 -20.24
CA ILE C 11 -44.17 52.81 -20.44
C ILE C 11 -43.40 51.76 -19.65
N GLU C 12 -44.03 51.26 -18.62
CA GLU C 12 -43.40 50.31 -17.74
C GLU C 12 -44.02 48.95 -17.94
N ARG C 13 -43.35 47.96 -17.36
CA ARG C 13 -43.92 46.64 -17.16
C ARG C 13 -43.87 46.32 -15.69
N THR C 14 -44.91 45.68 -15.19
CA THR C 14 -44.95 45.29 -13.80
C THR C 14 -45.50 43.87 -13.73
N ILE C 15 -45.24 43.19 -12.62
CA ILE C 15 -45.78 41.85 -12.45
C ILE C 15 -47.09 41.93 -11.67
N SER C 16 -48.01 41.05 -12.02
CA SER C 16 -49.23 40.81 -11.26
C SER C 16 -49.31 39.31 -10.97
N ILE C 17 -49.69 38.96 -9.75
CA ILE C 17 -50.01 37.58 -9.41
C ILE C 17 -51.44 37.55 -8.88
N ILE C 18 -52.27 36.72 -9.49
CA ILE C 18 -53.58 36.41 -8.96
C ILE C 18 -53.40 35.19 -8.05
N LYS C 19 -53.69 35.39 -6.78
CA LYS C 19 -53.28 34.44 -5.76
C LYS C 19 -54.25 33.25 -5.75
N PRO C 20 -53.94 32.18 -4.99
CA PRO C 20 -54.76 30.96 -5.09
C PRO C 20 -56.21 31.15 -4.65
N ASP C 21 -56.48 32.11 -3.77
CA ASP C 21 -57.86 32.37 -3.36
C ASP C 21 -58.69 32.86 -4.55
N ALA C 22 -58.15 33.81 -5.31
CA ALA C 22 -58.91 34.37 -6.43
C ALA C 22 -58.96 33.40 -7.61
N VAL C 23 -57.90 32.60 -7.82
CA VAL C 23 -57.99 31.54 -8.83
C VAL C 23 -59.08 30.56 -8.46
N GLY C 24 -59.10 30.11 -7.19
CA GLY C 24 -60.10 29.15 -6.76
C GLY C 24 -61.50 29.73 -6.80
N LYS C 25 -61.62 31.04 -6.69
CA LYS C 25 -62.91 31.70 -6.86
C LYS C 25 -63.32 31.83 -8.33
N ASN C 26 -62.42 31.50 -9.25
CA ASN C 26 -62.68 31.63 -10.69
C ASN C 26 -63.06 33.07 -11.04
N VAL C 27 -62.27 34.03 -10.56
CA VAL C 27 -62.47 35.42 -10.92
C VAL C 27 -61.22 35.96 -11.64
N ILE C 28 -60.48 35.08 -12.29
CA ILE C 28 -59.33 35.52 -13.09
C ILE C 28 -59.77 36.54 -14.14
N GLY C 29 -60.85 36.24 -14.86
CA GLY C 29 -61.30 37.16 -15.90
C GLY C 29 -61.69 38.52 -15.37
N LYS C 30 -62.43 38.56 -14.25
CA LYS C 30 -62.82 39.85 -13.68
C LYS C 30 -61.61 40.69 -13.33
N ILE C 31 -60.57 40.08 -12.75
CA ILE C 31 -59.38 40.83 -12.36
C ILE C 31 -58.61 41.27 -13.62
N TYR C 32 -58.48 40.38 -14.60
CA TYR C 32 -57.90 40.79 -15.89
C TYR C 32 -58.60 42.03 -16.45
N SER C 33 -59.93 42.07 -16.37
CA SER C 33 -60.64 43.20 -16.97
C SER C 33 -60.37 44.50 -16.22
N ARG C 34 -60.07 44.44 -14.93
CA ARG C 34 -59.66 45.65 -14.22
C ARG C 34 -58.41 46.25 -14.85
N PHE C 35 -57.40 45.40 -15.12
CA PHE C 35 -56.20 45.89 -15.81
C PHE C 35 -56.54 46.41 -17.20
N GLU C 36 -57.22 45.58 -18.01
CA GLU C 36 -57.43 45.92 -19.42
C GLU C 36 -58.32 47.14 -19.59
N GLU C 37 -59.36 47.24 -18.78
CA GLU C 37 -60.27 48.39 -18.88
C GLU C 37 -59.67 49.66 -18.29
N ASN C 38 -58.46 49.61 -17.75
CA ASN C 38 -57.79 50.81 -17.30
C ASN C 38 -56.48 51.06 -18.05
N GLY C 39 -56.35 50.50 -19.25
CA GLY C 39 -55.28 50.85 -20.16
C GLY C 39 -54.04 49.99 -20.10
N LEU C 40 -54.00 49.02 -19.19
CA LEU C 40 -52.87 48.09 -19.11
C LEU C 40 -53.11 46.92 -20.06
N LYS C 41 -52.01 46.40 -20.62
CA LYS C 41 -52.05 45.31 -21.58
C LYS C 41 -51.28 44.11 -21.04
N ILE C 42 -51.88 42.93 -21.14
CA ILE C 42 -51.19 41.71 -20.71
C ILE C 42 -50.22 41.30 -21.81
N VAL C 43 -48.93 41.28 -21.46
CA VAL C 43 -47.91 40.96 -22.46
C VAL C 43 -47.16 39.68 -22.15
N ALA C 44 -47.49 39.03 -21.02
CA ALA C 44 -46.98 37.70 -20.71
C ALA C 44 -47.93 37.11 -19.67
N ALA C 45 -48.14 35.80 -19.72
CA ALA C 45 -49.06 35.19 -18.76
C ALA C 45 -48.83 33.69 -18.68
N LYS C 46 -48.98 33.14 -17.47
CA LYS C 46 -49.02 31.70 -17.34
CA LYS C 46 -48.90 31.69 -17.28
C LYS C 46 -49.62 31.32 -16.00
N MET C 47 -50.28 30.17 -16.01
CA MET C 47 -50.76 29.57 -14.78
C MET C 47 -49.68 28.64 -14.25
N LYS C 48 -49.48 28.67 -12.93
CA LYS C 48 -48.35 27.96 -12.34
C LYS C 48 -48.72 27.54 -10.92
N GLN C 49 -48.21 26.37 -10.52
CA GLN C 49 -48.27 25.93 -9.13
C GLN C 49 -46.91 26.25 -8.51
N LEU C 50 -46.89 27.19 -7.58
CA LEU C 50 -45.62 27.60 -7.00
C LEU C 50 -45.10 26.53 -6.07
N THR C 51 -43.79 26.30 -6.11
CA THR C 51 -43.17 25.43 -5.13
C THR C 51 -42.97 26.19 -3.82
N LEU C 52 -42.74 25.44 -2.75
CA LEU C 52 -42.35 26.06 -1.48
C LEU C 52 -41.17 27.00 -1.67
N LYS C 53 -40.11 26.54 -2.35
CA LYS C 53 -38.92 27.35 -2.51
C LYS C 53 -39.19 28.61 -3.32
N GLU C 54 -40.05 28.51 -4.34
CA GLU C 54 -40.39 29.68 -5.16
C GLU C 54 -41.12 30.73 -4.35
N ALA C 55 -42.10 30.32 -3.56
CA ALA C 55 -42.82 31.28 -2.72
C ALA C 55 -41.89 31.89 -1.67
N GLN C 56 -41.01 31.07 -1.09
CA GLN C 56 -40.04 31.57 -0.11
C GLN C 56 -39.08 32.58 -0.73
N GLU C 57 -38.56 32.27 -1.92
CA GLU C 57 -37.63 33.19 -2.57
C GLU C 57 -38.33 34.45 -3.03
N PHE C 58 -39.49 34.31 -3.66
CA PHE C 58 -40.17 35.48 -4.20
C PHE C 58 -40.51 36.47 -3.09
N TYR C 59 -40.83 35.96 -1.91
CA TYR C 59 -41.18 36.82 -0.78
C TYR C 59 -40.06 36.90 0.26
N ALA C 60 -38.81 36.69 -0.16
CA ALA C 60 -37.70 36.65 0.79
C ALA C 60 -37.57 37.93 1.60
N VAL C 61 -38.08 39.06 1.10
CA VAL C 61 -38.02 40.31 1.87
C VAL C 61 -38.75 40.16 3.21
N HIS C 62 -39.73 39.26 3.27
CA HIS C 62 -40.50 39.05 4.50
C HIS C 62 -40.02 37.86 5.33
N LYS C 63 -38.84 37.30 5.02
CA LYS C 63 -38.44 36.03 5.61
C LYS C 63 -38.31 36.08 7.12
N ASP C 64 -38.11 37.25 7.70
CA ASP C 64 -37.95 37.38 9.15
C ASP C 64 -39.21 37.86 9.85
N ARG C 65 -40.37 37.94 9.11
CA ARG C 65 -41.63 38.42 9.68
C ARG C 65 -42.46 37.24 10.20
N PRO C 66 -43.29 37.47 11.22
CA PRO C 66 -44.11 36.36 11.75
C PRO C 66 -45.12 35.81 10.75
N PHE C 67 -45.57 36.61 9.78
CA PHE C 67 -46.55 36.14 8.81
C PHE C 67 -45.94 35.39 7.64
N TYR C 68 -44.61 35.24 7.61
CA TYR C 68 -43.93 34.71 6.43
C TYR C 68 -44.35 33.26 6.15
N ALA C 69 -44.30 32.41 7.18
CA ALA C 69 -44.67 31.01 6.98
C ALA C 69 -46.11 30.88 6.48
N GLY C 70 -47.02 31.66 7.03
CA GLY C 70 -48.41 31.60 6.58
C GLY C 70 -48.57 32.08 5.15
N LEU C 71 -47.84 33.14 4.78
CA LEU C 71 -47.92 33.66 3.42
C LEU C 71 -47.40 32.64 2.41
N VAL C 72 -46.34 31.92 2.76
CA VAL C 72 -45.78 30.90 1.88
C VAL C 72 -46.75 29.72 1.74
N GLU C 73 -47.42 29.34 2.83
CA GLU C 73 -48.43 28.29 2.77
C GLU C 73 -49.60 28.72 1.90
N PHE C 74 -50.12 29.92 2.15
CA PHE C 74 -51.18 30.48 1.30
C PHE C 74 -50.79 30.43 -0.17
N MET C 75 -49.57 30.88 -0.47
CA MET C 75 -49.19 31.03 -1.87
C MET C 75 -48.85 29.72 -2.55
N THR C 76 -48.77 28.61 -1.81
CA THR C 76 -48.50 27.31 -2.41
C THR C 76 -49.67 26.35 -2.29
N GLY C 77 -50.79 26.80 -1.71
CA GLY C 77 -51.92 25.91 -1.47
C GLY C 77 -52.76 25.60 -2.69
N GLY C 78 -52.53 26.33 -3.77
CA GLY C 78 -53.21 26.10 -5.02
C GLY C 78 -52.53 26.92 -6.10
N PRO C 79 -52.95 26.75 -7.35
CA PRO C 79 -52.29 27.45 -8.46
C PRO C 79 -52.58 28.96 -8.46
N VAL C 80 -51.66 29.68 -9.11
CA VAL C 80 -51.74 31.13 -9.30
C VAL C 80 -51.75 31.44 -10.79
N MET C 81 -52.14 32.67 -11.10
CA MET C 81 -52.09 33.20 -12.46
C MET C 81 -51.13 34.38 -12.42
N ILE C 82 -50.04 34.28 -13.17
CA ILE C 82 -48.98 35.30 -13.18
C ILE C 82 -48.98 35.99 -14.53
N GLN C 83 -48.89 37.32 -14.53
CA GLN C 83 -48.86 38.02 -15.81
C GLN C 83 -48.03 39.30 -15.69
N VAL C 84 -47.46 39.70 -16.84
CA VAL C 84 -46.78 40.98 -16.97
C VAL C 84 -47.76 41.97 -17.57
N LEU C 85 -47.93 43.11 -16.92
CA LEU C 85 -48.81 44.17 -17.40
C LEU C 85 -47.97 45.31 -17.94
N GLU C 86 -48.32 45.79 -19.13
CA GLU C 86 -47.54 46.83 -19.78
C GLU C 86 -48.40 48.08 -19.96
N GLY C 87 -47.80 49.24 -19.72
CA GLY C 87 -48.47 50.50 -19.99
C GLY C 87 -47.78 51.64 -19.28
N GLU C 88 -48.18 52.85 -19.67
CA GLU C 88 -47.72 54.05 -18.98
C GLU C 88 -48.04 53.98 -17.51
N ASN C 89 -47.05 54.23 -16.67
CA ASN C 89 -47.22 54.26 -15.21
C ASN C 89 -47.74 52.92 -14.68
N ALA C 90 -47.34 51.82 -15.34
CA ALA C 90 -47.95 50.51 -15.05
C ALA C 90 -47.76 50.09 -13.59
N VAL C 91 -46.58 50.35 -13.01
CA VAL C 91 -46.34 49.90 -11.64
C VAL C 91 -47.36 50.51 -10.68
N LEU C 92 -47.50 51.84 -10.74
CA LEU C 92 -48.43 52.50 -9.81
C LEU C 92 -49.89 52.21 -10.17
N LYS C 93 -50.22 52.16 -11.47
CA LYS C 93 -51.61 51.91 -11.84
C LYS C 93 -52.06 50.54 -11.35
N ASN C 94 -51.21 49.53 -11.50
CA ASN C 94 -51.51 48.20 -10.97
C ASN C 94 -51.82 48.27 -9.47
N ARG C 95 -50.98 48.97 -8.71
CA ARG C 95 -51.21 49.05 -7.27
C ARG C 95 -52.49 49.80 -6.95
N GLU C 96 -52.83 50.83 -7.75
CA GLU C 96 -54.07 51.58 -7.52
C GLU C 96 -55.29 50.70 -7.78
N LEU C 97 -55.23 49.86 -8.83
CA LEU C 97 -56.33 48.95 -9.14
C LEU C 97 -56.46 47.83 -8.12
N MET C 98 -55.33 47.36 -7.58
CA MET C 98 -55.38 46.35 -6.52
CA MET C 98 -55.38 46.35 -6.52
C MET C 98 -56.05 46.90 -5.26
N GLY C 99 -55.70 48.12 -4.87
CA GLY C 99 -56.21 48.71 -3.64
C GLY C 99 -55.38 48.28 -2.44
N ALA C 100 -55.69 48.88 -1.30
CA ALA C 100 -54.96 48.58 -0.08
C ALA C 100 -55.10 47.11 0.28
N THR C 101 -54.09 46.59 0.97
CA THR C 101 -54.10 45.16 1.32
CA THR C 101 -54.09 45.18 1.34
C THR C 101 -55.34 44.81 2.14
N ASN C 102 -55.75 45.67 3.05
CA ASN C 102 -56.91 45.41 3.90
C ASN C 102 -58.18 45.81 3.16
N PRO C 103 -59.08 44.87 2.86
CA PRO C 103 -60.25 45.22 2.04
C PRO C 103 -61.18 46.23 2.69
N THR C 104 -61.17 46.37 4.02
CA THR C 104 -61.96 47.43 4.64
C THR C 104 -61.33 48.80 4.43
N GLU C 105 -60.04 48.87 4.09
CA GLU C 105 -59.41 50.14 3.74
C GLU C 105 -59.31 50.37 2.25
N ALA C 106 -59.44 49.33 1.44
CA ALA C 106 -59.30 49.48 0.00
C ALA C 106 -60.42 50.34 -0.56
N ALA C 107 -60.08 51.17 -1.54
CA ALA C 107 -61.07 52.04 -2.16
C ALA C 107 -62.11 51.22 -2.91
N GLU C 108 -63.33 51.75 -2.96
CA GLU C 108 -64.40 51.05 -3.68
C GLU C 108 -63.96 50.80 -5.12
N GLY C 109 -64.34 49.65 -5.65
CA GLY C 109 -64.04 49.30 -7.03
C GLY C 109 -62.68 48.67 -7.26
N THR C 110 -61.84 48.54 -6.23
CA THR C 110 -60.54 47.91 -6.40
C THR C 110 -60.64 46.39 -6.28
N ILE C 111 -59.55 45.71 -6.63
CA ILE C 111 -59.53 44.25 -6.62
C ILE C 111 -59.67 43.71 -5.20
N ARG C 112 -58.98 44.32 -4.23
CA ARG C 112 -59.11 43.87 -2.84
C ARG C 112 -60.54 44.09 -2.33
N ALA C 113 -61.10 45.26 -2.59
CA ALA C 113 -62.46 45.52 -2.09
C ALA C 113 -63.43 44.45 -2.59
N ASP C 114 -63.27 44.04 -3.85
CA ASP C 114 -64.22 43.12 -4.45
C ASP C 114 -63.91 41.65 -4.20
N PHE C 115 -62.63 41.28 -4.09
CA PHE C 115 -62.27 39.86 -4.12
C PHE C 115 -61.43 39.38 -2.95
N ALA C 116 -60.90 40.27 -2.11
CA ALA C 116 -60.14 39.83 -0.94
C ALA C 116 -61.06 39.31 0.15
N THR C 117 -60.67 38.18 0.74
CA THR C 117 -61.38 37.64 1.89
C THR C 117 -60.95 38.30 3.19
N SER C 118 -59.70 38.73 3.28
CA SER C 118 -59.17 39.36 4.48
C SER C 118 -57.88 40.06 4.10
N VAL C 119 -57.23 40.68 5.10
CA VAL C 119 -56.01 41.43 4.80
C VAL C 119 -54.88 40.50 4.34
N SER C 120 -54.87 39.24 4.78
CA SER C 120 -53.84 38.32 4.31
C SER C 120 -54.29 37.52 3.10
N ILE C 121 -55.56 37.15 3.04
CA ILE C 121 -56.10 36.38 1.94
C ILE C 121 -56.66 37.38 0.94
N ASN C 122 -55.78 38.01 0.16
CA ASN C 122 -56.12 39.30 -0.44
C ASN C 122 -56.00 39.31 -1.96
N ALA C 123 -56.09 38.14 -2.62
CA ALA C 123 -56.39 37.99 -4.04
C ALA C 123 -55.26 38.29 -5.02
N VAL C 124 -54.40 39.27 -4.74
CA VAL C 124 -53.44 39.72 -5.75
C VAL C 124 -52.16 40.22 -5.11
N HIS C 125 -51.09 40.18 -5.91
CA HIS C 125 -49.83 40.84 -5.64
C HIS C 125 -49.51 41.72 -6.84
N GLY C 126 -48.77 42.80 -6.59
CA GLY C 126 -48.22 43.58 -7.68
C GLY C 126 -46.88 44.15 -7.24
N SER C 127 -45.96 44.30 -8.21
CA SER C 127 -44.67 44.89 -7.92
C SER C 127 -44.83 46.28 -7.31
N ASP C 128 -43.94 46.64 -6.39
CA ASP C 128 -44.08 47.88 -5.66
C ASP C 128 -43.16 49.00 -6.15
N SER C 129 -42.29 48.73 -7.12
CA SER C 129 -41.44 49.76 -7.69
C SER C 129 -40.95 49.27 -9.05
N VAL C 130 -40.39 50.19 -9.82
CA VAL C 130 -39.82 49.84 -11.12
C VAL C 130 -38.63 48.88 -10.95
N GLU C 131 -37.77 49.14 -9.96
CA GLU C 131 -36.64 48.25 -9.73
C GLU C 131 -37.12 46.87 -9.31
N ASN C 132 -38.14 46.81 -8.46
CA ASN C 132 -38.67 45.52 -8.02
CA ASN C 132 -38.66 45.52 -8.02
C ASN C 132 -39.46 44.83 -9.12
N ALA C 133 -40.15 45.59 -9.97
CA ALA C 133 -40.84 44.99 -11.11
C ALA C 133 -39.86 44.23 -11.99
N ALA C 134 -38.70 44.83 -12.30
CA ALA C 134 -37.74 44.16 -13.16
C ALA C 134 -37.29 42.83 -12.57
N LEU C 135 -37.03 42.81 -11.25
CA LEU C 135 -36.59 41.58 -10.58
C LEU C 135 -37.70 40.53 -10.56
N GLU C 136 -38.94 40.94 -10.27
CA GLU C 136 -40.02 39.98 -10.17
C GLU C 136 -40.37 39.40 -11.54
N ILE C 137 -40.36 40.23 -12.58
CA ILE C 137 -40.62 39.73 -13.93
C ILE C 137 -39.57 38.69 -14.31
N ALA C 138 -38.31 39.02 -14.02
CA ALA C 138 -37.21 38.12 -14.37
C ALA C 138 -37.23 36.84 -13.52
N TYR C 139 -37.82 36.90 -12.33
CA TYR C 139 -37.94 35.71 -11.51
C TYR C 139 -38.79 34.66 -12.20
N PHE C 140 -39.92 35.07 -12.78
CA PHE C 140 -40.92 34.15 -13.30
C PHE C 140 -40.91 34.01 -14.81
N PHE C 141 -40.34 34.96 -15.55
CA PHE C 141 -40.38 34.97 -17.01
C PHE C 141 -39.00 35.17 -17.61
N SER C 142 -38.71 34.47 -18.70
CA SER C 142 -37.62 34.89 -19.57
C SER C 142 -38.10 36.07 -20.41
N GLN C 143 -37.16 36.85 -20.95
CA GLN C 143 -37.60 37.92 -21.85
C GLN C 143 -38.29 37.35 -23.08
N THR C 144 -37.88 36.15 -23.52
CA THR C 144 -38.50 35.52 -24.68
C THR C 144 -39.96 35.13 -24.43
N GLU C 145 -40.40 35.05 -23.18
CA GLU C 145 -41.81 34.80 -22.92
C GLU C 145 -42.65 36.05 -22.99
N ILE C 146 -42.05 37.23 -23.02
CA ILE C 146 -42.82 38.46 -23.16
C ILE C 146 -43.15 38.64 -24.62
N CYS C 147 -44.42 38.98 -24.90
CA CYS C 147 -44.93 39.10 -26.26
C CYS C 147 -45.32 40.55 -26.52
N PRO C 148 -44.41 41.36 -27.06
CA PRO C 148 -44.77 42.75 -27.38
C PRO C 148 -45.94 42.82 -28.34
N ARG C 149 -46.74 43.86 -28.17
CA ARG C 149 -47.90 44.10 -29.03
C ARG C 149 -47.46 44.73 -30.34
N ALA D 10 -69.80 14.22 -17.85
CA ALA D 10 -68.40 13.86 -17.62
C ALA D 10 -67.52 15.12 -17.61
N ILE D 11 -66.49 15.11 -16.74
CA ILE D 11 -65.56 16.22 -16.66
C ILE D 11 -64.59 16.13 -17.81
N GLU D 12 -64.49 17.19 -18.60
CA GLU D 12 -63.63 17.19 -19.79
C GLU D 12 -62.62 18.33 -19.70
N ARG D 13 -61.62 18.23 -20.56
CA ARG D 13 -60.65 19.30 -20.77
C ARG D 13 -60.63 19.64 -22.24
N THR D 14 -60.65 20.92 -22.55
CA THR D 14 -60.64 21.37 -23.93
C THR D 14 -59.71 22.58 -24.01
N ILE D 15 -59.27 22.88 -25.23
CA ILE D 15 -58.38 24.00 -25.45
C ILE D 15 -59.21 25.18 -25.91
N SER D 16 -58.81 26.36 -25.46
CA SER D 16 -59.33 27.63 -25.94
C SER D 16 -58.14 28.46 -26.40
N ILE D 17 -58.29 29.13 -27.52
CA ILE D 17 -57.30 30.11 -27.96
C ILE D 17 -58.03 31.42 -28.13
N ILE D 18 -57.58 32.45 -27.42
CA ILE D 18 -58.02 33.81 -27.69
C ILE D 18 -57.09 34.39 -28.74
N LYS D 19 -57.63 34.69 -29.91
CA LYS D 19 -56.89 35.02 -31.11
C LYS D 19 -56.30 36.43 -31.02
N PRO D 20 -55.43 36.80 -31.97
CA PRO D 20 -54.72 38.09 -31.82
C PRO D 20 -55.62 39.30 -31.88
N ASP D 21 -56.77 39.20 -32.56
CA ASP D 21 -57.70 40.33 -32.57
C ASP D 21 -58.23 40.60 -31.17
N ALA D 22 -58.71 39.55 -30.50
CA ALA D 22 -59.27 39.74 -29.17
C ALA D 22 -58.19 40.07 -28.15
N VAL D 23 -56.99 39.53 -28.32
CA VAL D 23 -55.87 39.96 -27.48
C VAL D 23 -55.59 41.45 -27.70
N GLY D 24 -55.56 41.88 -28.97
CA GLY D 24 -55.31 43.29 -29.28
C GLY D 24 -56.41 44.22 -28.79
N LYS D 25 -57.64 43.72 -28.73
CA LYS D 25 -58.73 44.51 -28.15
C LYS D 25 -58.66 44.58 -26.63
N ASN D 26 -57.78 43.80 -26.00
CA ASN D 26 -57.68 43.72 -24.55
C ASN D 26 -59.02 43.32 -23.91
N VAL D 27 -59.57 42.22 -24.41
CA VAL D 27 -60.79 41.66 -23.82
C VAL D 27 -60.52 40.23 -23.36
N ILE D 28 -59.25 39.93 -23.03
CA ILE D 28 -58.93 38.61 -22.48
C ILE D 28 -59.79 38.33 -21.24
N GLY D 29 -59.90 39.32 -20.36
CA GLY D 29 -60.64 39.13 -19.11
C GLY D 29 -62.12 38.87 -19.35
N LYS D 30 -62.74 39.67 -20.23
CA LYS D 30 -64.14 39.45 -20.54
C LYS D 30 -64.38 38.03 -21.04
N ILE D 31 -63.48 37.52 -21.88
CA ILE D 31 -63.65 36.18 -22.40
C ILE D 31 -63.43 35.14 -21.31
N TYR D 32 -62.38 35.33 -20.49
CA TYR D 32 -62.17 34.43 -19.35
C TYR D 32 -63.41 34.35 -18.47
N SER D 33 -64.02 35.50 -18.18
CA SER D 33 -65.21 35.52 -17.33
C SER D 33 -66.36 34.74 -17.97
N ARG D 34 -66.48 34.77 -19.30
CA ARG D 34 -67.49 33.95 -19.97
CA ARG D 34 -67.49 33.95 -19.97
C ARG D 34 -67.29 32.47 -19.62
N PHE D 35 -66.04 32.01 -19.64
CA PHE D 35 -65.78 30.63 -19.24
C PHE D 35 -66.08 30.44 -17.76
N GLU D 36 -65.52 31.31 -16.91
CA GLU D 36 -65.58 31.08 -15.48
C GLU D 36 -66.99 31.17 -14.94
N GLU D 37 -67.83 31.99 -15.56
CA GLU D 37 -69.20 32.15 -15.08
C GLU D 37 -70.16 31.12 -15.65
N ASN D 38 -69.67 30.18 -16.45
CA ASN D 38 -70.48 29.15 -17.06
C ASN D 38 -69.88 27.77 -16.80
N GLY D 39 -69.27 27.59 -15.64
CA GLY D 39 -68.92 26.28 -15.15
C GLY D 39 -67.61 25.71 -15.66
N LEU D 40 -66.76 26.51 -16.31
CA LEU D 40 -65.45 26.07 -16.74
C LEU D 40 -64.37 26.74 -15.89
N LYS D 41 -63.30 26.01 -15.61
CA LYS D 41 -62.19 26.55 -14.84
C LYS D 41 -60.93 26.55 -15.70
N ILE D 42 -60.12 27.60 -15.55
CA ILE D 42 -58.81 27.69 -16.22
CA ILE D 42 -58.83 27.65 -16.24
C ILE D 42 -57.83 26.81 -15.44
N VAL D 43 -57.35 25.73 -16.07
CA VAL D 43 -56.40 24.83 -15.39
C VAL D 43 -55.00 24.85 -16.03
N ALA D 44 -54.85 25.46 -17.20
CA ALA D 44 -53.53 25.76 -17.76
C ALA D 44 -53.71 26.98 -18.66
N ALA D 45 -52.68 27.83 -18.70
CA ALA D 45 -52.81 29.04 -19.50
C ALA D 45 -51.44 29.59 -19.84
N LYS D 46 -51.29 30.13 -21.06
CA LYS D 46 -50.07 30.86 -21.35
C LYS D 46 -50.31 31.78 -22.53
N MET D 47 -49.63 32.92 -22.52
CA MET D 47 -49.61 33.81 -23.67
C MET D 47 -48.42 33.47 -24.56
N LYS D 48 -48.65 33.42 -25.88
CA LYS D 48 -47.63 32.90 -26.79
C LYS D 48 -47.71 33.65 -28.11
N GLN D 49 -46.55 33.85 -28.74
CA GLN D 49 -46.47 34.35 -30.11
C GLN D 49 -46.23 33.13 -30.99
N LEU D 50 -47.24 32.75 -31.77
CA LEU D 50 -47.13 31.55 -32.61
C LEU D 50 -46.18 31.80 -33.76
N THR D 51 -45.38 30.78 -34.11
CA THR D 51 -44.61 30.81 -35.35
C THR D 51 -45.49 30.40 -36.52
N LEU D 52 -45.00 30.70 -37.74
CA LEU D 52 -45.70 30.22 -38.93
CA LEU D 52 -45.68 30.22 -38.94
C LEU D 52 -45.89 28.72 -38.88
N LYS D 53 -44.83 27.98 -38.55
CA LYS D 53 -44.90 26.52 -38.50
C LYS D 53 -45.96 26.05 -37.51
N GLU D 54 -46.03 26.70 -36.35
CA GLU D 54 -47.00 26.31 -35.33
C GLU D 54 -48.43 26.52 -35.82
N ALA D 55 -48.71 27.69 -36.41
CA ALA D 55 -50.06 27.93 -36.93
C ALA D 55 -50.37 27.00 -38.09
N GLN D 56 -49.38 26.73 -38.94
CA GLN D 56 -49.59 25.83 -40.06
C GLN D 56 -49.93 24.43 -39.57
N GLU D 57 -49.17 23.91 -38.60
CA GLU D 57 -49.41 22.56 -38.11
C GLU D 57 -50.73 22.48 -37.34
N PHE D 58 -50.96 23.42 -36.43
CA PHE D 58 -52.19 23.39 -35.64
C PHE D 58 -53.42 23.36 -36.53
N TYR D 59 -53.37 24.04 -37.67
CA TYR D 59 -54.50 24.11 -38.59
C TYR D 59 -54.26 23.30 -39.86
N ALA D 60 -53.48 22.22 -39.75
CA ALA D 60 -53.15 21.42 -40.93
C ALA D 60 -54.38 20.86 -41.62
N VAL D 61 -55.49 20.69 -40.89
CA VAL D 61 -56.69 20.13 -41.49
C VAL D 61 -57.25 21.03 -42.60
N HIS D 62 -56.92 22.33 -42.56
CA HIS D 62 -57.40 23.30 -43.53
C HIS D 62 -56.36 23.64 -44.61
N LYS D 63 -55.26 22.89 -44.69
CA LYS D 63 -54.13 23.36 -45.49
C LYS D 63 -54.44 23.42 -46.98
N ASP D 64 -55.52 22.79 -47.44
CA ASP D 64 -55.91 22.81 -48.85
C ASP D 64 -57.03 23.80 -49.14
N ARG D 65 -57.46 24.53 -48.19
CA ARG D 65 -58.59 25.44 -48.26
CA ARG D 65 -58.59 25.44 -48.28
C ARG D 65 -58.11 26.85 -48.60
N PRO D 66 -58.93 27.62 -49.33
CA PRO D 66 -58.48 28.95 -49.79
C PRO D 66 -58.18 29.93 -48.66
N PHE D 67 -58.81 29.80 -47.49
CA PHE D 67 -58.58 30.74 -46.40
C PHE D 67 -57.34 30.40 -45.59
N TYR D 68 -56.62 29.33 -45.93
CA TYR D 68 -55.54 28.85 -45.08
C TYR D 68 -54.44 29.90 -44.91
N ALA D 69 -53.95 30.46 -46.01
CA ALA D 69 -52.85 31.41 -45.93
C ALA D 69 -53.21 32.61 -45.06
N GLY D 70 -54.42 33.15 -45.22
CA GLY D 70 -54.83 34.28 -44.40
C GLY D 70 -55.03 33.92 -42.95
N LEU D 71 -55.49 32.69 -42.69
CA LEU D 71 -55.64 32.23 -41.31
C LEU D 71 -54.30 32.17 -40.61
N VAL D 72 -53.29 31.61 -41.27
CA VAL D 72 -51.96 31.51 -40.68
C VAL D 72 -51.36 32.90 -40.47
N GLU D 73 -51.53 33.79 -41.45
CA GLU D 73 -51.06 35.16 -41.31
C GLU D 73 -51.75 35.87 -40.15
N PHE D 74 -53.06 35.67 -40.01
CA PHE D 74 -53.81 36.22 -38.88
C PHE D 74 -53.30 35.64 -37.56
N MET D 75 -53.19 34.32 -37.49
CA MET D 75 -52.86 33.71 -36.20
C MET D 75 -51.41 33.94 -35.78
N THR D 76 -50.56 34.41 -36.68
CA THR D 76 -49.18 34.74 -36.33
C THR D 76 -48.92 36.23 -36.29
N GLY D 77 -49.96 37.06 -36.44
CA GLY D 77 -49.73 38.48 -36.54
C GLY D 77 -49.64 39.21 -35.22
N GLY D 78 -49.97 38.52 -34.13
CA GLY D 78 -49.86 39.08 -32.81
C GLY D 78 -49.98 37.94 -31.83
N PRO D 79 -49.73 38.21 -30.54
CA PRO D 79 -49.79 37.13 -29.56
C PRO D 79 -51.22 36.64 -29.35
N VAL D 80 -51.30 35.38 -28.87
CA VAL D 80 -52.55 34.73 -28.53
C VAL D 80 -52.51 34.36 -27.05
N MET D 81 -53.69 34.14 -26.48
CA MET D 81 -53.80 33.64 -25.11
C MET D 81 -54.40 32.24 -25.19
N ILE D 82 -53.66 31.24 -24.71
CA ILE D 82 -54.03 29.84 -24.84
C ILE D 82 -54.31 29.28 -23.45
N GLN D 83 -55.44 28.58 -23.29
CA GLN D 83 -55.76 28.02 -21.99
C GLN D 83 -56.46 26.68 -22.14
N VAL D 84 -56.27 25.81 -21.15
CA VAL D 84 -57.04 24.59 -21.04
C VAL D 84 -58.23 24.87 -20.11
N LEU D 85 -59.43 24.55 -20.56
CA LEU D 85 -60.65 24.74 -19.78
C LEU D 85 -61.16 23.38 -19.31
N GLU D 86 -61.51 23.29 -18.03
CA GLU D 86 -61.96 22.05 -17.45
C GLU D 86 -63.37 22.21 -16.86
N GLY D 87 -64.22 21.23 -17.13
CA GLY D 87 -65.56 21.23 -16.56
C GLY D 87 -66.41 20.18 -17.23
N GLU D 88 -67.59 19.97 -16.66
CA GLU D 88 -68.56 19.07 -17.27
C GLU D 88 -68.89 19.54 -18.68
N ASN D 89 -68.86 18.59 -19.63
CA ASN D 89 -69.20 18.86 -21.02
C ASN D 89 -68.40 20.04 -21.58
N ALA D 90 -67.11 20.09 -21.22
CA ALA D 90 -66.31 21.28 -21.49
C ALA D 90 -66.12 21.52 -22.98
N VAL D 91 -65.98 20.45 -23.77
CA VAL D 91 -65.71 20.65 -25.20
C VAL D 91 -66.87 21.37 -25.86
N LEU D 92 -68.09 20.85 -25.68
CA LEU D 92 -69.26 21.48 -26.30
C LEU D 92 -69.59 22.82 -25.63
N LYS D 93 -69.47 22.91 -24.31
CA LYS D 93 -69.81 24.15 -23.62
C LYS D 93 -68.95 25.31 -24.09
N ASN D 94 -67.65 25.07 -24.28
CA ASN D 94 -66.75 26.06 -24.85
C ASN D 94 -67.28 26.55 -26.21
N ARG D 95 -67.66 25.60 -27.07
CA ARG D 95 -68.11 25.98 -28.41
C ARG D 95 -69.45 26.71 -28.36
N GLU D 96 -70.31 26.38 -27.39
CA GLU D 96 -71.56 27.14 -27.24
C GLU D 96 -71.28 28.56 -26.80
N LEU D 97 -70.34 28.75 -25.87
CA LEU D 97 -70.00 30.09 -25.41
C LEU D 97 -69.32 30.90 -26.50
N MET D 98 -68.54 30.26 -27.37
CA MET D 98 -67.89 30.98 -28.46
C MET D 98 -68.92 31.55 -29.42
N GLY D 99 -69.92 30.76 -29.78
CA GLY D 99 -70.89 31.16 -30.79
C GLY D 99 -70.42 30.78 -32.19
N ALA D 100 -71.35 30.89 -33.14
CA ALA D 100 -71.05 30.59 -34.52
C ALA D 100 -69.99 31.54 -35.07
N THR D 101 -69.24 31.07 -36.07
CA THR D 101 -68.10 31.85 -36.55
C THR D 101 -68.54 33.19 -37.12
N ASN D 102 -69.70 33.21 -37.80
CA ASN D 102 -70.27 34.42 -38.35
C ASN D 102 -70.88 35.28 -37.23
N PRO D 103 -70.31 36.46 -36.95
CA PRO D 103 -70.84 37.29 -35.86
C PRO D 103 -72.29 37.74 -36.06
N THR D 104 -72.84 37.59 -37.26
CA THR D 104 -74.25 37.90 -37.49
C THR D 104 -75.15 36.76 -37.02
N GLU D 105 -74.74 35.52 -37.25
CA GLU D 105 -75.52 34.36 -36.84
C GLU D 105 -75.16 33.88 -35.44
N ALA D 106 -74.14 34.47 -34.82
CA ALA D 106 -73.77 34.09 -33.46
C ALA D 106 -74.84 34.53 -32.48
N ALA D 107 -75.17 33.64 -31.54
CA ALA D 107 -76.24 33.92 -30.59
C ALA D 107 -75.84 35.08 -29.68
N GLU D 108 -76.85 35.78 -29.17
CA GLU D 108 -76.61 36.90 -28.28
C GLU D 108 -75.88 36.43 -27.02
N GLY D 109 -74.94 37.24 -26.55
CA GLY D 109 -74.16 36.90 -25.39
C GLY D 109 -73.03 35.92 -25.62
N THR D 110 -72.81 35.47 -26.85
CA THR D 110 -71.64 34.65 -27.14
C THR D 110 -70.40 35.53 -27.30
N ILE D 111 -69.23 34.90 -27.16
CA ILE D 111 -67.98 35.63 -27.33
C ILE D 111 -67.92 36.28 -28.71
N ARG D 112 -68.31 35.54 -29.76
CA ARG D 112 -68.20 36.10 -31.11
C ARG D 112 -69.22 37.19 -31.37
N ALA D 113 -70.43 37.07 -30.80
CA ALA D 113 -71.38 38.17 -30.93
C ALA D 113 -70.80 39.45 -30.36
N ASP D 114 -70.00 39.36 -29.30
CA ASP D 114 -69.51 40.55 -28.64
C ASP D 114 -68.17 41.04 -29.18
N PHE D 115 -67.27 40.14 -29.58
CA PHE D 115 -65.90 40.55 -29.85
C PHE D 115 -65.36 40.16 -31.22
N ALA D 116 -66.09 39.40 -32.03
CA ALA D 116 -65.57 39.02 -33.34
C ALA D 116 -65.80 40.15 -34.34
N THR D 117 -64.83 40.35 -35.22
CA THR D 117 -64.91 41.38 -36.25
C THR D 117 -65.56 40.84 -37.52
N SER D 118 -65.27 39.59 -37.88
CA SER D 118 -65.82 39.02 -39.10
C SER D 118 -65.81 37.50 -38.94
N VAL D 119 -66.32 36.82 -39.98
CA VAL D 119 -66.35 35.36 -39.96
C VAL D 119 -64.94 34.78 -39.82
N SER D 120 -63.94 35.45 -40.38
CA SER D 120 -62.57 34.99 -40.27
CA SER D 120 -62.57 34.96 -40.24
C SER D 120 -61.82 35.62 -39.10
N ILE D 121 -62.12 36.89 -38.80
CA ILE D 121 -61.48 37.58 -37.66
C ILE D 121 -62.40 37.38 -36.47
N ASN D 122 -62.35 36.18 -35.90
CA ASN D 122 -63.47 35.68 -35.09
C ASN D 122 -63.11 35.36 -33.64
N ALA D 123 -62.05 36.00 -33.11
CA ALA D 123 -61.81 36.14 -31.67
C ALA D 123 -61.29 34.88 -30.97
N VAL D 124 -61.78 33.70 -31.32
CA VAL D 124 -61.53 32.51 -30.50
C VAL D 124 -61.51 31.26 -31.34
N HIS D 125 -60.81 30.25 -30.83
CA HIS D 125 -60.86 28.88 -31.30
C HIS D 125 -61.16 27.98 -30.11
N GLY D 126 -61.85 26.87 -30.37
CA GLY D 126 -62.01 25.82 -29.38
C GLY D 126 -61.91 24.46 -30.04
N SER D 127 -61.44 23.48 -29.28
CA SER D 127 -61.41 22.11 -29.76
C SER D 127 -62.83 21.66 -30.14
N ASP D 128 -62.94 20.85 -31.19
CA ASP D 128 -64.27 20.48 -31.66
C ASP D 128 -64.64 19.05 -31.30
N SER D 129 -63.81 18.32 -30.56
CA SER D 129 -64.15 16.99 -30.08
C SER D 129 -63.22 16.66 -28.94
N VAL D 130 -63.55 15.57 -28.24
CA VAL D 130 -62.71 15.13 -27.13
C VAL D 130 -61.39 14.60 -27.65
N GLU D 131 -61.41 13.82 -28.73
CA GLU D 131 -60.16 13.35 -29.32
C GLU D 131 -59.30 14.51 -29.80
N ASN D 132 -59.92 15.49 -30.46
CA ASN D 132 -59.16 16.64 -30.94
CA ASN D 132 -59.14 16.64 -30.94
C ASN D 132 -58.69 17.52 -29.78
N ALA D 133 -59.48 17.61 -28.71
CA ALA D 133 -59.04 18.36 -27.53
C ALA D 133 -57.75 17.78 -26.96
N ALA D 134 -57.66 16.46 -26.87
CA ALA D 134 -56.46 15.85 -26.33
C ALA D 134 -55.24 16.19 -27.19
N LEU D 135 -55.41 16.18 -28.51
CA LEU D 135 -54.31 16.50 -29.42
C LEU D 135 -53.93 17.96 -29.34
N GLU D 136 -54.92 18.85 -29.26
CA GLU D 136 -54.62 20.28 -29.25
C GLU D 136 -53.97 20.69 -27.94
N ILE D 137 -54.39 20.09 -26.83
CA ILE D 137 -53.78 20.40 -25.54
C ILE D 137 -52.32 19.93 -25.54
N ALA D 138 -52.07 18.72 -26.03
CA ALA D 138 -50.72 18.19 -26.08
C ALA D 138 -49.85 18.95 -27.07
N TYR D 139 -50.45 19.58 -28.09
CA TYR D 139 -49.66 20.39 -29.01
C TYR D 139 -49.02 21.55 -28.27
N PHE D 140 -49.79 22.23 -27.41
CA PHE D 140 -49.31 23.45 -26.78
C PHE D 140 -48.84 23.27 -25.34
N PHE D 141 -49.23 22.18 -24.66
CA PHE D 141 -48.91 22.00 -23.24
C PHE D 141 -48.31 20.64 -22.98
N SER D 142 -47.35 20.58 -22.04
CA SER D 142 -47.05 19.32 -21.41
C SER D 142 -48.08 19.04 -20.33
N GLN D 143 -48.23 17.77 -19.95
CA GLN D 143 -49.12 17.47 -18.83
C GLN D 143 -48.67 18.19 -17.57
N THR D 144 -47.36 18.43 -17.43
CA THR D 144 -46.86 19.11 -16.23
C THR D 144 -47.25 20.58 -16.16
N GLU D 145 -47.74 21.16 -17.26
CA GLU D 145 -48.19 22.54 -17.19
C GLU D 145 -49.62 22.67 -16.73
N ILE D 146 -50.35 21.57 -16.64
CA ILE D 146 -51.72 21.59 -16.15
C ILE D 146 -51.69 21.62 -14.64
N CYS D 147 -52.54 22.45 -14.04
CA CYS D 147 -52.50 22.73 -12.60
C CYS D 147 -53.82 22.35 -11.97
N PRO D 148 -53.97 21.10 -11.51
CA PRO D 148 -55.23 20.73 -10.85
C PRO D 148 -55.49 21.59 -9.63
N ARG D 149 -56.76 21.72 -9.29
CA ARG D 149 -57.18 22.52 -8.15
C ARG D 149 -57.21 21.62 -6.92
N ILE E 11 -38.65 9.31 -37.73
N ILE E 11 -37.94 5.65 -37.65
CA ILE E 11 -38.05 8.20 -37.00
CA ILE E 11 -38.29 7.03 -37.33
C ILE E 11 -38.78 8.01 -35.69
C ILE E 11 -39.10 7.05 -36.03
N GLU E 12 -38.38 7.00 -34.92
CA GLU E 12 -38.97 6.81 -33.61
C GLU E 12 -38.48 7.91 -32.69
N ARG E 13 -39.30 8.23 -31.68
CA ARG E 13 -38.90 9.13 -30.61
C ARG E 13 -39.14 8.44 -29.28
N THR E 14 -38.21 8.65 -28.34
CA THR E 14 -38.32 8.08 -27.01
C THR E 14 -37.84 9.11 -26.01
N ILE E 15 -38.24 8.93 -24.75
CA ILE E 15 -37.79 9.84 -23.71
C ILE E 15 -36.58 9.24 -23.00
N SER E 16 -35.69 10.12 -22.59
CA SER E 16 -34.56 9.79 -21.75
C SER E 16 -34.57 10.75 -20.58
N ILE E 17 -34.31 10.23 -19.38
CA ILE E 17 -34.09 11.08 -18.22
C ILE E 17 -32.74 10.73 -17.66
N ILE E 18 -31.87 11.74 -17.53
CA ILE E 18 -30.64 11.60 -16.78
C ILE E 18 -30.96 11.99 -15.34
N LYS E 19 -30.80 11.05 -14.41
CA LYS E 19 -31.34 11.15 -13.05
C LYS E 19 -30.45 12.04 -12.19
N PRO E 20 -30.89 12.40 -10.98
CA PRO E 20 -30.11 13.36 -10.17
C PRO E 20 -28.71 12.87 -9.83
N ASP E 21 -28.49 11.56 -9.78
CA ASP E 21 -27.13 11.07 -9.49
C ASP E 21 -26.18 11.39 -10.64
N ALA E 22 -26.58 11.10 -11.87
CA ALA E 22 -25.73 11.38 -13.02
C ALA E 22 -25.63 12.88 -13.27
N VAL E 23 -26.70 13.64 -13.04
CA VAL E 23 -26.58 15.09 -13.09
C VAL E 23 -25.58 15.59 -12.05
N GLY E 24 -25.67 15.06 -10.82
CA GLY E 24 -24.75 15.48 -9.78
C GLY E 24 -23.30 15.08 -10.04
N LYS E 25 -23.09 13.97 -10.73
CA LYS E 25 -21.73 13.61 -11.12
CA LYS E 25 -21.75 13.58 -11.15
C LYS E 25 -21.21 14.44 -12.28
N ASN E 26 -22.06 15.27 -12.89
CA ASN E 26 -21.67 16.07 -14.05
C ASN E 26 -21.17 15.18 -15.19
N VAL E 27 -21.98 14.17 -15.54
CA VAL E 27 -21.68 13.37 -16.73
C VAL E 27 -22.83 13.44 -17.73
N ILE E 28 -23.57 14.57 -17.72
CA ILE E 28 -24.60 14.76 -18.74
C ILE E 28 -23.99 14.62 -20.13
N GLY E 29 -22.83 15.26 -20.33
CA GLY E 29 -22.21 15.25 -21.65
C GLY E 29 -21.79 13.86 -22.10
N LYS E 30 -21.20 13.08 -21.19
CA LYS E 30 -20.80 11.73 -21.55
CA LYS E 30 -20.79 11.72 -21.54
C LYS E 30 -22.00 10.88 -21.95
N ILE E 31 -23.12 11.05 -21.25
CA ILE E 31 -24.30 10.28 -21.58
C ILE E 31 -24.91 10.75 -22.91
N TYR E 32 -25.00 12.08 -23.11
CA TYR E 32 -25.45 12.58 -24.40
C TYR E 32 -24.63 11.99 -25.55
N SER E 33 -23.31 11.93 -25.38
CA SER E 33 -22.47 11.42 -26.45
C SER E 33 -22.75 9.95 -26.75
N ARG E 34 -23.16 9.16 -25.74
CA ARG E 34 -23.55 7.78 -26.03
C ARG E 34 -24.74 7.73 -26.97
N PHE E 35 -25.72 8.61 -26.77
CA PHE E 35 -26.84 8.69 -27.70
C PHE E 35 -26.36 9.15 -29.07
N GLU E 36 -25.62 10.25 -29.11
CA GLU E 36 -25.30 10.90 -30.39
C GLU E 36 -24.36 10.05 -31.22
N GLU E 37 -23.51 9.26 -30.59
CA GLU E 37 -22.57 8.45 -31.35
C GLU E 37 -23.17 7.11 -31.76
N ASN E 38 -24.42 6.85 -31.41
CA ASN E 38 -25.09 5.60 -31.72
C ASN E 38 -26.42 5.83 -32.41
N GLY E 39 -26.49 6.83 -33.28
CA GLY E 39 -27.62 7.00 -34.16
C GLY E 39 -28.81 7.75 -33.62
N LEU E 40 -28.74 8.33 -32.42
CA LEU E 40 -29.86 9.06 -31.86
C LEU E 40 -29.54 10.55 -31.83
N LYS E 41 -30.56 11.38 -32.07
CA LYS E 41 -30.42 12.83 -32.07
C LYS E 41 -31.29 13.41 -30.97
N ILE E 42 -30.76 14.42 -30.29
CA ILE E 42 -31.55 15.15 -29.29
CA ILE E 42 -31.52 15.17 -29.29
C ILE E 42 -32.42 16.17 -30.02
N VAL E 43 -33.74 16.01 -29.89
CA VAL E 43 -34.68 16.89 -30.58
C VAL E 43 -35.54 17.70 -29.63
N ALA E 44 -35.51 17.40 -28.32
CA ALA E 44 -36.05 18.25 -27.27
C ALA E 44 -35.25 17.98 -26.02
N ALA E 45 -35.09 19.00 -25.16
CA ALA E 45 -34.27 18.86 -23.95
C ALA E 45 -34.59 19.97 -22.95
N LYS E 46 -34.62 19.61 -21.67
CA LYS E 46 -34.69 20.62 -20.62
C LYS E 46 -34.18 20.03 -19.32
N MET E 47 -33.53 20.87 -18.52
CA MET E 47 -33.22 20.54 -17.13
C MET E 47 -34.37 20.97 -16.22
N LYS E 48 -34.73 20.10 -15.28
CA LYS E 48 -35.96 20.30 -14.51
C LYS E 48 -35.76 19.74 -13.13
N GLN E 49 -36.39 20.39 -12.15
CA GLN E 49 -36.47 19.87 -10.78
C GLN E 49 -37.87 19.31 -10.62
N LEU E 50 -37.98 18.00 -10.55
CA LEU E 50 -39.29 17.36 -10.48
C LEU E 50 -39.92 17.60 -9.12
N THR E 51 -41.23 17.83 -9.12
CA THR E 51 -41.96 17.84 -7.86
C THR E 51 -42.29 16.42 -7.42
N LEU E 52 -42.68 16.29 -6.14
CA LEU E 52 -43.15 15.00 -5.64
CA LEU E 52 -43.16 15.02 -5.63
C LEU E 52 -44.30 14.47 -6.50
N LYS E 53 -45.26 15.32 -6.85
CA LYS E 53 -46.40 14.87 -7.64
C LYS E 53 -45.95 14.37 -9.00
N GLU E 54 -45.04 15.10 -9.64
CA GLU E 54 -44.55 14.70 -10.96
C GLU E 54 -43.86 13.36 -10.91
N ALA E 55 -42.99 13.16 -9.92
CA ALA E 55 -42.30 11.87 -9.81
C ALA E 55 -43.29 10.75 -9.53
N GLN E 56 -44.24 10.99 -8.61
CA GLN E 56 -45.24 10.00 -8.29
C GLN E 56 -46.08 9.64 -9.51
N GLU E 57 -46.48 10.65 -10.29
CA GLU E 57 -47.33 10.40 -11.45
C GLU E 57 -46.55 9.69 -12.56
N PHE E 58 -45.35 10.17 -12.85
CA PHE E 58 -44.55 9.58 -13.91
C PHE E 58 -44.30 8.10 -13.63
N TYR E 59 -44.10 7.75 -12.36
CA TYR E 59 -43.83 6.37 -11.96
C TYR E 59 -45.03 5.70 -11.29
N ALA E 60 -46.24 6.11 -11.67
CA ALA E 60 -47.44 5.58 -11.02
C ALA E 60 -47.55 4.07 -11.18
N VAL E 61 -46.99 3.51 -12.25
CA VAL E 61 -47.06 2.07 -12.47
C VAL E 61 -46.44 1.29 -11.32
N HIS E 62 -45.57 1.93 -10.53
CA HIS E 62 -44.85 1.29 -9.43
C HIS E 62 -45.42 1.65 -8.06
N LYS E 63 -46.57 2.31 -8.00
CA LYS E 63 -47.03 2.89 -6.74
C LYS E 63 -47.24 1.84 -5.65
N ASP E 64 -47.42 0.58 -6.01
CA ASP E 64 -47.65 -0.50 -5.05
C ASP E 64 -46.40 -1.34 -4.79
N ARG E 65 -45.27 -0.92 -5.30
CA ARG E 65 -44.02 -1.67 -5.12
C ARG E 65 -43.24 -1.12 -3.93
N PRO E 66 -42.40 -1.93 -3.29
CA PRO E 66 -41.66 -1.44 -2.11
C PRO E 66 -40.65 -0.34 -2.44
N PHE E 67 -40.06 -0.33 -3.63
CA PHE E 67 -39.06 0.69 -3.95
C PHE E 67 -39.67 2.03 -4.33
N TYR E 68 -41.00 2.13 -4.35
CA TYR E 68 -41.65 3.32 -4.91
C TYR E 68 -41.28 4.57 -4.14
N ALA E 69 -41.43 4.55 -2.82
CA ALA E 69 -41.16 5.74 -2.01
C ALA E 69 -39.72 6.22 -2.19
N GLY E 70 -38.75 5.29 -2.16
CA GLY E 70 -37.37 5.68 -2.33
C GLY E 70 -37.08 6.18 -3.73
N LEU E 71 -37.76 5.62 -4.72
CA LEU E 71 -37.61 6.09 -6.10
C LEU E 71 -38.06 7.55 -6.23
N VAL E 72 -39.20 7.87 -5.63
CA VAL E 72 -39.72 9.23 -5.68
C VAL E 72 -38.77 10.19 -4.95
N GLU E 73 -38.28 9.78 -3.77
CA GLU E 73 -37.34 10.62 -3.03
C GLU E 73 -36.08 10.86 -3.83
N PHE E 74 -35.56 9.80 -4.48
CA PHE E 74 -34.38 9.92 -5.32
C PHE E 74 -34.64 10.89 -6.48
N MET E 75 -35.73 10.69 -7.21
CA MET E 75 -35.98 11.45 -8.42
C MET E 75 -36.36 12.90 -8.15
N THR E 76 -36.71 13.23 -6.91
CA THR E 76 -36.99 14.62 -6.53
C THR E 76 -35.87 15.24 -5.71
N GLY E 77 -34.77 14.50 -5.51
CA GLY E 77 -33.71 15.00 -4.64
C GLY E 77 -32.75 15.96 -5.28
N GLY E 78 -32.82 16.09 -6.60
CA GLY E 78 -31.98 17.02 -7.31
C GLY E 78 -32.49 17.13 -8.74
N PRO E 79 -31.94 18.07 -9.49
CA PRO E 79 -32.40 18.27 -10.88
C PRO E 79 -32.11 17.06 -11.76
N VAL E 80 -32.94 16.90 -12.79
CA VAL E 80 -32.76 15.90 -13.83
C VAL E 80 -32.60 16.60 -15.17
N MET E 81 -32.06 15.88 -16.13
CA MET E 81 -31.96 16.36 -17.50
C MET E 81 -32.84 15.46 -18.36
N ILE E 82 -33.85 16.04 -19.01
CA ILE E 82 -34.84 15.27 -19.76
C ILE E 82 -34.70 15.61 -21.25
N GLN E 83 -34.72 14.59 -22.11
CA GLN E 83 -34.60 14.86 -23.53
C GLN E 83 -35.39 13.84 -24.34
N VAL E 84 -35.83 14.27 -25.52
CA VAL E 84 -36.42 13.39 -26.51
C VAL E 84 -35.33 12.96 -27.47
N LEU E 85 -35.18 11.65 -27.65
CA LEU E 85 -34.20 11.08 -28.56
C LEU E 85 -34.92 10.57 -29.80
N GLU E 86 -34.42 10.92 -30.97
CA GLU E 86 -35.03 10.53 -32.23
C GLU E 86 -34.04 9.75 -33.09
N GLY E 87 -34.50 8.65 -33.67
CA GLY E 87 -33.68 7.82 -34.52
C GLY E 87 -34.35 6.50 -34.80
N GLU E 88 -33.80 5.77 -35.77
CA GLU E 88 -34.31 4.44 -36.07
C GLU E 88 -34.27 3.56 -34.81
N ASN E 89 -35.40 2.92 -34.51
CA ASN E 89 -35.50 1.99 -33.39
C ASN E 89 -35.13 2.66 -32.06
N ALA E 90 -35.50 3.93 -31.91
CA ALA E 90 -34.97 4.74 -30.81
C ALA E 90 -35.33 4.17 -29.44
N VAL E 91 -36.55 3.62 -29.29
CA VAL E 91 -36.97 3.12 -27.98
C VAL E 91 -36.04 2.01 -27.50
N LEU E 92 -35.81 1.00 -28.33
CA LEU E 92 -34.97 -0.11 -27.91
CA LEU E 92 -34.97 -0.12 -27.94
C LEU E 92 -33.49 0.25 -27.95
N LYS E 93 -33.08 1.13 -28.87
CA LYS E 93 -31.69 1.54 -28.89
C LYS E 93 -31.31 2.27 -27.61
N ASN E 94 -32.16 3.18 -27.15
CA ASN E 94 -31.94 3.86 -25.88
C ASN E 94 -31.76 2.86 -24.75
N ARG E 95 -32.63 1.85 -24.68
CA ARG E 95 -32.52 0.87 -23.61
C ARG E 95 -31.24 0.03 -23.73
N GLU E 96 -30.82 -0.29 -24.96
CA GLU E 96 -29.56 -1.03 -25.11
C GLU E 96 -28.37 -0.20 -24.65
N LEU E 97 -28.39 1.11 -24.95
CA LEU E 97 -27.33 2.00 -24.50
C LEU E 97 -27.36 2.21 -22.99
N MET E 98 -28.56 2.18 -22.38
CA MET E 98 -28.63 2.32 -20.93
C MET E 98 -28.00 1.11 -20.24
N GLY E 99 -28.25 -0.09 -20.75
CA GLY E 99 -27.82 -1.31 -20.09
C GLY E 99 -28.77 -1.72 -18.98
N ALA E 100 -28.52 -2.92 -18.44
CA ALA E 100 -29.37 -3.47 -17.39
C ALA E 100 -29.36 -2.55 -16.17
N THR E 101 -30.45 -2.60 -15.39
CA THR E 101 -30.59 -1.70 -14.25
CA THR E 101 -30.58 -1.68 -14.27
C THR E 101 -29.50 -1.93 -13.23
N ASN E 102 -29.10 -3.19 -13.02
CA ASN E 102 -28.06 -3.51 -12.05
C ASN E 102 -26.69 -3.26 -12.68
N PRO E 103 -25.89 -2.32 -12.16
CA PRO E 103 -24.59 -2.01 -12.79
C PRO E 103 -23.58 -3.15 -12.69
N THR E 104 -23.81 -4.16 -11.85
CA THR E 104 -22.94 -5.33 -11.86
C THR E 104 -23.23 -6.24 -13.03
N GLU E 105 -24.45 -6.18 -13.60
CA GLU E 105 -24.84 -7.02 -14.72
C GLU E 105 -24.90 -6.27 -16.04
N ALA E 106 -24.84 -4.94 -16.00
CA ALA E 106 -24.89 -4.14 -17.21
C ALA E 106 -23.71 -4.42 -18.12
N ALA E 107 -23.97 -4.47 -19.43
CA ALA E 107 -22.93 -4.76 -20.40
C ALA E 107 -21.85 -3.69 -20.38
N GLU E 108 -20.62 -4.09 -20.69
CA GLU E 108 -19.50 -3.16 -20.80
C GLU E 108 -19.84 -2.04 -21.77
N GLY E 109 -19.47 -0.81 -21.41
CA GLY E 109 -19.70 0.33 -22.26
C GLY E 109 -21.10 0.90 -22.23
N THR E 110 -22.00 0.37 -21.39
CA THR E 110 -23.32 0.96 -21.26
C THR E 110 -23.30 2.09 -20.26
N ILE E 111 -24.36 2.92 -20.29
CA ILE E 111 -24.47 4.03 -19.36
C ILE E 111 -24.43 3.52 -17.92
N ARG E 112 -25.18 2.47 -17.63
CA ARG E 112 -25.22 1.99 -16.24
C ARG E 112 -23.90 1.36 -15.84
N ALA E 113 -23.25 0.63 -16.75
CA ALA E 113 -21.94 0.06 -16.43
C ALA E 113 -20.96 1.16 -16.03
N ASP E 114 -21.05 2.32 -16.67
CA ASP E 114 -20.10 3.38 -16.41
C ASP E 114 -20.52 4.35 -15.31
N PHE E 115 -21.82 4.66 -15.17
CA PHE E 115 -22.25 5.78 -14.35
C PHE E 115 -23.25 5.44 -13.26
N ALA E 116 -23.80 4.23 -13.22
CA ALA E 116 -24.80 3.89 -12.19
C ALA E 116 -24.09 3.49 -10.90
N THR E 117 -24.62 3.96 -9.77
CA THR E 117 -24.07 3.61 -8.46
C THR E 117 -24.61 2.28 -7.95
N SER E 118 -25.89 2.00 -8.18
CA SER E 118 -26.50 0.77 -7.72
C SER E 118 -27.72 0.49 -8.59
N VAL E 119 -28.41 -0.62 -8.29
CA VAL E 119 -29.57 -0.99 -9.08
C VAL E 119 -30.69 0.05 -8.95
N SER E 120 -30.76 0.73 -7.80
CA SER E 120 -31.75 1.79 -7.64
CA SER E 120 -31.74 1.80 -7.61
C SER E 120 -31.18 3.16 -8.03
N ILE E 121 -29.91 3.41 -7.72
CA ILE E 121 -29.29 4.71 -8.06
C ILE E 121 -28.63 4.50 -9.42
N ASN E 122 -29.46 4.49 -10.47
CA ASN E 122 -29.05 3.85 -11.72
C ASN E 122 -28.97 4.80 -12.93
N ALA E 123 -28.77 6.10 -12.69
CA ALA E 123 -28.31 7.08 -13.67
C ALA E 123 -29.35 7.51 -14.71
N VAL E 124 -30.15 6.59 -15.26
CA VAL E 124 -30.98 6.94 -16.41
C VAL E 124 -32.32 6.24 -16.35
N HIS E 125 -33.29 6.82 -17.05
CA HIS E 125 -34.55 6.20 -17.41
C HIS E 125 -34.72 6.28 -18.92
N GLY E 126 -35.41 5.30 -19.49
CA GLY E 126 -35.83 5.38 -20.88
C GLY E 126 -37.19 4.75 -21.05
N SER E 127 -37.95 5.26 -22.03
CA SER E 127 -39.24 4.66 -22.31
C SER E 127 -39.06 3.21 -22.70
N ASP E 128 -40.06 2.38 -22.37
CA ASP E 128 -39.92 0.95 -22.62
C ASP E 128 -40.75 0.45 -23.79
N SER E 129 -41.50 1.32 -24.46
CA SER E 129 -42.30 0.93 -25.61
C SER E 129 -42.70 2.20 -26.36
N VAL E 130 -43.11 2.00 -27.61
CA VAL E 130 -43.49 3.14 -28.44
C VAL E 130 -44.70 3.86 -27.84
N GLU E 131 -45.65 3.10 -27.31
CA GLU E 131 -46.83 3.73 -26.70
C GLU E 131 -46.46 4.46 -25.41
N ASN E 132 -45.66 3.83 -24.56
CA ASN E 132 -45.20 4.49 -23.34
CA ASN E 132 -45.23 4.52 -23.34
C ASN E 132 -44.35 5.72 -23.68
N ALA E 133 -43.56 5.63 -24.75
CA ALA E 133 -42.75 6.79 -25.14
C ALA E 133 -43.62 7.98 -25.50
N ALA E 134 -44.71 7.73 -26.23
CA ALA E 134 -45.63 8.82 -26.58
C ALA E 134 -46.20 9.46 -25.33
N LEU E 135 -46.59 8.66 -24.34
CA LEU E 135 -47.14 9.19 -23.09
C LEU E 135 -46.10 9.94 -22.27
N GLU E 136 -44.90 9.39 -22.16
CA GLU E 136 -43.86 10.04 -21.38
C GLU E 136 -43.40 11.35 -22.02
N ILE E 137 -43.28 11.37 -23.34
CA ILE E 137 -42.93 12.62 -24.01
C ILE E 137 -43.99 13.69 -23.74
N ALA E 138 -45.25 13.33 -23.86
CA ALA E 138 -46.33 14.30 -23.66
C ALA E 138 -46.48 14.70 -22.20
N TYR E 139 -45.98 13.88 -21.28
CA TYR E 139 -45.97 14.27 -19.88
C TYR E 139 -45.07 15.48 -19.65
N PHE E 140 -43.86 15.47 -20.23
CA PHE E 140 -42.88 16.49 -19.95
C PHE E 140 -42.77 17.57 -21.03
N PHE E 141 -43.26 17.32 -22.25
CA PHE E 141 -43.06 18.27 -23.34
C PHE E 141 -44.37 18.56 -24.06
N SER E 142 -44.54 19.80 -24.49
CA SER E 142 -45.51 20.09 -25.54
C SER E 142 -44.91 19.71 -26.90
N GLN E 143 -45.77 19.53 -27.89
CA GLN E 143 -45.24 19.31 -29.24
C GLN E 143 -44.39 20.49 -29.69
N THR E 144 -44.75 21.71 -29.26
CA THR E 144 -44.04 22.91 -29.65
C THR E 144 -42.63 22.98 -29.09
N GLU E 145 -42.29 22.15 -28.09
CA GLU E 145 -40.93 22.13 -27.58
C GLU E 145 -40.03 21.21 -28.36
N ILE E 146 -40.58 20.35 -29.19
CA ILE E 146 -39.76 19.47 -30.03
C ILE E 146 -39.24 20.27 -31.21
N CYS E 147 -37.94 20.10 -31.51
CA CYS E 147 -37.23 20.93 -32.46
C CYS E 147 -36.70 20.08 -33.60
N PRO E 148 -37.51 19.82 -34.62
CA PRO E 148 -37.05 19.00 -35.75
C PRO E 148 -35.88 19.66 -36.47
N ARG E 149 -35.05 18.84 -37.11
CA ARG E 149 -33.85 19.32 -37.76
C ARG E 149 -34.12 19.70 -39.21
N MET F 9 -12.93 35.43 -8.65
CA MET F 9 -12.79 34.07 -8.14
C MET F 9 -14.07 33.57 -7.48
N ALA F 10 -15.17 34.30 -7.70
CA ALA F 10 -16.45 33.98 -7.09
C ALA F 10 -17.28 33.06 -7.99
N ILE F 11 -18.30 32.45 -7.40
CA ILE F 11 -19.19 31.56 -8.14
CA ILE F 11 -19.20 31.56 -8.13
C ILE F 11 -20.06 32.39 -9.06
N GLU F 12 -19.86 32.22 -10.36
CA GLU F 12 -20.60 32.96 -11.37
C GLU F 12 -21.53 32.01 -12.09
N ARG F 13 -22.48 32.60 -12.81
CA ARG F 13 -23.27 31.89 -13.80
C ARG F 13 -23.05 32.58 -15.14
N THR F 14 -22.97 31.79 -16.21
CA THR F 14 -22.76 32.35 -17.54
C THR F 14 -23.61 31.58 -18.52
N ILE F 15 -23.91 32.20 -19.68
CA ILE F 15 -24.69 31.51 -20.70
C ILE F 15 -23.76 30.86 -21.69
N SER F 16 -24.20 29.71 -22.19
CA SER F 16 -23.56 28.99 -23.28
C SER F 16 -24.64 28.68 -24.29
N ILE F 17 -24.38 28.92 -25.58
CA ILE F 17 -25.25 28.46 -26.64
C ILE F 17 -24.43 27.54 -27.54
N ILE F 18 -24.92 26.33 -27.74
CA ILE F 18 -24.37 25.44 -28.76
C ILE F 18 -25.15 25.73 -30.04
N LYS F 19 -24.44 26.17 -31.08
CA LYS F 19 -25.07 26.80 -32.24
C LYS F 19 -25.59 25.72 -33.18
N PRO F 20 -26.33 26.10 -34.24
CA PRO F 20 -26.99 25.08 -35.06
C PRO F 20 -26.03 24.15 -35.76
N ASP F 21 -24.81 24.60 -36.03
CA ASP F 21 -23.82 23.73 -36.68
C ASP F 21 -23.42 22.59 -35.77
N ALA F 22 -23.14 22.89 -34.50
CA ALA F 22 -22.72 21.84 -33.59
C ALA F 22 -23.89 20.94 -33.20
N VAL F 23 -25.10 21.50 -33.05
CA VAL F 23 -26.26 20.65 -32.83
C VAL F 23 -26.43 19.71 -34.02
N GLY F 24 -26.37 20.25 -35.23
CA GLY F 24 -26.52 19.42 -36.41
C GLY F 24 -25.45 18.36 -36.54
N LYS F 25 -24.27 18.62 -36.00
CA LYS F 25 -23.18 17.64 -35.94
C LYS F 25 -23.37 16.61 -34.84
N ASN F 26 -24.36 16.78 -33.98
CA ASN F 26 -24.60 15.85 -32.86
C ASN F 26 -23.38 15.75 -31.95
N VAL F 27 -22.82 16.90 -31.58
CA VAL F 27 -21.70 16.90 -30.64
C VAL F 27 -22.07 17.73 -29.41
N ILE F 28 -23.37 17.79 -29.10
CA ILE F 28 -23.80 18.44 -27.87
C ILE F 28 -23.10 17.82 -26.67
N GLY F 29 -23.04 16.49 -26.63
CA GLY F 29 -22.44 15.81 -25.49
C GLY F 29 -20.97 16.13 -25.32
N LYS F 30 -20.21 16.13 -26.42
CA LYS F 30 -18.78 16.41 -26.33
C LYS F 30 -18.53 17.81 -25.78
N ILE F 31 -19.34 18.78 -26.21
CA ILE F 31 -19.18 20.15 -25.72
C ILE F 31 -19.59 20.24 -24.25
N TYR F 32 -20.71 19.62 -23.87
CA TYR F 32 -21.08 19.53 -22.45
C TYR F 32 -19.94 18.97 -21.62
N SER F 33 -19.28 17.92 -22.10
CA SER F 33 -18.23 17.31 -21.30
C SER F 33 -17.04 18.25 -21.12
N ARG F 34 -16.81 19.17 -22.07
CA ARG F 34 -15.74 20.14 -21.90
C ARG F 34 -16.01 21.03 -20.71
N PHE F 35 -17.27 21.47 -20.56
CA PHE F 35 -17.65 22.22 -19.38
C PHE F 35 -17.52 21.38 -18.13
N GLU F 36 -18.10 20.18 -18.15
CA GLU F 36 -18.24 19.40 -16.92
C GLU F 36 -16.90 18.89 -16.43
N GLU F 37 -16.04 18.49 -17.34
CA GLU F 37 -14.74 17.97 -16.93
C GLU F 37 -13.78 19.06 -16.52
N ASN F 38 -14.22 20.33 -16.53
CA ASN F 38 -13.41 21.45 -16.09
C ASN F 38 -14.09 22.25 -14.98
N GLY F 39 -14.98 21.62 -14.22
CA GLY F 39 -15.49 22.21 -13.01
C GLY F 39 -16.74 23.07 -13.15
N LEU F 40 -17.28 23.20 -14.35
CA LEU F 40 -18.54 23.92 -14.52
C LEU F 40 -19.69 22.94 -14.44
N LYS F 41 -20.81 23.41 -13.91
CA LYS F 41 -22.01 22.59 -13.75
C LYS F 41 -23.14 23.19 -14.57
N ILE F 42 -23.89 22.33 -15.25
CA ILE F 42 -25.06 22.77 -16.00
CA ILE F 42 -25.07 22.74 -16.01
C ILE F 42 -26.22 22.91 -15.02
N VAL F 43 -26.70 24.14 -14.84
CA VAL F 43 -27.76 24.39 -13.88
C VAL F 43 -29.06 24.84 -14.54
N ALA F 44 -29.06 25.01 -15.86
CA ALA F 44 -30.29 25.22 -16.62
C ALA F 44 -29.97 24.85 -18.05
N ALA F 45 -30.96 24.32 -18.77
CA ALA F 45 -30.71 23.87 -20.13
C ALA F 45 -32.02 23.72 -20.90
N LYS F 46 -32.00 24.08 -22.18
CA LYS F 46 -33.13 23.77 -23.03
C LYS F 46 -32.72 23.81 -24.49
N MET F 47 -33.35 22.96 -25.28
CA MET F 47 -33.20 23.02 -26.72
C MET F 47 -34.30 23.92 -27.29
N LYS F 48 -33.93 24.78 -28.24
CA LYS F 48 -34.84 25.83 -28.69
C LYS F 48 -34.55 26.18 -30.14
N GLN F 49 -35.60 26.49 -30.89
CA GLN F 49 -35.47 27.05 -32.23
C GLN F 49 -35.64 28.56 -32.10
N LEU F 50 -34.57 29.31 -32.33
CA LEU F 50 -34.64 30.75 -32.20
C LEU F 50 -35.46 31.36 -33.33
N THR F 51 -36.30 32.33 -32.97
CA THR F 51 -36.97 33.13 -33.98
C THR F 51 -36.00 34.18 -34.54
N LEU F 52 -36.37 34.75 -35.69
CA LEU F 52 -35.61 35.85 -36.24
C LEU F 52 -35.44 36.98 -35.23
N LYS F 53 -36.53 37.37 -34.57
CA LYS F 53 -36.45 38.47 -33.61
C LYS F 53 -35.53 38.13 -32.44
N GLU F 54 -35.58 36.88 -31.96
CA GLU F 54 -34.74 36.50 -30.83
C GLU F 54 -33.25 36.58 -31.20
N ALA F 55 -32.89 36.05 -32.37
CA ALA F 55 -31.50 36.17 -32.82
C ALA F 55 -31.09 37.63 -33.00
N GLN F 56 -31.98 38.45 -33.57
CA GLN F 56 -31.70 39.86 -33.76
C GLN F 56 -31.52 40.59 -32.44
N GLU F 57 -32.39 40.30 -31.45
CA GLU F 57 -32.29 41.00 -30.19
C GLU F 57 -31.11 40.51 -29.39
N PHE F 58 -30.86 39.21 -29.41
CA PHE F 58 -29.76 38.67 -28.60
C PHE F 58 -28.43 39.24 -29.08
N TYR F 59 -28.29 39.42 -30.39
CA TYR F 59 -27.04 39.93 -30.95
C TYR F 59 -27.15 41.39 -31.37
N ALA F 60 -28.01 42.17 -30.70
CA ALA F 60 -28.26 43.55 -31.11
C ALA F 60 -27.01 44.42 -31.06
N VAL F 61 -26.02 44.03 -30.25
CA VAL F 61 -24.77 44.79 -30.19
C VAL F 61 -24.10 44.86 -31.56
N HIS F 62 -24.37 43.88 -32.42
CA HIS F 62 -23.76 43.81 -33.75
C HIS F 62 -24.68 44.33 -34.86
N LYS F 63 -25.79 45.00 -34.51
CA LYS F 63 -26.83 45.28 -35.48
C LYS F 63 -26.36 46.17 -36.62
N ASP F 64 -25.26 46.91 -36.45
CA ASP F 64 -24.74 47.77 -37.50
C ASP F 64 -23.49 47.19 -38.17
N ARG F 65 -23.14 45.89 -37.88
CA ARG F 65 -21.98 45.22 -38.45
C ARG F 65 -22.36 44.46 -39.72
N PRO F 66 -21.44 44.35 -40.68
CA PRO F 66 -21.79 43.73 -41.96
C PRO F 66 -22.14 42.25 -41.85
N PHE F 67 -21.63 41.55 -40.83
CA PHE F 67 -21.93 40.13 -40.66
C PHE F 67 -23.25 39.88 -39.94
N TYR F 68 -23.93 40.93 -39.49
CA TYR F 68 -25.09 40.76 -38.62
C TYR F 68 -26.18 39.93 -39.29
N ALA F 69 -26.55 40.30 -40.52
CA ALA F 69 -27.61 39.56 -41.21
C ALA F 69 -27.25 38.08 -41.36
N GLY F 70 -26.00 37.78 -41.70
CA GLY F 70 -25.59 36.39 -41.85
C GLY F 70 -25.54 35.65 -40.53
N LEU F 71 -25.14 36.34 -39.45
CA LEU F 71 -25.17 35.74 -38.12
C LEU F 71 -26.59 35.38 -37.70
N VAL F 72 -27.53 36.28 -37.97
CA VAL F 72 -28.92 36.01 -37.64
C VAL F 72 -29.45 34.83 -38.45
N GLU F 73 -29.11 34.76 -39.74
CA GLU F 73 -29.51 33.63 -40.56
C GLU F 73 -28.92 32.33 -40.00
N PHE F 74 -27.63 32.36 -39.69
CA PHE F 74 -26.96 31.19 -39.13
C PHE F 74 -27.65 30.72 -37.85
N MET F 75 -27.91 31.66 -36.94
CA MET F 75 -28.43 31.30 -35.63
C MET F 75 -29.91 30.92 -35.66
N THR F 76 -30.60 31.12 -36.78
CA THR F 76 -31.99 30.69 -36.88
C THR F 76 -32.18 29.53 -37.86
N GLY F 77 -31.11 29.01 -38.45
CA GLY F 77 -31.26 28.00 -39.48
C GLY F 77 -31.54 26.61 -38.97
N GLY F 78 -31.39 26.39 -37.68
CA GLY F 78 -31.72 25.14 -37.06
C GLY F 78 -31.67 25.33 -35.56
N PRO F 79 -32.02 24.30 -34.81
CA PRO F 79 -32.13 24.46 -33.35
C PRO F 79 -30.77 24.62 -32.68
N VAL F 80 -30.82 25.22 -31.50
CA VAL F 80 -29.65 25.43 -30.64
C VAL F 80 -29.92 24.76 -29.29
N MET F 81 -28.83 24.60 -28.53
CA MET F 81 -28.90 24.09 -27.17
C MET F 81 -28.37 25.19 -26.27
N ILE F 82 -29.19 25.68 -25.34
CA ILE F 82 -28.85 26.82 -24.49
C ILE F 82 -28.73 26.31 -23.06
N GLN F 83 -27.67 26.70 -22.35
CA GLN F 83 -27.53 26.26 -20.97
C GLN F 83 -26.86 27.34 -20.14
N VAL F 84 -27.16 27.32 -18.84
CA VAL F 84 -26.48 28.15 -17.87
C VAL F 84 -25.40 27.29 -17.22
N LEU F 85 -24.17 27.81 -17.20
CA LEU F 85 -23.04 27.13 -16.57
C LEU F 85 -22.67 27.83 -15.27
N GLU F 86 -22.47 27.05 -14.21
CA GLU F 86 -22.19 27.60 -12.89
C GLU F 86 -20.86 27.07 -12.37
N GLY F 87 -20.07 27.95 -11.77
CA GLY F 87 -18.79 27.57 -11.20
C GLY F 87 -17.96 28.79 -10.88
N GLU F 88 -16.92 28.62 -10.07
CA GLU F 88 -15.99 29.72 -9.84
C GLU F 88 -15.41 30.19 -11.18
N ASN F 89 -15.40 31.50 -11.39
CA ASN F 89 -14.84 32.10 -12.60
C ASN F 89 -15.51 31.57 -13.87
N ALA F 90 -16.82 31.32 -13.80
CA ALA F 90 -17.49 30.63 -14.91
C ALA F 90 -17.44 31.41 -16.21
N VAL F 91 -17.56 32.74 -16.15
CA VAL F 91 -17.58 33.53 -17.38
C VAL F 91 -16.28 33.36 -18.16
N LEU F 92 -15.15 33.60 -17.50
CA LEU F 92 -13.86 33.50 -18.16
C LEU F 92 -13.52 32.05 -18.50
N LYS F 93 -13.84 31.11 -17.60
CA LYS F 93 -13.54 29.71 -17.85
C LYS F 93 -14.29 29.20 -19.08
N ASN F 94 -15.57 29.55 -19.21
CA ASN F 94 -16.34 29.19 -20.40
C ASN F 94 -15.66 29.70 -21.67
N ARG F 95 -15.24 30.97 -21.67
CA ARG F 95 -14.58 31.53 -22.85
C ARG F 95 -13.27 30.82 -23.13
N GLU F 96 -12.52 30.43 -22.09
CA GLU F 96 -11.26 29.73 -22.31
C GLU F 96 -11.49 28.36 -22.93
N LEU F 97 -12.54 27.67 -22.50
CA LEU F 97 -12.89 26.37 -23.08
C LEU F 97 -13.39 26.51 -24.51
N MET F 98 -14.09 27.60 -24.81
CA MET F 98 -14.54 27.84 -26.18
C MET F 98 -13.36 28.07 -27.11
N GLY F 99 -12.40 28.88 -26.68
CA GLY F 99 -11.28 29.26 -27.52
C GLY F 99 -11.64 30.42 -28.44
N ALA F 100 -10.62 30.93 -29.11
CA ALA F 100 -10.79 32.04 -30.05
C ALA F 100 -11.82 31.68 -31.12
N THR F 101 -12.51 32.70 -31.65
CA THR F 101 -13.56 32.44 -32.63
C THR F 101 -13.00 31.75 -33.87
N ASN F 102 -11.80 32.14 -34.30
CA ASN F 102 -11.20 31.56 -35.49
C ASN F 102 -10.54 30.23 -35.14
N PRO F 103 -11.02 29.10 -35.66
CA PRO F 103 -10.45 27.80 -35.23
C PRO F 103 -8.99 27.62 -35.56
N THR F 104 -8.46 28.33 -36.58
CA THR F 104 -7.02 28.27 -36.82
C THR F 104 -6.23 29.04 -35.78
N GLU F 105 -6.89 29.84 -34.94
CA GLU F 105 -6.22 30.54 -33.85
C GLU F 105 -6.59 29.99 -32.48
N ALA F 106 -7.62 29.17 -32.40
CA ALA F 106 -8.04 28.63 -31.12
C ALA F 106 -6.99 27.66 -30.59
N ALA F 107 -6.80 27.67 -29.28
CA ALA F 107 -5.86 26.75 -28.66
C ALA F 107 -6.30 25.31 -28.88
N GLU F 108 -5.32 24.41 -29.01
CA GLU F 108 -5.62 23.00 -29.12
C GLU F 108 -6.52 22.56 -27.98
N GLY F 109 -7.49 21.71 -28.28
CA GLY F 109 -8.39 21.18 -27.27
C GLY F 109 -9.56 22.05 -26.90
N THR F 110 -9.69 23.23 -27.52
CA THR F 110 -10.85 24.07 -27.29
C THR F 110 -12.03 23.63 -28.16
N ILE F 111 -13.22 24.11 -27.81
CA ILE F 111 -14.41 23.77 -28.59
C ILE F 111 -14.28 24.25 -30.02
N ARG F 112 -13.74 25.45 -30.23
CA ARG F 112 -13.60 25.95 -31.60
C ARG F 112 -12.59 25.11 -32.39
N ALA F 113 -11.44 24.81 -31.78
CA ALA F 113 -10.47 23.99 -32.50
C ALA F 113 -11.09 22.68 -32.96
N ASP F 114 -11.89 22.04 -32.10
CA ASP F 114 -12.43 20.72 -32.42
C ASP F 114 -13.69 20.75 -33.27
N PHE F 115 -14.53 21.78 -33.14
CA PHE F 115 -15.86 21.70 -33.73
C PHE F 115 -16.27 22.86 -34.61
N ALA F 116 -15.50 23.95 -34.65
CA ALA F 116 -15.86 25.05 -35.55
C ALA F 116 -15.51 24.71 -36.98
N THR F 117 -16.40 25.09 -37.90
CA THR F 117 -16.13 24.95 -39.33
C THR F 117 -15.34 26.13 -39.88
N SER F 118 -15.49 27.30 -39.27
CA SER F 118 -14.89 28.52 -39.76
C SER F 118 -15.06 29.57 -38.67
N VAL F 119 -14.57 30.78 -38.95
CA VAL F 119 -14.60 31.82 -37.91
C VAL F 119 -16.03 32.26 -37.63
N SER F 120 -16.91 32.23 -38.62
CA SER F 120 -18.31 32.57 -38.37
CA SER F 120 -18.31 32.57 -38.37
C SER F 120 -19.14 31.36 -37.96
N ILE F 121 -18.85 30.19 -38.54
CA ILE F 121 -19.61 28.97 -38.23
C ILE F 121 -18.84 28.27 -37.12
N ASN F 122 -18.98 28.79 -35.89
CA ASN F 122 -17.97 28.54 -34.85
C ASN F 122 -18.50 27.84 -33.60
N ALA F 123 -19.64 27.14 -33.71
CA ALA F 123 -20.07 26.10 -32.77
C ALA F 123 -20.71 26.60 -31.48
N VAL F 124 -20.19 27.70 -30.90
CA VAL F 124 -20.64 28.10 -29.56
C VAL F 124 -20.64 29.60 -29.40
N HIS F 125 -21.45 30.06 -28.44
CA HIS F 125 -21.41 31.39 -27.88
C HIS F 125 -21.27 31.26 -26.37
N GLY F 126 -20.61 32.24 -25.76
CA GLY F 126 -20.60 32.36 -24.31
C GLY F 126 -20.61 33.83 -23.94
N SER F 127 -21.22 34.14 -22.80
CA SER F 127 -21.25 35.52 -22.32
C SER F 127 -19.83 36.04 -22.14
N ASP F 128 -19.64 37.34 -22.38
CA ASP F 128 -18.29 37.89 -22.37
C ASP F 128 -17.99 38.71 -21.13
N SER F 129 -18.92 38.83 -20.19
CA SER F 129 -18.68 39.54 -18.95
C SER F 129 -19.77 39.13 -17.96
N VAL F 130 -19.53 39.44 -16.68
CA VAL F 130 -20.52 39.10 -15.65
C VAL F 130 -21.81 39.87 -15.87
N GLU F 131 -21.71 41.15 -16.24
CA GLU F 131 -22.91 41.94 -16.49
C GLU F 131 -23.65 41.42 -17.72
N ASN F 132 -22.92 41.07 -18.78
CA ASN F 132 -23.59 40.51 -19.94
CA ASN F 132 -23.57 40.51 -19.96
C ASN F 132 -24.14 39.12 -19.68
N ALA F 133 -23.49 38.33 -18.82
CA ALA F 133 -24.04 37.02 -18.47
C ALA F 133 -25.42 37.16 -17.83
N ALA F 134 -25.56 38.12 -16.90
CA ALA F 134 -26.84 38.31 -16.25
C ALA F 134 -27.92 38.65 -17.27
N LEU F 135 -27.61 39.56 -18.21
CA LEU F 135 -28.58 39.93 -19.24
C LEU F 135 -28.90 38.75 -20.14
N GLU F 136 -27.88 38.00 -20.57
CA GLU F 136 -28.13 36.89 -21.49
C GLU F 136 -28.91 35.76 -20.81
N ILE F 137 -28.60 35.47 -19.54
CA ILE F 137 -29.35 34.44 -18.84
C ILE F 137 -30.82 34.86 -18.74
N ALA F 138 -31.06 36.09 -18.33
CA ALA F 138 -32.43 36.58 -18.19
C ALA F 138 -33.16 36.64 -19.53
N TYR F 139 -32.43 36.76 -20.64
CA TYR F 139 -33.09 36.78 -21.93
C TYR F 139 -33.78 35.45 -22.21
N PHE F 140 -33.10 34.34 -21.94
CA PHE F 140 -33.58 33.03 -22.32
C PHE F 140 -34.19 32.22 -21.18
N PHE F 141 -33.92 32.56 -19.92
CA PHE F 141 -34.41 31.79 -18.78
C PHE F 141 -35.09 32.68 -17.76
N SER F 142 -36.12 32.15 -17.13
CA SER F 142 -36.58 32.72 -15.86
C SER F 142 -35.70 32.19 -14.72
N GLN F 143 -35.69 32.91 -13.60
CA GLN F 143 -34.94 32.39 -12.46
C GLN F 143 -35.48 31.03 -12.03
N THR F 144 -36.79 30.81 -12.18
CA THR F 144 -37.40 29.54 -11.79
C THR F 144 -36.93 28.38 -12.66
N GLU F 145 -36.35 28.63 -13.83
CA GLU F 145 -35.82 27.54 -14.64
C GLU F 145 -34.42 27.14 -14.23
N ILE F 146 -33.76 27.93 -13.40
CA ILE F 146 -32.42 27.56 -12.94
C ILE F 146 -32.58 26.62 -11.77
N CYS F 147 -31.80 25.53 -11.77
CA CYS F 147 -31.96 24.42 -10.83
C CYS F 147 -30.69 24.32 -10.00
N PRO F 148 -30.63 24.97 -8.84
CA PRO F 148 -29.42 24.90 -8.02
CA PRO F 148 -29.42 24.91 -8.02
C PRO F 148 -29.10 23.47 -7.62
N ARG F 149 -27.82 23.21 -7.45
CA ARG F 149 -27.34 21.90 -7.01
C ARG F 149 -27.43 21.78 -5.48
N MET G 9 -14.59 21.53 26.78
CA MET G 9 -15.02 20.16 26.56
C MET G 9 -13.84 19.26 26.16
N ALA G 10 -14.00 17.95 26.37
CA ALA G 10 -12.92 17.01 26.14
C ALA G 10 -12.74 16.72 24.65
N ILE G 11 -11.51 16.36 24.29
CA ILE G 11 -11.15 16.07 22.90
C ILE G 11 -11.50 14.62 22.57
N GLU G 12 -12.29 14.42 21.53
CA GLU G 12 -12.71 13.11 21.09
C GLU G 12 -12.18 12.85 19.69
N ARG G 13 -12.24 11.57 19.28
CA ARG G 13 -12.02 11.17 17.89
C ARG G 13 -13.25 10.42 17.40
N THR G 14 -13.71 10.76 16.20
CA THR G 14 -14.90 10.16 15.62
C THR G 14 -14.60 9.85 14.17
N ILE G 15 -15.37 8.93 13.59
CA ILE G 15 -15.19 8.57 12.19
C ILE G 15 -16.18 9.36 11.33
N SER G 16 -15.71 9.74 10.15
CA SER G 16 -16.52 10.34 9.09
C SER G 16 -16.33 9.51 7.84
N ILE G 17 -17.42 9.25 7.11
CA ILE G 17 -17.33 8.64 5.79
C ILE G 17 -18.03 9.58 4.82
N ILE G 18 -17.30 10.00 3.79
CA ILE G 18 -17.91 10.69 2.67
C ILE G 18 -18.33 9.60 1.69
N LYS G 19 -19.64 9.52 1.45
CA LYS G 19 -20.27 8.39 0.78
C LYS G 19 -20.08 8.48 -0.73
N PRO G 20 -20.40 7.43 -1.47
CA PRO G 20 -20.08 7.44 -2.91
C PRO G 20 -20.79 8.53 -3.70
N ASP G 21 -21.92 9.05 -3.20
CA ASP G 21 -22.58 10.15 -3.92
C ASP G 21 -21.75 11.43 -3.85
N ALA G 22 -21.28 11.79 -2.65
CA ALA G 22 -20.50 13.02 -2.51
C ALA G 22 -19.10 12.87 -3.12
N VAL G 23 -18.49 11.68 -3.04
CA VAL G 23 -17.25 11.43 -3.77
C VAL G 23 -17.48 11.63 -5.27
N GLY G 24 -18.60 11.10 -5.79
CA GLY G 24 -18.88 11.24 -7.22
C GLY G 24 -19.19 12.67 -7.64
N LYS G 25 -19.72 13.48 -6.73
CA LYS G 25 -19.94 14.90 -6.99
C LYS G 25 -18.65 15.70 -6.91
N ASN G 26 -17.55 15.09 -6.46
CA ASN G 26 -16.27 15.77 -6.25
C ASN G 26 -16.41 16.98 -5.33
N VAL G 27 -17.01 16.76 -4.16
CA VAL G 27 -17.09 17.80 -3.15
C VAL G 27 -16.41 17.33 -1.86
N ILE G 28 -15.44 16.42 -1.99
CA ILE G 28 -14.66 15.99 -0.82
C ILE G 28 -14.04 17.20 -0.13
N GLY G 29 -13.46 18.12 -0.90
CA GLY G 29 -12.85 19.31 -0.31
C GLY G 29 -13.83 20.19 0.45
N LYS G 30 -15.01 20.44 -0.12
CA LYS G 30 -16.00 21.28 0.57
C LYS G 30 -16.39 20.66 1.91
N ILE G 31 -16.55 19.34 1.95
CA ILE G 31 -16.94 18.70 3.19
C ILE G 31 -15.79 18.74 4.19
N TYR G 32 -14.56 18.47 3.74
CA TYR G 32 -13.41 18.62 4.63
C TYR G 32 -13.37 20.01 5.25
N SER G 33 -13.60 21.04 4.43
CA SER G 33 -13.56 22.40 4.94
C SER G 33 -14.64 22.65 5.99
N ARG G 34 -15.79 21.97 5.88
CA ARG G 34 -16.81 22.11 6.92
C ARG G 34 -16.28 21.64 8.26
N PHE G 35 -15.53 20.54 8.26
CA PHE G 35 -14.89 20.07 9.49
C PHE G 35 -13.81 21.04 9.93
N GLU G 36 -12.86 21.35 9.04
CA GLU G 36 -11.69 22.11 9.45
C GLU G 36 -12.03 23.50 9.95
N GLU G 37 -13.07 24.12 9.38
CA GLU G 37 -13.48 25.46 9.81
C GLU G 37 -14.34 25.44 11.05
N ASN G 38 -14.67 24.26 11.60
CA ASN G 38 -15.48 24.16 12.79
C ASN G 38 -14.78 23.35 13.89
N GLY G 39 -13.49 23.57 14.05
CA GLY G 39 -12.79 23.05 15.21
C GLY G 39 -12.45 21.58 15.19
N LEU G 40 -12.52 20.92 14.03
CA LEU G 40 -12.13 19.53 13.91
C LEU G 40 -10.92 19.41 13.01
N LYS G 41 -10.05 18.46 13.34
CA LYS G 41 -8.82 18.21 12.60
C LYS G 41 -8.87 16.81 12.00
N ILE G 42 -8.41 16.70 10.75
CA ILE G 42 -8.25 15.40 10.10
CA ILE G 42 -8.25 15.39 10.13
C ILE G 42 -6.95 14.77 10.63
N VAL G 43 -7.06 13.65 11.32
CA VAL G 43 -5.88 12.98 11.87
C VAL G 43 -5.65 11.57 11.31
N ALA G 44 -6.55 11.06 10.47
CA ALA G 44 -6.35 9.86 9.69
C ALA G 44 -7.29 9.92 8.51
N ALA G 45 -6.87 9.39 7.36
CA ALA G 45 -7.71 9.50 6.18
C ALA G 45 -7.27 8.49 5.13
N LYS G 46 -8.25 7.92 4.42
CA LYS G 46 -7.95 7.00 3.32
CA LYS G 46 -7.92 7.11 3.25
C LYS G 46 -9.16 6.94 2.38
N MET G 47 -8.90 6.83 1.08
CA MET G 47 -9.95 6.58 0.12
C MET G 47 -10.01 5.07 -0.09
N LYS G 48 -11.22 4.53 -0.17
CA LYS G 48 -11.36 3.09 -0.17
C LYS G 48 -12.59 2.70 -0.96
N GLN G 49 -12.49 1.57 -1.67
CA GLN G 49 -13.64 0.92 -2.28
C GLN G 49 -14.12 -0.19 -1.34
N LEU G 50 -15.30 -0.01 -0.75
CA LEU G 50 -15.78 -0.99 0.22
C LEU G 50 -16.25 -2.25 -0.49
N THR G 51 -15.91 -3.39 0.09
CA THR G 51 -16.46 -4.67 -0.35
C THR G 51 -17.88 -4.84 0.20
N LEU G 52 -18.62 -5.80 -0.37
CA LEU G 52 -19.93 -6.13 0.17
CA LEU G 52 -19.93 -6.15 0.17
C LEU G 52 -19.84 -6.48 1.63
N LYS G 53 -18.90 -7.38 2.01
CA LYS G 53 -18.77 -7.81 3.39
C LYS G 53 -18.49 -6.63 4.32
N GLU G 54 -17.65 -5.69 3.87
CA GLU G 54 -17.32 -4.55 4.71
C GLU G 54 -18.53 -3.66 4.96
N ALA G 55 -19.32 -3.39 3.92
CA ALA G 55 -20.52 -2.58 4.12
C ALA G 55 -21.53 -3.31 4.98
N GLN G 56 -21.68 -4.62 4.77
CA GLN G 56 -22.65 -5.39 5.54
C GLN G 56 -22.27 -5.44 7.02
N GLU G 57 -20.99 -5.64 7.32
CA GLU G 57 -20.54 -5.71 8.71
C GLU G 57 -20.60 -4.34 9.37
N PHE G 58 -20.14 -3.30 8.67
CA PHE G 58 -20.11 -1.96 9.25
C PHE G 58 -21.51 -1.50 9.64
N TYR G 59 -22.51 -1.84 8.82
CA TYR G 59 -23.91 -1.49 9.09
C TYR G 59 -24.72 -2.68 9.61
N ALA G 60 -24.06 -3.64 10.26
CA ALA G 60 -24.77 -4.83 10.72
C ALA G 60 -25.96 -4.50 11.62
N VAL G 61 -25.91 -3.37 12.33
CA VAL G 61 -27.00 -3.01 13.23
C VAL G 61 -28.33 -2.88 12.51
N HIS G 62 -28.31 -2.63 11.19
CA HIS G 62 -29.50 -2.45 10.38
C HIS G 62 -29.88 -3.68 9.58
N LYS G 63 -29.25 -4.84 9.84
CA LYS G 63 -29.35 -5.95 8.91
C LYS G 63 -30.77 -6.51 8.78
N ASP G 64 -31.64 -6.27 9.74
CA ASP G 64 -33.02 -6.72 9.65
C ASP G 64 -33.98 -5.62 9.19
N ARG G 65 -33.45 -4.51 8.71
CA ARG G 65 -34.33 -3.43 8.29
C ARG G 65 -34.53 -3.47 6.77
N PRO G 66 -35.64 -2.93 6.27
CA PRO G 66 -35.87 -3.01 4.81
C PRO G 66 -34.88 -2.23 3.97
N PHE G 67 -34.27 -1.16 4.50
CA PHE G 67 -33.35 -0.35 3.73
C PHE G 67 -31.92 -0.92 3.68
N TYR G 68 -31.67 -2.04 4.36
CA TYR G 68 -30.33 -2.58 4.48
C TYR G 68 -29.72 -2.90 3.13
N ALA G 69 -30.41 -3.71 2.32
CA ALA G 69 -29.85 -4.14 1.05
C ALA G 69 -29.49 -2.95 0.17
N GLY G 70 -30.38 -1.96 0.11
CA GLY G 70 -30.10 -0.79 -0.70
C GLY G 70 -28.95 0.02 -0.15
N LEU G 71 -28.81 0.07 1.18
CA LEU G 71 -27.70 0.79 1.80
C LEU G 71 -26.37 0.14 1.44
N VAL G 72 -26.31 -1.19 1.53
CA VAL G 72 -25.08 -1.91 1.21
C VAL G 72 -24.73 -1.71 -0.26
N GLU G 73 -25.73 -1.75 -1.15
CA GLU G 73 -25.48 -1.55 -2.56
C GLU G 73 -25.00 -0.13 -2.85
N PHE G 74 -25.59 0.85 -2.17
CA PHE G 74 -25.14 2.24 -2.28
C PHE G 74 -23.70 2.39 -1.82
N MET G 75 -23.39 1.88 -0.63
CA MET G 75 -22.08 2.10 -0.06
C MET G 75 -20.98 1.31 -0.76
N THR G 76 -21.32 0.30 -1.55
CA THR G 76 -20.32 -0.43 -2.34
C THR G 76 -20.33 -0.02 -3.80
N GLY G 77 -21.16 0.95 -4.18
CA GLY G 77 -21.33 1.31 -5.58
C GLY G 77 -20.29 2.25 -6.16
N GLY G 78 -19.45 2.81 -5.31
CA GLY G 78 -18.36 3.68 -5.71
C GLY G 78 -17.44 3.86 -4.52
N PRO G 79 -16.27 4.47 -4.72
CA PRO G 79 -15.35 4.68 -3.59
C PRO G 79 -15.88 5.69 -2.59
N VAL G 80 -15.37 5.55 -1.36
CA VAL G 80 -15.68 6.44 -0.26
C VAL G 80 -14.39 7.09 0.24
N MET G 81 -14.55 8.17 0.97
CA MET G 81 -13.45 8.85 1.62
C MET G 81 -13.69 8.75 3.12
N ILE G 82 -12.76 8.14 3.85
CA ILE G 82 -12.93 7.84 5.26
C ILE G 82 -11.89 8.62 6.06
N GLN G 83 -12.31 9.29 7.12
CA GLN G 83 -11.34 10.03 7.92
C GLN G 83 -11.71 10.00 9.39
N VAL G 84 -10.70 10.13 10.24
CA VAL G 84 -10.88 10.31 11.67
C VAL G 84 -10.80 11.81 11.96
N LEU G 85 -11.83 12.34 12.61
CA LEU G 85 -11.91 13.74 13.00
C LEU G 85 -11.63 13.86 14.49
N GLU G 86 -10.79 14.81 14.86
CA GLU G 86 -10.42 15.00 16.25
C GLU G 86 -10.68 16.43 16.68
N GLY G 87 -11.19 16.59 17.90
CA GLY G 87 -11.49 17.92 18.42
C GLY G 87 -12.46 17.81 19.59
N GLU G 88 -12.63 18.95 20.25
CA GLU G 88 -13.55 19.02 21.40
C GLU G 88 -14.95 18.59 20.98
N ASN G 89 -15.53 17.64 21.71
CA ASN G 89 -16.91 17.22 21.46
C ASN G 89 -17.07 16.76 20.01
N ALA G 90 -16.07 16.01 19.50
CA ALA G 90 -16.01 15.73 18.08
C ALA G 90 -17.17 14.85 17.62
N VAL G 91 -17.62 13.93 18.45
CA VAL G 91 -18.66 13.00 18.04
C VAL G 91 -19.94 13.75 17.69
N LEU G 92 -20.44 14.59 18.60
CA LEU G 92 -21.66 15.33 18.34
C LEU G 92 -21.45 16.50 17.39
N LYS G 93 -20.27 17.13 17.43
CA LYS G 93 -19.99 18.23 16.51
C LYS G 93 -20.07 17.77 15.06
N ASN G 94 -19.46 16.61 14.76
CA ASN G 94 -19.55 16.03 13.42
C ASN G 94 -21.00 15.83 13.01
N ARG G 95 -21.80 15.23 13.89
CA ARG G 95 -23.21 15.00 13.60
CA ARG G 95 -23.21 15.00 13.58
C ARG G 95 -23.95 16.30 13.39
N GLU G 96 -23.62 17.33 14.18
CA GLU G 96 -24.24 18.64 13.99
C GLU G 96 -23.91 19.21 12.63
N LEU G 97 -22.65 19.07 12.19
CA LEU G 97 -22.27 19.59 10.88
C LEU G 97 -22.90 18.77 9.76
N MET G 98 -23.08 17.46 9.97
CA MET G 98 -23.70 16.62 8.94
C MET G 98 -25.13 17.05 8.67
N GLY G 99 -25.90 17.28 9.73
CA GLY G 99 -27.29 17.63 9.61
C GLY G 99 -28.19 16.41 9.62
N ALA G 100 -29.49 16.68 9.70
CA ALA G 100 -30.48 15.62 9.69
C ALA G 100 -30.39 14.82 8.40
N THR G 101 -30.77 13.54 8.46
CA THR G 101 -30.64 12.69 7.28
C THR G 101 -31.50 13.19 6.13
N ASN G 102 -32.63 13.84 6.44
CA ASN G 102 -33.51 14.33 5.38
C ASN G 102 -33.02 15.68 4.88
N PRO G 103 -32.57 15.77 3.63
CA PRO G 103 -32.05 17.03 3.09
C PRO G 103 -32.99 18.22 3.27
N THR G 104 -34.30 18.02 3.19
CA THR G 104 -35.21 19.14 3.39
C THR G 104 -35.37 19.54 4.86
N GLU G 105 -35.13 18.63 5.80
CA GLU G 105 -35.15 18.99 7.22
C GLU G 105 -33.79 19.43 7.73
N ALA G 106 -32.72 19.08 7.03
CA ALA G 106 -31.37 19.45 7.45
C ALA G 106 -31.24 20.96 7.57
N ALA G 107 -30.55 21.41 8.63
CA ALA G 107 -30.42 22.83 8.88
C ALA G 107 -29.52 23.48 7.84
N GLU G 108 -29.73 24.78 7.62
CA GLU G 108 -28.97 25.49 6.60
C GLU G 108 -27.48 25.48 6.95
N GLY G 109 -26.66 25.25 5.92
CA GLY G 109 -25.22 25.23 6.11
C GLY G 109 -24.65 23.89 6.52
N THR G 110 -25.46 22.86 6.71
CA THR G 110 -24.98 21.53 7.02
C THR G 110 -24.58 20.80 5.73
N ILE G 111 -23.87 19.69 5.91
CA ILE G 111 -23.42 18.88 4.77
C ILE G 111 -24.61 18.28 4.03
N ARG G 112 -25.60 17.79 4.76
CA ARG G 112 -26.77 17.20 4.11
C ARG G 112 -27.59 18.25 3.37
N ALA G 113 -27.74 19.44 3.96
CA ALA G 113 -28.50 20.49 3.27
C ALA G 113 -27.86 20.84 1.94
N ASP G 114 -26.54 20.81 1.88
CA ASP G 114 -25.84 21.23 0.68
C ASP G 114 -25.60 20.09 -0.32
N PHE G 115 -25.39 18.85 0.14
CA PHE G 115 -24.87 17.82 -0.74
C PHE G 115 -25.68 16.52 -0.77
N ALA G 116 -26.66 16.35 0.12
CA ALA G 116 -27.43 15.13 0.16
C ALA G 116 -28.53 15.14 -0.89
N THR G 117 -28.73 14.00 -1.55
CA THR G 117 -29.76 13.83 -2.56
C THR G 117 -31.09 13.39 -1.95
N SER G 118 -31.07 12.51 -0.96
CA SER G 118 -32.30 12.07 -0.32
C SER G 118 -31.98 11.56 1.07
N VAL G 119 -33.02 11.18 1.81
CA VAL G 119 -32.84 10.68 3.17
C VAL G 119 -31.91 9.48 3.19
N SER G 120 -31.85 8.72 2.09
CA SER G 120 -30.95 7.57 2.00
CA SER G 120 -30.97 7.56 1.96
C SER G 120 -29.67 7.88 1.24
N ILE G 121 -29.74 8.73 0.21
CA ILE G 121 -28.55 9.11 -0.55
C ILE G 121 -28.05 10.41 0.08
N ASN G 122 -27.40 10.28 1.23
CA ASN G 122 -27.28 11.41 2.16
C ASN G 122 -25.84 11.82 2.44
N ALA G 123 -24.93 11.55 1.50
CA ALA G 123 -23.60 12.17 1.43
C ALA G 123 -22.59 11.75 2.50
N VAL G 124 -23.01 11.53 3.76
CA VAL G 124 -22.03 11.31 4.83
C VAL G 124 -22.57 10.34 5.88
N HIS G 125 -21.64 9.68 6.55
CA HIS G 125 -21.87 8.97 7.80
C HIS G 125 -20.98 9.58 8.87
N GLY G 126 -21.45 9.53 10.11
CA GLY G 126 -20.62 9.85 11.24
C GLY G 126 -20.98 8.97 12.42
N SER G 127 -19.98 8.66 13.23
CA SER G 127 -20.26 7.89 14.45
C SER G 127 -21.27 8.62 15.31
N ASP G 128 -22.14 7.85 15.98
CA ASP G 128 -23.26 8.43 16.71
C ASP G 128 -23.10 8.42 18.22
N SER G 129 -21.98 7.90 18.73
CA SER G 129 -21.72 7.86 20.17
C SER G 129 -20.23 7.63 20.38
N VAL G 130 -19.76 7.93 21.59
CA VAL G 130 -18.35 7.71 21.90
C VAL G 130 -17.96 6.25 21.74
N GLU G 131 -18.83 5.33 22.18
CA GLU G 131 -18.54 3.91 22.04
C GLU G 131 -18.47 3.50 20.57
N ASN G 132 -19.47 3.92 19.80
CA ASN G 132 -19.47 3.54 18.39
CA ASN G 132 -19.51 3.58 18.38
C ASN G 132 -18.35 4.22 17.62
N ALA G 133 -17.92 5.41 18.04
CA ALA G 133 -16.77 6.03 17.38
C ALA G 133 -15.53 5.17 17.52
N ALA G 134 -15.28 4.64 18.72
CA ALA G 134 -14.11 3.79 18.92
C ALA G 134 -14.19 2.53 18.06
N LEU G 135 -15.38 1.90 18.01
CA LEU G 135 -15.55 0.70 17.20
C LEU G 135 -15.40 1.00 15.72
N GLU G 136 -15.99 2.09 15.25
CA GLU G 136 -15.94 2.38 13.83
C GLU G 136 -14.53 2.77 13.38
N ILE G 137 -13.83 3.56 14.21
CA ILE G 137 -12.43 3.89 13.89
C ILE G 137 -11.59 2.62 13.80
N ALA G 138 -11.72 1.74 14.81
CA ALA G 138 -10.96 0.51 14.80
C ALA G 138 -11.35 -0.40 13.63
N TYR G 139 -12.58 -0.26 13.12
CA TYR G 139 -12.99 -1.09 11.99
C TYR G 139 -12.15 -0.77 10.76
N PHE G 140 -11.94 0.51 10.48
CA PHE G 140 -11.30 0.93 9.24
C PHE G 140 -9.83 1.32 9.38
N PHE G 141 -9.35 1.61 10.60
CA PHE G 141 -7.98 2.05 10.82
C PHE G 141 -7.31 1.22 11.90
N SER G 142 -6.01 1.04 11.76
CA SER G 142 -5.19 0.68 12.91
C SER G 142 -4.80 1.96 13.65
N GLN G 143 -4.41 1.81 14.92
CA GLN G 143 -3.97 3.00 15.64
C GLN G 143 -2.75 3.63 15.00
N THR G 144 -1.88 2.82 14.39
CA THR G 144 -0.69 3.34 13.73
C THR G 144 -1.01 4.20 12.51
N GLU G 145 -2.23 4.13 12.00
CA GLU G 145 -2.62 5.00 10.90
C GLU G 145 -3.09 6.37 11.36
N ILE G 146 -3.28 6.56 12.65
CA ILE G 146 -3.66 7.87 13.16
C ILE G 146 -2.41 8.72 13.31
N CYS G 147 -2.50 9.98 12.89
CA CYS G 147 -1.35 10.85 12.74
C CYS G 147 -1.50 12.07 13.65
N PRO G 148 -1.03 12.00 14.89
CA PRO G 148 -1.13 13.16 15.77
C PRO G 148 -0.30 14.32 15.27
N ARG G 149 -0.79 15.52 15.56
CA ARG G 149 -0.11 16.75 15.18
C ARG G 149 0.97 17.10 16.22
N MET H 9 -3.46 15.94 -23.37
CA MET H 9 -4.62 15.39 -24.06
C MET H 9 -5.11 14.10 -23.39
N ALA H 10 -4.18 13.27 -22.94
CA ALA H 10 -4.53 12.00 -22.32
C ALA H 10 -4.96 12.20 -20.87
N ILE H 11 -5.78 11.27 -20.38
CA ILE H 11 -6.17 11.26 -18.97
C ILE H 11 -5.01 10.68 -18.18
N GLU H 12 -4.41 11.51 -17.33
CA GLU H 12 -3.24 11.17 -16.57
C GLU H 12 -3.60 11.06 -15.10
N ARG H 13 -2.67 10.47 -14.37
CA ARG H 13 -2.69 10.45 -12.91
C ARG H 13 -1.40 11.09 -12.41
N THR H 14 -1.51 11.90 -11.37
CA THR H 14 -0.33 12.55 -10.83
C THR H 14 -0.46 12.57 -9.32
N ILE H 15 0.67 12.70 -8.62
CA ILE H 15 0.65 12.72 -7.16
CA ILE H 15 0.66 12.72 -7.17
C ILE H 15 0.61 14.16 -6.68
N SER H 16 -0.06 14.36 -5.56
CA SER H 16 -0.14 15.61 -4.85
C SER H 16 0.20 15.30 -3.40
N ILE H 17 1.06 16.12 -2.80
CA ILE H 17 1.29 16.05 -1.36
C ILE H 17 0.95 17.40 -0.78
N ILE H 18 0.02 17.40 0.17
CA ILE H 18 -0.24 18.58 0.99
C ILE H 18 0.71 18.48 2.18
N LYS H 19 1.59 19.47 2.32
CA LYS H 19 2.76 19.40 3.18
C LYS H 19 2.39 19.71 4.62
N PRO H 20 3.30 19.45 5.58
CA PRO H 20 2.92 19.63 7.00
C PRO H 20 2.46 21.02 7.36
N ASP H 21 2.93 22.05 6.64
CA ASP H 21 2.49 23.42 6.92
C ASP H 21 1.00 23.59 6.60
N ALA H 22 0.57 23.12 5.44
CA ALA H 22 -0.83 23.26 5.05
C ALA H 22 -1.73 22.34 5.87
N VAL H 23 -1.30 21.11 6.12
CA VAL H 23 -2.05 20.23 7.02
C VAL H 23 -2.23 20.90 8.38
N GLY H 24 -1.16 21.48 8.91
CA GLY H 24 -1.23 22.14 10.20
C GLY H 24 -2.12 23.38 10.20
N LYS H 25 -2.27 24.02 9.04
CA LYS H 25 -3.23 25.12 8.89
C LYS H 25 -4.66 24.65 8.73
N ASN H 26 -4.89 23.34 8.61
CA ASN H 26 -6.23 22.78 8.42
C ASN H 26 -6.91 23.38 7.19
N VAL H 27 -6.18 23.39 6.08
CA VAL H 27 -6.75 23.83 4.81
C VAL H 27 -6.67 22.70 3.79
N ILE H 28 -6.72 21.46 4.25
CA ILE H 28 -6.77 20.32 3.32
C ILE H 28 -7.98 20.47 2.40
N GLY H 29 -9.14 20.80 2.96
CA GLY H 29 -10.34 20.94 2.16
C GLY H 29 -10.23 22.02 1.10
N LYS H 30 -9.70 23.18 1.47
CA LYS H 30 -9.57 24.26 0.49
C LYS H 30 -8.70 23.82 -0.68
N ILE H 31 -7.60 23.14 -0.39
CA ILE H 31 -6.71 22.68 -1.45
C ILE H 31 -7.38 21.60 -2.29
N TYR H 32 -8.03 20.63 -1.64
CA TYR H 32 -8.80 19.62 -2.37
C TYR H 32 -9.80 20.27 -3.33
N SER H 33 -10.50 21.32 -2.87
CA SER H 33 -11.50 21.96 -3.74
C SER H 33 -10.87 22.65 -4.94
N ARG H 34 -9.63 23.14 -4.81
CA ARG H 34 -8.94 23.68 -5.99
C ARG H 34 -8.76 22.62 -7.06
N PHE H 35 -8.42 21.39 -6.65
CA PHE H 35 -8.35 20.29 -7.60
C PHE H 35 -9.71 19.97 -8.18
N GLU H 36 -10.69 19.75 -7.29
CA GLU H 36 -11.99 19.24 -7.72
C GLU H 36 -12.74 20.25 -8.58
N GLU H 37 -12.64 21.54 -8.25
CA GLU H 37 -13.34 22.58 -9.00
CA GLU H 37 -13.36 22.54 -9.01
C GLU H 37 -12.71 22.86 -10.34
N ASN H 38 -11.58 22.21 -10.66
N ASN H 38 -11.54 22.30 -10.62
CA ASN H 38 -10.84 22.46 -11.89
CA ASN H 38 -11.02 22.30 -11.96
C ASN H 38 -10.53 21.15 -12.62
C ASN H 38 -11.18 20.89 -12.51
N GLY H 39 -11.48 20.21 -12.62
N GLY H 39 -10.26 20.45 -13.35
CA GLY H 39 -11.40 19.02 -13.43
CA GLY H 39 -10.49 19.17 -13.98
C GLY H 39 -10.97 17.74 -12.72
C GLY H 39 -9.83 17.97 -13.32
N LEU H 40 -9.88 17.83 -11.98
CA LEU H 40 -9.25 16.69 -11.34
C LEU H 40 -10.13 15.97 -10.31
N LYS H 41 -10.00 14.65 -10.28
CA LYS H 41 -10.69 13.81 -9.31
C LYS H 41 -9.68 13.08 -8.42
N ILE H 42 -10.01 12.99 -7.13
CA ILE H 42 -9.18 12.24 -6.19
CA ILE H 42 -9.20 12.24 -6.17
C ILE H 42 -9.52 10.77 -6.30
N VAL H 43 -8.54 9.96 -6.70
CA VAL H 43 -8.75 8.53 -6.90
C VAL H 43 -7.91 7.68 -5.96
N ALA H 44 -7.01 8.28 -5.19
CA ALA H 44 -6.41 7.60 -4.05
C ALA H 44 -6.00 8.68 -3.06
N ALA H 45 -5.97 8.33 -1.77
CA ALA H 45 -5.65 9.34 -0.77
C ALA H 45 -5.31 8.67 0.55
N LYS H 46 -4.33 9.23 1.26
CA LYS H 46 -4.04 8.77 2.62
C LYS H 46 -3.30 9.85 3.38
N MET H 47 -3.61 9.98 4.67
CA MET H 47 -2.80 10.80 5.56
C MET H 47 -1.69 9.95 6.15
N LYS H 48 -0.49 10.52 6.19
CA LYS H 48 0.68 9.74 6.56
C LYS H 48 1.70 10.62 7.24
N GLN H 49 2.43 10.03 8.21
CA GLN H 49 3.56 10.68 8.84
C GLN H 49 4.83 10.12 8.17
N LEU H 50 5.53 10.95 7.41
CA LEU H 50 6.70 10.47 6.67
C LEU H 50 7.85 10.17 7.62
N THR H 51 8.55 9.07 7.35
CA THR H 51 9.79 8.80 8.05
C THR H 51 10.92 9.58 7.40
N LEU H 52 12.02 9.72 8.14
CA LEU H 52 13.22 10.34 7.59
C LEU H 52 13.62 9.69 6.28
N LYS H 53 13.67 8.35 6.25
CA LYS H 53 14.10 7.66 5.04
C LYS H 53 13.12 7.86 3.89
N GLU H 54 11.83 7.93 4.18
CA GLU H 54 10.85 8.16 3.11
C GLU H 54 11.04 9.53 2.47
N ALA H 55 11.25 10.57 3.26
CA ALA H 55 11.46 11.89 2.67
C ALA H 55 12.80 11.96 1.95
N GLN H 56 13.83 11.33 2.50
CA GLN H 56 15.13 11.30 1.83
C GLN H 56 15.03 10.59 0.49
N GLU H 57 14.31 9.48 0.44
CA GLU H 57 14.21 8.72 -0.81
C GLU H 57 13.30 9.43 -1.81
N PHE H 58 12.18 9.98 -1.34
CA PHE H 58 11.26 10.65 -2.24
C PHE H 58 11.94 11.84 -2.89
N TYR H 59 12.78 12.55 -2.15
CA TYR H 59 13.47 13.73 -2.64
C TYR H 59 14.95 13.47 -2.95
N ALA H 60 15.31 12.21 -3.22
CA ALA H 60 16.69 11.83 -3.51
C ALA H 60 17.33 12.64 -4.63
N VAL H 61 16.52 13.21 -5.54
CA VAL H 61 17.07 14.01 -6.64
C VAL H 61 17.79 15.24 -6.10
N HIS H 62 17.42 15.72 -4.91
CA HIS H 62 18.03 16.90 -4.33
C HIS H 62 19.09 16.55 -3.28
N LYS H 63 19.52 15.29 -3.20
CA LYS H 63 20.33 14.86 -2.07
C LYS H 63 21.68 15.57 -2.01
N ASP H 64 22.16 16.17 -3.10
CA ASP H 64 23.41 16.90 -3.07
C ASP H 64 23.20 18.41 -3.11
N ARG H 65 21.98 18.88 -2.75
CA ARG H 65 21.62 20.30 -2.74
C ARG H 65 21.70 20.85 -1.32
N PRO H 66 22.02 22.13 -1.16
CA PRO H 66 22.15 22.69 0.20
C PRO H 66 20.85 22.67 1.00
N PHE H 67 19.70 22.75 0.34
CA PHE H 67 18.41 22.80 1.02
C PHE H 67 17.86 21.41 1.35
N TYR H 68 18.59 20.34 1.00
CA TYR H 68 18.06 18.99 1.14
C TYR H 68 17.72 18.66 2.59
N ALA H 69 18.63 18.97 3.51
CA ALA H 69 18.43 18.60 4.91
C ALA H 69 17.23 19.34 5.50
N GLY H 70 17.08 20.63 5.18
CA GLY H 70 15.93 21.38 5.68
C GLY H 70 14.63 20.91 5.07
N LEU H 71 14.66 20.52 3.79
CA LEU H 71 13.48 19.96 3.13
C LEU H 71 13.05 18.67 3.79
N VAL H 72 14.01 17.78 4.05
CA VAL H 72 13.71 16.51 4.71
C VAL H 72 13.16 16.75 6.10
N GLU H 73 13.77 17.67 6.84
CA GLU H 73 13.27 18.03 8.16
C GLU H 73 11.85 18.58 8.07
N PHE H 74 11.62 19.55 7.18
CA PHE H 74 10.29 20.12 7.03
C PHE H 74 9.26 19.04 6.70
N MET H 75 9.56 18.18 5.73
CA MET H 75 8.59 17.18 5.27
C MET H 75 8.34 16.06 6.28
N THR H 76 9.11 15.97 7.35
CA THR H 76 8.87 14.97 8.38
C THR H 76 8.48 15.56 9.72
N GLY H 77 8.33 16.89 9.82
CA GLY H 77 8.02 17.52 11.09
C GLY H 77 6.57 17.45 11.49
N GLY H 78 5.72 16.91 10.62
CA GLY H 78 4.30 16.79 10.85
C GLY H 78 3.69 15.98 9.73
N PRO H 79 2.46 15.49 9.91
CA PRO H 79 1.87 14.61 8.90
C PRO H 79 1.53 15.37 7.62
N VAL H 80 1.41 14.60 6.55
CA VAL H 80 1.06 15.09 5.22
C VAL H 80 -0.20 14.38 4.76
N MET H 81 -0.83 14.96 3.73
CA MET H 81 -1.96 14.36 3.04
C MET H 81 -1.51 14.09 1.60
N ILE H 82 -1.56 12.81 1.18
CA ILE H 82 -1.07 12.38 -0.12
C ILE H 82 -2.25 11.87 -0.94
N GLN H 83 -2.36 12.31 -2.19
CA GLN H 83 -3.48 11.90 -3.02
C GLN H 83 -3.02 11.73 -4.46
N VAL H 84 -3.68 10.82 -5.17
CA VAL H 84 -3.53 10.69 -6.62
C VAL H 84 -4.67 11.44 -7.29
N LEU H 85 -4.32 12.36 -8.18
CA LEU H 85 -5.29 13.17 -8.92
C LEU H 85 -5.37 12.68 -10.35
N GLU H 86 -6.60 12.50 -10.85
CA GLU H 86 -6.81 11.96 -12.19
C GLU H 86 -7.57 12.96 -13.05
N GLY H 87 -7.15 13.09 -14.30
CA GLY H 87 -7.83 13.94 -15.25
C GLY H 87 -6.96 14.20 -16.46
N GLU H 88 -7.59 14.78 -17.48
CA GLU H 88 -6.85 15.17 -18.67
C GLU H 88 -5.75 16.15 -18.28
N ASN H 89 -4.53 15.88 -18.72
CA ASN H 89 -3.41 16.80 -18.50
C ASN H 89 -3.16 17.02 -17.01
N ALA H 90 -3.35 15.97 -16.20
CA ALA H 90 -3.37 16.13 -14.75
C ALA H 90 -2.02 16.58 -14.20
N VAL H 91 -0.91 16.10 -14.78
CA VAL H 91 0.40 16.49 -14.29
C VAL H 91 0.55 18.01 -14.34
N LEU H 92 0.23 18.61 -15.50
CA LEU H 92 0.39 20.03 -15.69
C LEU H 92 -0.70 20.84 -15.00
N LYS H 93 -1.94 20.36 -15.01
CA LYS H 93 -3.02 21.09 -14.34
C LYS H 93 -2.75 21.22 -12.86
N ASN H 94 -2.23 20.15 -12.24
CA ASN H 94 -1.85 20.19 -10.84
C ASN H 94 -0.80 21.26 -10.58
N ARG H 95 0.25 21.29 -11.41
CA ARG H 95 1.31 22.27 -11.24
CA ARG H 95 1.30 22.28 -11.20
C ARG H 95 0.79 23.70 -11.44
N GLU H 96 -0.14 23.86 -12.36
CA GLU H 96 -0.72 25.19 -12.59
C GLU H 96 -1.55 25.63 -11.39
N LEU H 97 -2.33 24.72 -10.80
CA LEU H 97 -3.11 25.06 -9.61
C LEU H 97 -2.21 25.31 -8.40
N MET H 98 -1.08 24.61 -8.30
CA MET H 98 -0.16 24.85 -7.20
C MET H 98 0.45 26.24 -7.25
N GLY H 99 0.80 26.71 -8.45
CA GLY H 99 1.48 27.98 -8.61
C GLY H 99 2.98 27.85 -8.37
N ALA H 100 3.67 28.97 -8.63
CA ALA H 100 5.12 29.01 -8.51
C ALA H 100 5.55 28.81 -7.05
N THR H 101 6.76 28.27 -6.87
CA THR H 101 7.25 27.91 -5.55
C THR H 101 7.29 29.12 -4.62
N ASN H 102 7.74 30.27 -5.13
CA ASN H 102 7.78 31.47 -4.32
C ASN H 102 6.40 32.12 -4.28
N PRO H 103 5.74 32.14 -3.13
CA PRO H 103 4.35 32.66 -3.07
C PRO H 103 4.22 34.12 -3.49
N THR H 104 5.31 34.89 -3.51
CA THR H 104 5.24 36.25 -4.03
C THR H 104 5.21 36.28 -5.56
N GLU H 105 5.60 35.19 -6.22
CA GLU H 105 5.54 35.07 -7.67
C GLU H 105 4.40 34.19 -8.16
N ALA H 106 3.71 33.49 -7.26
CA ALA H 106 2.60 32.64 -7.67
C ALA H 106 1.42 33.48 -8.11
N ALA H 107 0.74 33.01 -9.16
CA ALA H 107 -0.43 33.71 -9.66
C ALA H 107 -1.52 33.77 -8.60
N GLU H 108 -2.37 34.79 -8.70
CA GLU H 108 -3.51 34.91 -7.81
C GLU H 108 -4.38 33.68 -7.92
N GLY H 109 -4.95 33.27 -6.78
CA GLY H 109 -5.80 32.09 -6.79
C GLY H 109 -5.10 30.76 -6.90
N THR H 110 -3.76 30.73 -6.87
CA THR H 110 -3.09 29.45 -6.78
C THR H 110 -2.99 28.98 -5.32
N ILE H 111 -2.61 27.72 -5.15
CA ILE H 111 -2.50 27.15 -3.81
C ILE H 111 -1.41 27.86 -3.02
N ARG H 112 -0.25 28.09 -3.65
CA ARG H 112 0.85 28.72 -2.92
C ARG H 112 0.61 30.20 -2.69
N ALA H 113 -0.10 30.87 -3.60
CA ALA H 113 -0.44 32.26 -3.32
C ALA H 113 -1.27 32.38 -2.05
N ASP H 114 -2.17 31.43 -1.83
CA ASP H 114 -3.10 31.52 -0.71
C ASP H 114 -2.58 30.84 0.55
N PHE H 115 -1.70 29.84 0.43
CA PHE H 115 -1.39 29.01 1.58
C PHE H 115 0.10 28.78 1.84
N ALA H 116 1.00 29.25 0.96
CA ALA H 116 2.43 29.03 1.16
C ALA H 116 3.01 30.12 2.06
N THR H 117 3.90 29.71 2.97
CA THR H 117 4.57 30.65 3.86
C THR H 117 5.80 31.26 3.19
N SER H 118 6.59 30.46 2.49
CA SER H 118 7.79 30.94 1.83
C SER H 118 8.12 30.01 0.67
N VAL H 119 9.24 30.30 -0.01
CA VAL H 119 9.64 29.50 -1.16
C VAL H 119 9.91 28.05 -0.76
N SER H 120 10.27 27.80 0.50
CA SER H 120 10.53 26.46 1.00
CA SER H 120 10.52 26.46 0.99
C SER H 120 9.34 25.87 1.74
N ILE H 121 8.68 26.64 2.60
CA ILE H 121 7.49 26.19 3.33
C ILE H 121 6.32 26.50 2.41
N ASN H 122 6.13 25.66 1.39
CA ASN H 122 5.37 26.06 0.22
C ASN H 122 4.13 25.19 -0.03
N ALA H 123 3.62 24.55 1.02
CA ALA H 123 2.26 24.00 1.08
C ALA H 123 2.02 22.73 0.27
N VAL H 124 2.58 22.58 -0.93
CA VAL H 124 2.22 21.46 -1.79
C VAL H 124 3.43 20.96 -2.59
N HIS H 125 3.38 19.68 -2.93
CA HIS H 125 4.21 19.07 -3.97
C HIS H 125 3.29 18.50 -5.04
N GLY H 126 3.80 18.46 -6.28
CA GLY H 126 3.12 17.74 -7.35
C GLY H 126 4.16 17.17 -8.30
N SER H 127 3.82 16.04 -8.91
CA SER H 127 4.75 15.41 -9.84
C SER H 127 5.01 16.35 -11.00
N ASP H 128 6.23 16.30 -11.54
CA ASP H 128 6.61 17.26 -12.57
C ASP H 128 6.68 16.67 -13.97
N SER H 129 6.46 15.36 -14.13
CA SER H 129 6.34 14.76 -15.45
C SER H 129 5.48 13.51 -15.34
N VAL H 130 5.03 13.01 -16.49
CA VAL H 130 4.30 11.75 -16.50
C VAL H 130 5.18 10.61 -15.98
N GLU H 131 6.46 10.60 -16.38
CA GLU H 131 7.37 9.55 -15.91
C GLU H 131 7.57 9.62 -14.40
N ASN H 132 7.81 10.84 -13.89
CA ASN H 132 8.00 10.98 -12.46
CA ASN H 132 7.99 11.03 -12.46
C ASN H 132 6.71 10.76 -11.69
N ALA H 133 5.55 11.08 -12.29
CA ALA H 133 4.28 10.80 -11.62
C ALA H 133 4.09 9.31 -11.39
N ALA H 134 4.43 8.48 -12.39
CA ALA H 134 4.30 7.04 -12.22
C ALA H 134 5.18 6.55 -11.08
N LEU H 135 6.43 7.04 -11.02
CA LEU H 135 7.33 6.63 -9.95
C LEU H 135 6.85 7.11 -8.59
N GLU H 136 6.35 8.36 -8.53
CA GLU H 136 5.96 8.92 -7.25
C GLU H 136 4.70 8.25 -6.71
N ILE H 137 3.74 7.95 -7.59
CA ILE H 137 2.55 7.22 -7.17
C ILE H 137 2.92 5.83 -6.63
N ALA H 138 3.78 5.12 -7.37
CA ALA H 138 4.18 3.79 -6.92
C ALA H 138 4.98 3.84 -5.62
N TYR H 139 5.59 4.98 -5.32
CA TYR H 139 6.35 5.05 -4.08
C TYR H 139 5.42 4.99 -2.87
N PHE H 140 4.27 5.67 -2.95
CA PHE H 140 3.39 5.81 -1.79
C PHE H 140 2.17 4.91 -1.82
N PHE H 141 1.81 4.37 -2.99
CA PHE H 141 0.58 3.62 -3.18
C PHE H 141 0.86 2.33 -3.93
N SER H 142 0.17 1.27 -3.54
CA SER H 142 0.06 0.12 -4.45
C SER H 142 -1.04 0.43 -5.47
N GLN H 143 -0.99 -0.29 -6.59
CA GLN H 143 -2.06 -0.10 -7.58
C GLN H 143 -3.42 -0.45 -6.99
N THR H 144 -3.47 -1.42 -6.07
CA THR H 144 -4.73 -1.80 -5.44
C THR H 144 -5.31 -0.71 -4.54
N GLU H 145 -4.53 0.33 -4.21
CA GLU H 145 -5.08 1.42 -3.41
C GLU H 145 -5.76 2.47 -4.25
N ILE H 146 -5.55 2.44 -5.55
CA ILE H 146 -6.20 3.38 -6.43
C ILE H 146 -7.63 2.91 -6.65
N CYS H 147 -8.58 3.84 -6.61
CA CYS H 147 -10.01 3.53 -6.62
C CYS H 147 -10.64 4.18 -7.84
N PRO H 148 -10.70 3.50 -8.97
CA PRO H 148 -11.33 4.09 -10.16
CA PRO H 148 -11.33 4.10 -10.16
C PRO H 148 -12.80 4.41 -9.91
N ARG H 149 -13.27 5.45 -10.57
CA ARG H 149 -14.65 5.88 -10.42
C ARG H 149 -15.60 5.00 -11.24
N ALA I 10 23.01 -10.74 -9.61
CA ALA I 10 22.53 -9.45 -9.11
C ALA I 10 21.35 -9.61 -8.15
N ILE I 11 21.28 -8.74 -7.16
CA ILE I 11 20.25 -8.83 -6.11
C ILE I 11 18.94 -8.31 -6.66
N GLU I 12 17.92 -9.17 -6.64
CA GLU I 12 16.64 -8.90 -7.24
C GLU I 12 15.56 -8.99 -6.17
N ARG I 13 14.40 -8.44 -6.49
CA ARG I 13 13.19 -8.65 -5.72
C ARG I 13 12.14 -9.25 -6.63
N THR I 14 11.40 -10.23 -6.11
CA THR I 14 10.36 -10.87 -6.87
C THR I 14 9.14 -11.02 -5.97
N ILE I 15 7.97 -11.21 -6.59
CA ILE I 15 6.77 -11.41 -5.79
C ILE I 15 6.50 -12.90 -5.69
N SER I 16 5.95 -13.29 -4.55
CA SER I 16 5.46 -14.62 -4.29
C SER I 16 4.05 -14.50 -3.77
N ILE I 17 3.15 -15.36 -4.23
CA ILE I 17 1.81 -15.45 -3.65
C ILE I 17 1.61 -16.88 -3.20
N ILE I 18 1.31 -17.07 -1.93
CA ILE I 18 0.82 -18.35 -1.44
C ILE I 18 -0.70 -18.34 -1.62
N LYS I 19 -1.20 -19.28 -2.43
CA LYS I 19 -2.56 -19.24 -2.94
C LYS I 19 -3.54 -19.78 -1.89
N PRO I 20 -4.86 -19.63 -2.13
CA PRO I 20 -5.83 -20.00 -1.08
C PRO I 20 -5.79 -21.45 -0.68
N ASP I 21 -5.40 -22.36 -1.59
CA ASP I 21 -5.26 -23.76 -1.21
C ASP I 21 -4.21 -23.95 -0.13
N ALA I 22 -3.02 -23.37 -0.32
CA ALA I 22 -1.95 -23.56 0.65
C ALA I 22 -2.20 -22.78 1.93
N VAL I 23 -2.83 -21.60 1.83
CA VAL I 23 -3.22 -20.88 3.03
C VAL I 23 -4.22 -21.68 3.84
N GLY I 24 -5.19 -22.30 3.16
CA GLY I 24 -6.18 -23.13 3.83
C GLY I 24 -5.60 -24.41 4.41
N LYS I 25 -4.50 -24.90 3.85
CA LYS I 25 -3.77 -26.05 4.40
C LYS I 25 -2.90 -25.68 5.61
N ASN I 26 -2.77 -24.39 5.91
CA ASN I 26 -1.89 -23.90 6.99
C ASN I 26 -0.46 -24.38 6.81
N VAL I 27 0.09 -24.12 5.62
CA VAL I 27 1.48 -24.46 5.34
C VAL I 27 2.22 -23.21 4.89
N ILE I 28 1.74 -22.03 5.31
CA ILE I 28 2.48 -20.80 5.02
C ILE I 28 3.91 -20.92 5.55
N GLY I 29 4.07 -21.39 6.78
CA GLY I 29 5.41 -21.48 7.36
C GLY I 29 6.34 -22.40 6.59
N LYS I 30 5.84 -23.55 6.16
CA LYS I 30 6.69 -24.49 5.43
C LYS I 30 7.15 -23.89 4.10
N ILE I 31 6.27 -23.15 3.45
CA ILE I 31 6.64 -22.52 2.19
C ILE I 31 7.64 -21.40 2.44
N TYR I 32 7.37 -20.57 3.44
CA TYR I 32 8.33 -19.55 3.85
C TYR I 32 9.71 -20.14 4.11
N SER I 33 9.76 -21.28 4.80
CA SER I 33 11.06 -21.88 5.09
C SER I 33 11.77 -22.33 3.82
N ARG I 34 11.03 -22.77 2.80
CA ARG I 34 11.64 -23.12 1.53
C ARG I 34 12.40 -21.93 0.94
N PHE I 35 11.78 -20.75 0.97
CA PHE I 35 12.47 -19.53 0.55
C PHE I 35 13.67 -19.26 1.45
N GLU I 36 13.44 -19.26 2.77
CA GLU I 36 14.44 -18.74 3.69
C GLU I 36 15.66 -19.63 3.76
N GLU I 37 15.47 -20.95 3.68
CA GLU I 37 16.58 -21.90 3.75
CA GLU I 37 16.57 -21.91 3.75
C GLU I 37 17.30 -22.04 2.42
N ASN I 38 16.90 -21.26 1.42
N ASN I 38 16.84 -21.34 1.40
CA ASN I 38 17.58 -21.26 0.13
CA ASN I 38 17.66 -21.14 0.24
C ASN I 38 17.96 -19.83 -0.26
C ASN I 38 18.07 -19.67 0.24
N GLY I 39 18.21 -18.97 0.73
N GLY I 39 18.21 -19.07 -0.92
CA GLY I 39 18.88 -17.70 0.53
CA GLY I 39 18.79 -17.75 -0.93
C GLY I 39 17.98 -16.49 0.48
C GLY I 39 17.85 -16.59 -0.87
N LEU I 40 16.77 -16.64 -0.07
CA LEU I 40 15.79 -15.56 -0.14
C LEU I 40 15.35 -15.04 1.22
N LYS I 41 15.17 -13.72 1.29
CA LYS I 41 14.68 -13.05 2.48
C LYS I 41 13.33 -12.39 2.20
N ILE I 42 12.41 -12.53 3.16
N ILE I 42 12.44 -12.45 3.19
CA ILE I 42 11.16 -11.79 3.14
CA ILE I 42 11.13 -11.81 3.08
C ILE I 42 11.48 -10.33 3.42
C ILE I 42 11.27 -10.34 3.48
N VAL I 43 11.06 -9.44 2.53
CA VAL I 43 11.25 -8.01 2.74
C VAL I 43 9.97 -7.20 2.69
N ALA I 44 8.84 -7.82 2.33
CA ALA I 44 7.53 -7.24 2.50
C ALA I 44 6.56 -8.41 2.53
N ALA I 45 5.42 -8.24 3.21
CA ALA I 45 4.49 -9.36 3.34
C ALA I 45 3.15 -8.84 3.86
N LYS I 46 2.07 -9.41 3.32
CA LYS I 46 0.72 -9.09 3.81
C LYS I 46 -0.22 -10.23 3.45
N MET I 47 -1.11 -10.56 4.38
CA MET I 47 -2.23 -11.44 4.08
C MET I 47 -3.38 -10.59 3.56
N LYS I 48 -4.05 -11.09 2.53
CA LYS I 48 -5.03 -10.28 1.83
C LYS I 48 -6.09 -11.18 1.21
N GLN I 49 -7.33 -10.69 1.19
CA GLN I 49 -8.41 -11.32 0.47
C GLN I 49 -8.54 -10.60 -0.87
N LEU I 50 -8.24 -11.29 -1.97
CA LEU I 50 -8.30 -10.64 -3.27
C LEU I 50 -9.73 -10.39 -3.70
N THR I 51 -9.97 -9.22 -4.27
CA THR I 51 -11.24 -8.96 -4.93
C THR I 51 -11.23 -9.57 -6.33
N LEU I 52 -12.43 -9.74 -6.88
CA LEU I 52 -12.58 -10.20 -8.26
C LEU I 52 -11.73 -9.35 -9.20
N LYS I 53 -11.85 -8.03 -9.10
CA LYS I 53 -11.12 -7.14 -10.00
C LYS I 53 -9.62 -7.28 -9.81
N GLU I 54 -9.17 -7.45 -8.56
CA GLU I 54 -7.74 -7.60 -8.33
C GLU I 54 -7.21 -8.88 -8.97
N ALA I 55 -7.93 -9.99 -8.84
CA ALA I 55 -7.47 -11.23 -9.48
C ALA I 55 -7.53 -11.09 -10.99
N GLN I 56 -8.59 -10.46 -11.52
CA GLN I 56 -8.69 -10.28 -12.96
C GLN I 56 -7.56 -9.42 -13.49
N GLU I 57 -7.24 -8.33 -12.79
CA GLU I 57 -6.20 -7.42 -13.25
C GLU I 57 -4.81 -8.03 -13.10
N PHE I 58 -4.55 -8.69 -11.98
CA PHE I 58 -3.23 -9.27 -11.76
C PHE I 58 -2.91 -10.31 -12.84
N TYR I 59 -3.92 -11.09 -13.24
CA TYR I 59 -3.75 -12.13 -14.25
C TYR I 59 -4.32 -11.73 -15.60
N ALA I 60 -4.30 -10.43 -15.93
CA ALA I 60 -4.91 -9.96 -17.16
C ALA I 60 -4.23 -10.55 -18.40
N VAL I 61 -2.96 -10.91 -18.30
CA VAL I 61 -2.28 -11.55 -19.42
C VAL I 61 -2.99 -12.82 -19.87
N HIS I 62 -3.78 -13.44 -18.99
CA HIS I 62 -4.49 -14.66 -19.33
C HIS I 62 -5.96 -14.42 -19.69
N LYS I 63 -6.37 -13.16 -19.89
CA LYS I 63 -7.80 -12.86 -19.94
C LYS I 63 -8.52 -13.57 -21.07
N ASP I 64 -7.82 -13.96 -22.14
CA ASP I 64 -8.47 -14.64 -23.25
C ASP I 64 -8.25 -16.14 -23.23
N ARG I 65 -7.53 -16.67 -22.22
CA ARG I 65 -7.30 -18.09 -22.05
C ARG I 65 -8.54 -18.77 -21.46
N PRO I 66 -8.75 -20.05 -21.75
CA PRO I 66 -9.97 -20.73 -21.27
C PRO I 66 -9.98 -20.97 -19.76
N PHE I 67 -8.82 -20.98 -19.10
CA PHE I 67 -8.75 -21.22 -17.67
C PHE I 67 -8.91 -19.96 -16.84
N TYR I 68 -9.07 -18.79 -17.48
CA TYR I 68 -9.00 -17.52 -16.79
C TYR I 68 -10.09 -17.36 -15.74
N ALA I 69 -11.33 -17.72 -16.09
CA ALA I 69 -12.42 -17.56 -15.15
C ALA I 69 -12.22 -18.44 -13.93
N GLY I 70 -11.78 -19.68 -14.13
CA GLY I 70 -11.54 -20.57 -13.02
C GLY I 70 -10.34 -20.17 -12.18
N LEU I 71 -9.32 -19.60 -12.82
CA LEU I 71 -8.19 -19.06 -12.07
C LEU I 71 -8.63 -17.93 -11.16
N VAL I 72 -9.46 -17.03 -11.67
CA VAL I 72 -9.93 -15.89 -10.88
C VAL I 72 -10.82 -16.36 -9.73
N GLU I 73 -11.69 -17.34 -9.97
CA GLU I 73 -12.51 -17.88 -8.88
C GLU I 73 -11.65 -18.51 -7.80
N PHE I 74 -10.71 -19.37 -8.20
CA PHE I 74 -9.77 -19.97 -7.28
C PHE I 74 -9.04 -18.91 -6.46
N MET I 75 -8.54 -17.88 -7.12
CA MET I 75 -7.68 -16.92 -6.43
C MET I 75 -8.46 -15.98 -5.52
N THR I 76 -9.79 -15.98 -5.58
CA THR I 76 -10.64 -15.16 -4.71
C THR I 76 -11.44 -16.00 -3.73
N GLY I 77 -11.32 -17.33 -3.77
CA GLY I 77 -12.13 -18.18 -2.91
C GLY I 77 -11.71 -18.17 -1.45
N GLY I 78 -10.51 -17.69 -1.15
CA GLY I 78 -10.03 -17.59 0.20
C GLY I 78 -8.84 -16.64 0.22
N PRO I 79 -8.36 -16.29 1.41
CA PRO I 79 -7.25 -15.35 1.50
C PRO I 79 -5.94 -15.94 0.96
N VAL I 80 -5.03 -15.04 0.58
CA VAL I 80 -3.71 -15.40 0.09
C VAL I 80 -2.69 -14.70 0.99
N MET I 81 -1.46 -15.18 0.92
CA MET I 81 -0.33 -14.54 1.57
C MET I 81 0.62 -14.05 0.48
N ILE I 82 0.89 -12.75 0.46
CA ILE I 82 1.72 -12.13 -0.59
C ILE I 82 3.00 -11.61 0.05
N GLN I 83 4.14 -11.86 -0.60
CA GLN I 83 5.39 -11.36 -0.05
C GLN I 83 6.36 -11.02 -1.18
N VAL I 84 7.24 -10.07 -0.89
CA VAL I 84 8.38 -9.77 -1.76
C VAL I 84 9.58 -10.52 -1.23
N LEU I 85 10.25 -11.27 -2.11
CA LEU I 85 11.43 -12.03 -1.77
C LEU I 85 12.64 -11.34 -2.37
N GLU I 86 13.70 -11.19 -1.58
CA GLU I 86 14.91 -10.50 -2.01
C GLU I 86 16.11 -11.45 -1.98
N GLY I 87 16.96 -11.37 -2.99
CA GLY I 87 18.19 -12.13 -3.00
C GLY I 87 18.80 -12.15 -4.38
N GLU I 88 20.03 -12.65 -4.44
CA GLU I 88 20.66 -12.81 -5.75
C GLU I 88 19.83 -13.77 -6.59
N ASN I 89 19.58 -13.40 -7.85
CA ASN I 89 18.84 -14.25 -8.78
C ASN I 89 17.45 -14.60 -8.25
N ALA I 90 16.81 -13.68 -7.51
CA ALA I 90 15.60 -14.03 -6.77
C ALA I 90 14.47 -14.49 -7.68
N VAL I 91 14.33 -13.87 -8.85
CA VAL I 91 13.22 -14.22 -9.73
C VAL I 91 13.31 -15.68 -10.14
N LEU I 92 14.47 -16.09 -10.66
CA LEU I 92 14.63 -17.48 -11.10
C LEU I 92 14.67 -18.44 -9.92
N LYS I 93 15.30 -18.05 -8.82
CA LYS I 93 15.40 -18.93 -7.66
C LYS I 93 14.02 -19.24 -7.09
N ASN I 94 13.16 -18.22 -6.96
CA ASN I 94 11.78 -18.45 -6.56
C ASN I 94 11.10 -19.47 -7.46
N ARG I 95 11.24 -19.30 -8.79
CA ARG I 95 10.61 -20.22 -9.72
CA ARG I 95 10.59 -20.23 -9.70
C ARG I 95 11.13 -21.65 -9.53
N GLU I 96 12.43 -21.78 -9.30
CA GLU I 96 13.01 -23.12 -9.12
C GLU I 96 12.47 -23.76 -7.84
N LEU I 97 12.31 -22.97 -6.78
CA LEU I 97 11.78 -23.49 -5.53
C LEU I 97 10.31 -23.86 -5.67
N MET I 98 9.55 -23.08 -6.46
CA MET I 98 8.15 -23.42 -6.71
C MET I 98 8.04 -24.76 -7.43
N GLY I 99 8.86 -24.98 -8.45
CA GLY I 99 8.77 -26.19 -9.24
C GLY I 99 7.73 -26.09 -10.34
N ALA I 100 7.67 -27.15 -11.15
CA ALA I 100 6.74 -27.17 -12.28
C ALA I 100 5.30 -27.09 -11.80
N THR I 101 4.43 -26.53 -12.64
CA THR I 101 3.05 -26.29 -12.21
C THR I 101 2.33 -27.60 -11.90
N ASN I 102 2.58 -28.65 -12.67
CA ASN I 102 1.99 -29.95 -12.39
C ASN I 102 2.78 -30.63 -11.27
N PRO I 103 2.18 -30.87 -10.10
CA PRO I 103 2.96 -31.43 -8.98
C PRO I 103 3.62 -32.76 -9.29
N THR I 104 3.03 -33.57 -10.17
CA THR I 104 3.65 -34.84 -10.54
C THR I 104 4.97 -34.61 -11.30
N GLU I 105 5.05 -33.52 -12.06
CA GLU I 105 6.25 -33.16 -12.79
C GLU I 105 7.23 -32.36 -11.96
N ALA I 106 6.80 -31.79 -10.84
CA ALA I 106 7.67 -30.95 -10.05
C ALA I 106 8.81 -31.75 -9.45
N ALA I 107 9.99 -31.13 -9.38
CA ALA I 107 11.18 -31.79 -8.85
C ALA I 107 11.04 -32.04 -7.36
N GLU I 108 11.83 -33.00 -6.88
CA GLU I 108 11.91 -33.29 -5.45
C GLU I 108 12.22 -32.02 -4.67
N GLY I 109 11.54 -31.83 -3.54
CA GLY I 109 11.83 -30.72 -2.67
C GLY I 109 11.26 -29.38 -3.08
N THR I 110 10.45 -29.33 -4.14
CA THR I 110 9.84 -28.06 -4.51
C THR I 110 8.53 -27.84 -3.76
N ILE I 111 8.04 -26.60 -3.80
CA ILE I 111 6.76 -26.27 -3.16
C ILE I 111 5.62 -27.03 -3.82
N ARG I 112 5.60 -27.08 -5.16
CA ARG I 112 4.52 -27.78 -5.86
C ARG I 112 4.56 -29.27 -5.58
N ALA I 113 5.77 -29.86 -5.55
CA ALA I 113 5.86 -31.28 -5.24
C ALA I 113 5.18 -31.60 -3.92
N ASP I 114 5.38 -30.75 -2.93
CA ASP I 114 4.92 -31.07 -1.57
C ASP I 114 3.52 -30.55 -1.27
N PHE I 115 3.07 -29.47 -1.91
CA PHE I 115 1.85 -28.81 -1.47
C PHE I 115 0.83 -28.51 -2.56
N ALA I 116 1.14 -28.78 -3.83
CA ALA I 116 0.17 -28.53 -4.90
C ALA I 116 -0.74 -29.73 -5.08
N THR I 117 -2.02 -29.45 -5.34
CA THR I 117 -3.03 -30.48 -5.56
C THR I 117 -3.13 -30.89 -7.02
N SER I 118 -2.99 -29.92 -7.93
CA SER I 118 -3.12 -30.18 -9.35
C SER I 118 -2.39 -29.07 -10.09
N VAL I 119 -2.32 -29.19 -11.41
CA VAL I 119 -1.67 -28.18 -12.24
C VAL I 119 -2.37 -26.82 -12.10
N SER I 120 -3.64 -26.80 -11.71
CA SER I 120 -4.39 -25.57 -11.49
CA SER I 120 -4.37 -25.55 -11.50
C SER I 120 -4.43 -25.16 -10.03
N ILE I 121 -4.62 -26.11 -9.13
CA ILE I 121 -4.65 -25.84 -7.68
C ILE I 121 -3.23 -26.06 -7.19
N ASN I 122 -2.37 -25.06 -7.44
CA ASN I 122 -0.93 -25.32 -7.48
C ASN I 122 -0.13 -24.48 -6.46
N ALA I 123 -0.78 -24.07 -5.38
CA ALA I 123 -0.12 -23.58 -4.16
C ALA I 123 0.52 -22.20 -4.22
N VAL I 124 1.17 -21.81 -5.33
CA VAL I 124 2.01 -20.61 -5.34
C VAL I 124 2.03 -19.96 -6.71
N HIS I 125 2.30 -18.65 -6.71
CA HIS I 125 2.64 -17.88 -7.90
C HIS I 125 3.97 -17.19 -7.64
N GLY I 126 4.77 -17.00 -8.69
CA GLY I 126 5.95 -16.17 -8.60
C GLY I 126 6.14 -15.41 -9.90
N SER I 127 6.74 -14.22 -9.80
CA SER I 127 6.95 -13.44 -11.00
C SER I 127 7.86 -14.21 -11.95
N ASP I 128 7.65 -14.03 -13.26
CA ASP I 128 8.39 -14.83 -14.24
C ASP I 128 9.53 -14.08 -14.91
N SER I 129 9.73 -12.81 -14.60
CA SER I 129 10.87 -12.07 -15.12
C SER I 129 11.13 -10.88 -14.22
N VAL I 130 12.28 -10.23 -14.43
CA VAL I 130 12.62 -9.04 -13.64
C VAL I 130 11.63 -7.92 -13.94
N GLU I 131 11.28 -7.74 -15.21
CA GLU I 131 10.32 -6.71 -15.60
C GLU I 131 8.93 -6.99 -15.00
N ASN I 132 8.48 -8.24 -15.07
CA ASN I 132 7.16 -8.55 -14.51
CA ASN I 132 7.17 -8.58 -14.51
C ASN I 132 7.19 -8.52 -12.99
N ALA I 133 8.33 -8.83 -12.36
CA ALA I 133 8.42 -8.70 -10.90
C ALA I 133 8.18 -7.26 -10.46
N ALA I 134 8.80 -6.31 -11.15
CA ALA I 134 8.61 -4.91 -10.79
C ALA I 134 7.13 -4.53 -10.85
N LEU I 135 6.44 -4.93 -11.92
CA LEU I 135 5.01 -4.63 -12.07
C LEU I 135 4.16 -5.33 -11.00
N GLU I 136 4.43 -6.62 -10.75
CA GLU I 136 3.61 -7.36 -9.79
C GLU I 136 3.81 -6.85 -8.37
N ILE I 137 5.05 -6.51 -7.99
CA ILE I 137 5.29 -5.90 -6.69
C ILE I 137 4.52 -4.59 -6.56
N ALA I 138 4.65 -3.71 -7.57
CA ALA I 138 3.95 -2.42 -7.54
C ALA I 138 2.44 -2.59 -7.52
N TYR I 139 1.92 -3.72 -8.01
CA TYR I 139 0.48 -3.91 -7.98
C TYR I 139 -0.02 -4.07 -6.55
N PHE I 140 0.71 -4.85 -5.74
CA PHE I 140 0.24 -5.16 -4.40
C PHE I 140 0.88 -4.33 -3.29
N PHE I 141 2.03 -3.70 -3.55
CA PHE I 141 2.77 -2.97 -2.53
C PHE I 141 3.15 -1.57 -3.00
N SER I 142 3.08 -0.61 -2.09
CA SER I 142 3.82 0.62 -2.30
C SER I 142 5.29 0.37 -1.98
N GLN I 143 6.17 1.22 -2.50
CA GLN I 143 7.58 1.06 -2.15
C GLN I 143 7.80 1.23 -0.65
N THR I 144 6.97 2.05 0.01
CA THR I 144 7.11 2.28 1.44
C THR I 144 6.76 1.05 2.29
N GLU I 145 6.07 0.05 1.72
CA GLU I 145 5.81 -1.18 2.45
C GLU I 145 6.99 -2.13 2.43
N ILE I 146 7.99 -1.90 1.59
CA ILE I 146 9.14 -2.78 1.54
C ILE I 146 10.09 -2.40 2.66
N CYS I 147 10.62 -3.41 3.37
CA CYS I 147 11.36 -3.22 4.61
C CYS I 147 12.78 -3.74 4.42
N PRO I 148 13.71 -2.89 3.96
CA PRO I 148 15.09 -3.34 3.76
C PRO I 148 15.71 -3.86 5.05
N ARG I 149 16.60 -4.82 4.90
CA ARG I 149 17.30 -5.41 6.04
C ARG I 149 18.46 -4.51 6.46
N MET J 9 -11.44 -24.92 23.92
CA MET J 9 -12.39 -23.96 24.45
C MET J 9 -12.79 -22.91 23.42
N ALA J 10 -12.98 -21.68 23.88
CA ALA J 10 -13.43 -20.60 23.00
C ALA J 10 -12.35 -20.23 21.98
N ILE J 11 -12.80 -19.88 20.78
CA ILE J 11 -11.91 -19.43 19.71
C ILE J 11 -11.50 -18.00 19.98
N GLU J 12 -10.20 -17.76 20.08
CA GLU J 12 -9.67 -16.44 20.36
C GLU J 12 -8.80 -15.95 19.21
N ARG J 13 -8.50 -14.65 19.22
CA ARG J 13 -7.50 -14.05 18.36
C ARG J 13 -6.46 -13.37 19.24
N THR J 14 -5.19 -13.58 18.92
CA THR J 14 -4.12 -12.95 19.69
C THR J 14 -3.09 -12.42 18.72
N ILE J 15 -2.30 -11.46 19.17
CA ILE J 15 -1.24 -10.94 18.32
C ILE J 15 0.04 -11.71 18.59
N SER J 16 0.81 -11.85 17.51
CA SER J 16 2.17 -12.37 17.55
C SER J 16 3.07 -11.37 16.84
N ILE J 17 4.23 -11.08 17.43
CA ILE J 17 5.25 -10.30 16.74
C ILE J 17 6.51 -11.16 16.68
N ILE J 18 7.02 -11.36 15.47
CA ILE J 18 8.33 -11.95 15.32
C ILE J 18 9.31 -10.79 15.30
N LYS J 19 10.23 -10.77 16.26
CA LYS J 19 11.05 -9.60 16.57
C LYS J 19 12.21 -9.50 15.58
N PRO J 20 12.94 -8.38 15.56
CA PRO J 20 13.96 -8.22 14.51
C PRO J 20 15.08 -9.25 14.57
N ASP J 21 15.31 -9.88 15.73
CA ASP J 21 16.32 -10.93 15.80
C ASP J 21 15.90 -12.13 14.98
N ALA J 22 14.65 -12.58 15.13
CA ALA J 22 14.20 -13.76 14.41
C ALA J 22 13.96 -13.48 12.94
N VAL J 23 13.50 -12.27 12.61
CA VAL J 23 13.44 -11.88 11.21
C VAL J 23 14.83 -11.91 10.60
N GLY J 24 15.83 -11.35 11.32
CA GLY J 24 17.19 -11.33 10.80
C GLY J 24 17.80 -12.72 10.64
N LYS J 25 17.35 -13.68 11.44
CA LYS J 25 17.77 -15.07 11.29
C LYS J 25 17.06 -15.79 10.16
N ASN J 26 16.06 -15.15 9.53
CA ASN J 26 15.27 -15.77 8.48
C ASN J 26 14.68 -17.10 8.92
N VAL J 27 14.01 -17.08 10.08
CA VAL J 27 13.29 -18.25 10.56
C VAL J 27 11.82 -17.88 10.74
N ILE J 28 11.33 -16.92 9.96
CA ILE J 28 9.92 -16.57 10.05
C ILE J 28 9.06 -17.80 9.77
N GLY J 29 9.42 -18.57 8.73
CA GLY J 29 8.64 -19.75 8.40
C GLY J 29 8.65 -20.82 9.49
N LYS J 30 9.82 -21.06 10.10
CA LYS J 30 9.88 -22.02 11.21
C LYS J 30 8.91 -21.62 12.31
N ILE J 31 8.87 -20.34 12.65
CA ILE J 31 7.98 -19.89 13.72
C ILE J 31 6.52 -19.99 13.29
N TYR J 32 6.21 -19.52 12.07
CA TYR J 32 4.87 -19.73 11.52
C TYR J 32 4.43 -21.18 11.64
N SER J 33 5.32 -22.11 11.32
CA SER J 33 4.95 -23.53 11.35
C SER J 33 4.66 -24.00 12.77
N ARG J 34 5.31 -23.42 13.78
CA ARG J 34 4.97 -23.79 15.15
C ARG J 34 3.52 -23.46 15.44
N PHE J 35 3.07 -22.29 14.98
CA PHE J 35 1.67 -21.92 15.16
C PHE J 35 0.76 -22.88 14.39
N GLU J 36 1.03 -23.04 13.10
CA GLU J 36 0.11 -23.74 12.22
C GLU J 36 0.01 -25.22 12.55
N GLU J 37 1.08 -25.83 13.04
CA GLU J 37 1.02 -27.23 13.40
C GLU J 37 0.45 -27.46 14.79
N ASN J 38 0.08 -26.40 15.50
CA ASN J 38 -0.47 -26.50 16.84
C ASN J 38 -1.80 -25.79 16.96
N GLY J 39 -2.62 -25.89 15.91
CA GLY J 39 -4.00 -25.48 15.99
C GLY J 39 -4.28 -23.99 15.86
N LEU J 40 -3.30 -23.20 15.43
CA LEU J 40 -3.52 -21.78 15.23
C LEU J 40 -3.45 -21.47 13.75
N LYS J 41 -4.26 -20.50 13.32
CA LYS J 41 -4.32 -20.06 11.93
C LYS J 41 -3.91 -18.60 11.83
N ILE J 42 -3.10 -18.29 10.82
CA ILE J 42 -2.74 -16.91 10.54
CA ILE J 42 -2.73 -16.91 10.51
C ILE J 42 -3.91 -16.25 9.80
N VAL J 43 -4.56 -15.28 10.45
CA VAL J 43 -5.72 -14.61 9.84
C VAL J 43 -5.46 -13.15 9.50
N ALA J 44 -4.31 -12.61 9.88
CA ALA J 44 -3.85 -11.29 9.42
C ALA J 44 -2.34 -11.29 9.55
N ALA J 45 -1.66 -10.55 8.69
CA ALA J 45 -0.20 -10.54 8.74
C ALA J 45 0.36 -9.37 7.95
N LYS J 46 1.44 -8.77 8.47
CA LYS J 46 2.15 -7.72 7.74
C LYS J 46 3.60 -7.66 8.25
N MET J 47 4.53 -7.42 7.33
CA MET J 47 5.89 -7.06 7.71
C MET J 47 5.98 -5.55 7.84
N LYS J 48 6.62 -5.08 8.91
CA LYS J 48 6.59 -3.66 9.22
C LYS J 48 7.90 -3.25 9.88
N GLN J 49 8.35 -2.03 9.58
CA GLN J 49 9.47 -1.40 10.27
C GLN J 49 8.90 -0.45 11.33
N LEU J 50 9.08 -0.79 12.60
CA LEU J 50 8.45 0.02 13.65
C LEU J 50 9.16 1.35 13.80
N THR J 51 8.38 2.40 14.04
CA THR J 51 8.96 3.68 14.40
C THR J 51 9.26 3.68 15.90
N LEU J 52 10.09 4.63 16.34
CA LEU J 52 10.35 4.77 17.77
C LEU J 52 9.05 4.98 18.54
N LYS J 53 8.19 5.87 18.04
CA LYS J 53 6.93 6.13 18.73
C LYS J 53 6.07 4.87 18.79
N GLU J 54 6.08 4.06 17.74
CA GLU J 54 5.26 2.86 17.72
C GLU J 54 5.73 1.85 18.76
N ALA J 55 7.05 1.63 18.84
CA ALA J 55 7.57 0.74 19.86
C ALA J 55 7.33 1.32 21.25
N GLN J 56 7.54 2.63 21.42
CA GLN J 56 7.35 3.24 22.73
C GLN J 56 5.90 3.09 23.19
N GLU J 57 4.95 3.29 22.28
CA GLU J 57 3.55 3.23 22.67
C GLU J 57 3.10 1.79 22.90
N PHE J 58 3.51 0.87 22.02
CA PHE J 58 3.11 -0.51 22.18
C PHE J 58 3.58 -1.08 23.52
N TYR J 59 4.78 -0.70 23.95
CA TYR J 59 5.36 -1.16 25.20
C TYR J 59 5.27 -0.11 26.30
N ALA J 60 4.32 0.82 26.21
CA ALA J 60 4.23 1.91 27.17
C ALA J 60 4.06 1.43 28.61
N VAL J 61 3.62 0.18 28.82
CA VAL J 61 3.48 -0.33 30.18
C VAL J 61 4.82 -0.39 30.88
N HIS J 62 5.91 -0.52 30.11
CA HIS J 62 7.25 -0.66 30.67
C HIS J 62 8.03 0.65 30.71
N LYS J 63 7.36 1.78 30.51
CA LYS J 63 8.08 3.03 30.23
C LYS J 63 8.97 3.48 31.38
N ASP J 64 8.70 3.03 32.62
CA ASP J 64 9.50 3.43 33.77
C ASP J 64 10.47 2.35 34.22
N ARG J 65 10.59 1.27 33.46
CA ARG J 65 11.54 0.21 33.77
C ARG J 65 12.89 0.52 33.15
N PRO J 66 13.99 0.05 33.76
CA PRO J 66 15.32 0.38 33.22
C PRO J 66 15.61 -0.19 31.84
N PHE J 67 14.96 -1.29 31.44
CA PHE J 67 15.21 -1.90 30.14
C PHE J 67 14.44 -1.25 29.00
N TYR J 68 13.63 -0.25 29.29
CA TYR J 68 12.71 0.30 28.29
C TYR J 68 13.45 0.88 27.10
N ALA J 69 14.43 1.75 27.34
CA ALA J 69 15.14 2.37 26.22
C ALA J 69 15.78 1.32 25.32
N GLY J 70 16.40 0.30 25.92
CA GLY J 70 17.02 -0.75 25.12
C GLY J 70 16.01 -1.59 24.37
N LEU J 71 14.85 -1.84 24.97
CA LEU J 71 13.80 -2.61 24.30
C LEU J 71 13.29 -1.88 23.06
N VAL J 72 13.11 -0.56 23.18
CA VAL J 72 12.66 0.24 22.04
C VAL J 72 13.74 0.25 20.94
N GLU J 73 15.01 0.36 21.34
CA GLU J 73 16.09 0.33 20.35
C GLU J 73 16.13 -1.00 19.61
N PHE J 74 15.93 -2.11 20.35
CA PHE J 74 15.88 -3.44 19.76
C PHE J 74 14.71 -3.58 18.79
N MET J 75 13.50 -3.19 19.24
CA MET J 75 12.33 -3.43 18.42
C MET J 75 12.25 -2.53 17.21
N THR J 76 13.03 -1.46 17.15
CA THR J 76 13.07 -0.60 15.98
C THR J 76 14.34 -0.79 15.17
N GLY J 77 15.18 -1.75 15.54
CA GLY J 77 16.46 -1.94 14.89
C GLY J 77 16.43 -2.70 13.57
N GLY J 78 15.30 -3.32 13.26
CA GLY J 78 15.14 -4.06 12.02
C GLY J 78 13.66 -4.34 11.88
N PRO J 79 13.24 -4.87 10.74
CA PRO J 79 11.81 -5.13 10.52
C PRO J 79 11.28 -6.28 11.38
N VAL J 80 9.99 -6.19 11.69
CA VAL J 80 9.30 -7.24 12.41
C VAL J 80 8.26 -7.86 11.49
N MET J 81 7.79 -9.03 11.90
CA MET J 81 6.69 -9.70 11.22
C MET J 81 5.53 -9.82 12.22
N ILE J 82 4.39 -9.21 11.91
CA ILE J 82 3.26 -9.12 12.84
C ILE J 82 2.11 -9.94 12.27
N GLN J 83 1.48 -10.75 13.11
CA GLN J 83 0.34 -11.53 12.63
C GLN J 83 -0.69 -11.70 13.73
N VAL J 84 -1.95 -11.85 13.31
CA VAL J 84 -3.03 -12.25 14.20
C VAL J 84 -3.21 -13.75 14.08
N LEU J 85 -3.18 -14.45 15.21
CA LEU J 85 -3.35 -15.89 15.29
C LEU J 85 -4.73 -16.19 15.85
N GLU J 86 -5.45 -17.10 15.19
CA GLU J 86 -6.80 -17.46 15.59
C GLU J 86 -6.89 -18.95 15.90
N GLY J 87 -7.58 -19.28 16.99
CA GLY J 87 -7.85 -20.66 17.31
C GLY J 87 -8.32 -20.80 18.75
N GLU J 88 -8.69 -22.02 19.09
CA GLU J 88 -9.08 -22.33 20.47
C GLU J 88 -7.96 -21.94 21.43
N ASN J 89 -8.31 -21.18 22.47
CA ASN J 89 -7.36 -20.82 23.53
C ASN J 89 -6.11 -20.14 22.97
N ALA J 90 -6.28 -19.34 21.91
CA ALA J 90 -5.13 -18.86 21.14
C ALA J 90 -4.19 -18.02 21.99
N VAL J 91 -4.73 -17.19 22.89
CA VAL J 91 -3.86 -16.33 23.70
C VAL J 91 -2.88 -17.18 24.51
N LEU J 92 -3.39 -18.16 25.26
CA LEU J 92 -2.52 -18.99 26.08
C LEU J 92 -1.70 -19.96 25.24
N LYS J 93 -2.27 -20.48 24.16
CA LYS J 93 -1.53 -21.42 23.32
C LYS J 93 -0.32 -20.76 22.68
N ASN J 94 -0.49 -19.53 22.19
CA ASN J 94 0.64 -18.78 21.64
C ASN J 94 1.75 -18.64 22.68
N ARG J 95 1.39 -18.28 23.91
CA ARG J 95 2.41 -18.09 24.93
C ARG J 95 3.09 -19.41 25.30
N GLU J 96 2.35 -20.52 25.26
CA GLU J 96 2.93 -21.83 25.49
C GLU J 96 3.92 -22.19 24.39
N LEU J 97 3.58 -21.90 23.13
CA LEU J 97 4.49 -22.15 22.02
C LEU J 97 5.69 -21.21 22.05
N MET J 98 5.51 -19.99 22.54
CA MET J 98 6.64 -19.07 22.65
C MET J 98 7.66 -19.58 23.65
N GLY J 99 7.19 -20.05 24.80
CA GLY J 99 8.07 -20.44 25.88
C GLY J 99 8.45 -19.25 26.75
N ALA J 100 9.04 -19.59 27.91
CA ALA J 100 9.49 -18.58 28.86
C ALA J 100 10.51 -17.65 28.22
N THR J 101 10.57 -16.41 28.71
CA THR J 101 11.46 -15.43 28.09
C THR J 101 12.92 -15.85 28.18
N ASN J 102 13.30 -16.49 29.30
CA ASN J 102 14.68 -16.93 29.45
C ASN J 102 14.93 -18.18 28.61
N PRO J 103 15.75 -18.08 27.54
CA PRO J 103 15.95 -19.24 26.65
C PRO J 103 16.46 -20.48 27.36
N THR J 104 17.22 -20.32 28.45
CA THR J 104 17.72 -21.47 29.18
C THR J 104 16.63 -22.15 30.00
N GLU J 105 15.57 -21.42 30.34
CA GLU J 105 14.45 -21.99 31.08
C GLU J 105 13.26 -22.35 30.19
N ALA J 106 13.26 -21.90 28.94
CA ALA J 106 12.17 -22.22 28.03
C ALA J 106 12.13 -23.71 27.73
N ALA J 107 10.92 -24.26 27.65
CA ALA J 107 10.75 -25.70 27.46
C ALA J 107 11.27 -26.11 26.09
N GLU J 108 11.71 -27.37 26.01
CA GLU J 108 12.19 -27.91 24.74
C GLU J 108 11.10 -27.85 23.69
N GLY J 109 11.49 -27.44 22.48
CA GLY J 109 10.54 -27.34 21.39
C GLY J 109 9.76 -26.05 21.33
N THR J 110 10.05 -25.07 22.18
CA THR J 110 9.40 -23.77 22.07
C THR J 110 10.20 -22.86 21.14
N ILE J 111 9.54 -21.80 20.71
CA ILE J 111 10.18 -20.81 19.85
C ILE J 111 11.40 -20.21 20.53
N ARG J 112 11.27 -19.86 21.81
CA ARG J 112 12.42 -19.24 22.48
C ARG J 112 13.55 -20.24 22.69
N ALA J 113 13.24 -21.49 23.09
CA ALA J 113 14.30 -22.49 23.19
C ALA J 113 15.07 -22.62 21.89
N ASP J 114 14.38 -22.46 20.76
CA ASP J 114 15.04 -22.71 19.48
C ASP J 114 15.67 -21.46 18.88
N PHE J 115 15.10 -20.28 19.11
CA PHE J 115 15.50 -19.11 18.35
C PHE J 115 15.84 -17.88 19.18
N ALA J 116 15.57 -17.87 20.49
CA ALA J 116 15.90 -16.71 21.30
C ALA J 116 17.38 -16.67 21.64
N THR J 117 17.96 -15.47 21.60
CA THR J 117 19.34 -15.23 21.99
C THR J 117 19.48 -14.98 23.48
N SER J 118 18.60 -14.18 24.10
CA SER J 118 18.73 -13.92 25.52
C SER J 118 17.36 -13.59 26.08
N VAL J 119 17.30 -13.34 27.39
CA VAL J 119 16.02 -13.02 28.00
C VAL J 119 15.42 -11.75 27.39
N SER J 120 16.26 -10.84 26.88
CA SER J 120 15.79 -9.63 26.20
CA SER J 120 15.74 -9.66 26.21
C SER J 120 15.70 -9.79 24.70
N ILE J 121 16.65 -10.51 24.09
CA ILE J 121 16.64 -10.72 22.64
C ILE J 121 15.93 -12.05 22.42
N ASN J 122 14.60 -12.03 22.52
CA ASN J 122 13.86 -13.26 22.80
C ASN J 122 12.87 -13.66 21.69
N ALA J 123 13.11 -13.20 20.46
CA ALA J 123 12.50 -13.75 19.23
C ALA J 123 11.05 -13.36 18.98
N VAL J 124 10.18 -13.36 19.99
CA VAL J 124 8.75 -13.22 19.76
C VAL J 124 8.10 -12.45 20.91
N HIS J 125 6.97 -11.83 20.57
CA HIS J 125 6.00 -11.32 21.54
C HIS J 125 4.65 -11.97 21.26
N GLY J 126 3.87 -12.16 22.32
CA GLY J 126 2.47 -12.51 22.18
C GLY J 126 1.65 -11.78 23.22
N SER J 127 0.41 -11.45 22.85
CA SER J 127 -0.50 -10.82 23.81
C SER J 127 -0.64 -11.68 25.07
N ASP J 128 -0.99 -11.04 26.19
CA ASP J 128 -0.98 -11.78 27.46
C ASP J 128 -2.35 -11.93 28.09
N SER J 129 -3.43 -11.54 27.41
CA SER J 129 -4.79 -11.75 27.86
C SER J 129 -5.70 -11.48 26.67
N VAL J 130 -6.95 -11.94 26.78
CA VAL J 130 -7.92 -11.66 25.72
C VAL J 130 -8.11 -10.16 25.55
N GLU J 131 -8.22 -9.42 26.66
CA GLU J 131 -8.43 -7.99 26.54
C GLU J 131 -7.16 -7.29 26.05
N ASN J 132 -5.98 -7.79 26.41
CA ASN J 132 -4.75 -7.19 25.89
C ASN J 132 -4.60 -7.49 24.40
N ALA J 133 -5.00 -8.68 23.96
CA ALA J 133 -4.95 -9.02 22.54
C ALA J 133 -5.82 -8.08 21.72
N ALA J 134 -7.03 -7.79 22.21
CA ALA J 134 -7.90 -6.85 21.50
C ALA J 134 -7.20 -5.51 21.27
N LEU J 135 -6.50 -5.01 22.30
CA LEU J 135 -5.81 -3.73 22.18
C LEU J 135 -4.61 -3.81 21.25
N GLU J 136 -3.83 -4.89 21.37
CA GLU J 136 -2.64 -4.99 20.54
C GLU J 136 -3.00 -5.21 19.08
N ILE J 137 -4.04 -6.01 18.83
CA ILE J 137 -4.47 -6.24 17.45
C ILE J 137 -4.95 -4.93 16.82
N ALA J 138 -5.72 -4.15 17.59
CA ALA J 138 -6.23 -2.88 17.08
C ALA J 138 -5.13 -1.84 16.93
N TYR J 139 -4.02 -2.00 17.65
CA TYR J 139 -2.91 -1.08 17.49
C TYR J 139 -2.31 -1.20 16.10
N PHE J 140 -2.12 -2.44 15.61
CA PHE J 140 -1.40 -2.69 14.35
C PHE J 140 -2.30 -2.98 13.15
N PHE J 141 -3.55 -3.36 13.36
CA PHE J 141 -4.43 -3.76 12.27
C PHE J 141 -5.76 -3.02 12.37
N SER J 142 -6.35 -2.71 11.22
CA SER J 142 -7.78 -2.49 11.19
C SER J 142 -8.50 -3.83 11.15
N GLN J 143 -9.77 -3.81 11.55
CA GLN J 143 -10.60 -5.00 11.39
C GLN J 143 -10.67 -5.46 9.93
N THR J 144 -10.61 -4.53 8.98
CA THR J 144 -10.66 -4.90 7.56
C THR J 144 -9.42 -5.62 7.07
N GLU J 145 -8.33 -5.61 7.85
CA GLU J 145 -7.13 -6.36 7.49
C GLU J 145 -7.17 -7.81 7.96
N ILE J 146 -8.17 -8.19 8.75
CA ILE J 146 -8.33 -9.58 9.16
C ILE J 146 -9.10 -10.33 8.08
N CYS J 147 -8.62 -11.53 7.75
CA CYS J 147 -9.06 -12.31 6.61
C CYS J 147 -9.61 -13.64 7.10
N PRO J 148 -10.91 -13.71 7.42
CA PRO J 148 -11.50 -14.98 7.82
C PRO J 148 -11.44 -16.00 6.68
N ARG J 149 -11.33 -17.26 7.05
CA ARG J 149 -11.27 -18.34 6.09
C ARG J 149 -12.69 -18.71 5.64
N ALA K 10 17.87 -34.34 13.71
CA ALA K 10 19.28 -34.05 13.45
C ALA K 10 19.47 -33.53 12.04
N ILE K 11 19.83 -32.26 11.91
CA ILE K 11 19.98 -31.65 10.59
C ILE K 11 21.31 -32.08 9.99
N GLU K 12 21.30 -32.30 8.68
CA GLU K 12 22.48 -32.77 7.98
C GLU K 12 23.64 -31.78 8.08
N ARG K 13 24.85 -32.32 8.22
CA ARG K 13 26.06 -31.53 8.33
C ARG K 13 27.10 -32.08 7.38
N THR K 14 27.97 -31.20 6.89
CA THR K 14 29.02 -31.62 5.97
C THR K 14 30.26 -30.80 6.29
N ILE K 15 31.42 -31.29 5.84
CA ILE K 15 32.65 -30.55 6.04
C ILE K 15 32.94 -29.76 4.77
N SER K 16 33.52 -28.59 4.97
CA SER K 16 34.06 -27.74 3.93
C SER K 16 35.48 -27.41 4.31
N ILE K 17 36.40 -27.49 3.35
CA ILE K 17 37.74 -26.97 3.52
C ILE K 17 37.98 -25.92 2.45
N ILE K 18 38.35 -24.72 2.87
CA ILE K 18 38.86 -23.71 1.96
C ILE K 18 40.38 -23.88 1.92
N LYS K 19 40.89 -24.19 0.72
CA LYS K 19 42.24 -24.71 0.59
C LYS K 19 43.26 -23.59 0.62
N PRO K 20 44.57 -23.89 0.67
CA PRO K 20 45.56 -22.83 0.86
C PRO K 20 45.58 -21.77 -0.25
N ASP K 21 45.18 -22.14 -1.46
CA ASP K 21 45.11 -21.14 -2.54
C ASP K 21 44.07 -20.08 -2.25
N ALA K 22 42.87 -20.50 -1.84
CA ALA K 22 41.82 -19.51 -1.60
C ALA K 22 42.07 -18.73 -0.31
N VAL K 23 42.64 -19.38 0.72
CA VAL K 23 43.04 -18.63 1.92
C VAL K 23 44.06 -17.56 1.57
N GLY K 24 45.07 -17.93 0.78
CA GLY K 24 46.12 -16.98 0.42
C GLY K 24 45.62 -15.86 -0.46
N LYS K 25 44.56 -16.10 -1.22
CA LYS K 25 43.93 -15.04 -2.03
C LYS K 25 42.97 -14.19 -1.20
N ASN K 26 42.81 -14.49 0.09
CA ASN K 26 41.94 -13.72 0.98
C ASN K 26 40.53 -13.64 0.41
N VAL K 27 39.98 -14.79 0.05
CA VAL K 27 38.58 -14.84 -0.39
C VAL K 27 37.79 -15.80 0.50
N ILE K 28 38.22 -15.99 1.75
CA ILE K 28 37.43 -16.80 2.69
C ILE K 28 36.01 -16.24 2.80
N GLY K 29 35.90 -14.92 2.96
CA GLY K 29 34.58 -14.32 3.11
C GLY K 29 33.66 -14.57 1.93
N LYS K 30 34.19 -14.39 0.71
CA LYS K 30 33.37 -14.62 -0.49
C LYS K 30 32.86 -16.06 -0.53
N ILE K 31 33.71 -17.02 -0.15
CA ILE K 31 33.27 -18.42 -0.17
C ILE K 31 32.25 -18.69 0.93
N TYR K 32 32.51 -18.18 2.14
CA TYR K 32 31.52 -18.27 3.21
C TYR K 32 30.16 -17.76 2.75
N SER K 33 30.14 -16.62 2.06
CA SER K 33 28.86 -16.05 1.65
C SER K 33 28.12 -16.95 0.65
N ARG K 34 28.84 -17.72 -0.16
CA ARG K 34 28.17 -18.68 -1.04
C ARG K 34 27.37 -19.70 -0.23
N PHE K 35 27.95 -20.20 0.87
CA PHE K 35 27.22 -21.11 1.74
C PHE K 35 26.06 -20.39 2.41
N GLU K 36 26.35 -19.25 3.03
CA GLU K 36 25.36 -18.58 3.87
C GLU K 36 24.21 -18.04 3.06
N GLU K 37 24.46 -17.61 1.82
CA GLU K 37 23.38 -17.08 0.99
C GLU K 37 22.60 -18.16 0.30
N ASN K 38 22.90 -19.41 0.60
CA ASN K 38 22.14 -20.52 0.05
C ASN K 38 21.62 -21.42 1.15
N GLY K 39 21.46 -20.88 2.35
CA GLY K 39 20.76 -21.55 3.41
C GLY K 39 21.60 -22.38 4.35
N LEU K 40 22.89 -22.55 4.07
CA LEU K 40 23.76 -23.30 4.95
C LEU K 40 24.28 -22.41 6.07
N LYS K 41 24.44 -22.99 7.25
CA LYS K 41 24.89 -22.26 8.42
C LYS K 41 26.22 -22.83 8.90
N ILE K 42 27.16 -21.94 9.21
CA ILE K 42 28.45 -22.37 9.76
CA ILE K 42 28.46 -22.33 9.77
C ILE K 42 28.27 -22.68 11.23
N VAL K 43 28.48 -23.95 11.60
CA VAL K 43 28.29 -24.37 12.99
C VAL K 43 29.58 -24.79 13.66
N ALA K 44 30.69 -24.87 12.94
CA ALA K 44 32.00 -25.05 13.54
C ALA K 44 32.99 -24.52 12.53
N ALA K 45 34.10 -23.96 13.02
CA ALA K 45 35.06 -23.35 12.09
C ALA K 45 36.41 -23.17 12.78
N LYS K 46 37.49 -23.41 12.04
CA LYS K 46 38.81 -23.09 12.56
C LYS K 46 39.80 -22.97 11.41
N MET K 47 40.76 -22.08 11.58
CA MET K 47 41.89 -21.96 10.67
C MET K 47 43.00 -22.85 11.20
N LYS K 48 43.64 -23.59 10.31
CA LYS K 48 44.58 -24.64 10.73
C LYS K 48 45.62 -24.83 9.65
N GLN K 49 46.86 -25.11 10.08
CA GLN K 49 47.94 -25.53 9.18
C GLN K 49 47.99 -27.05 9.24
N LEU K 50 47.65 -27.71 8.13
CA LEU K 50 47.64 -29.17 8.11
C LEU K 50 49.08 -29.70 8.14
N THR K 51 49.29 -30.76 8.92
CA THR K 51 50.55 -31.48 8.85
C THR K 51 50.56 -32.40 7.64
N LEU K 52 51.77 -32.88 7.29
CA LEU K 52 51.89 -33.87 6.23
C LEU K 52 51.00 -35.08 6.51
N LYS K 53 51.07 -35.62 7.73
CA LYS K 53 50.30 -36.81 8.05
C LYS K 53 48.80 -36.55 7.97
N GLU K 54 48.38 -35.36 8.39
CA GLU K 54 46.95 -35.02 8.35
C GLU K 54 46.44 -34.98 6.91
N ALA K 55 47.16 -34.30 6.02
CA ALA K 55 46.76 -34.29 4.62
C ALA K 55 46.79 -35.71 4.04
N GLN K 56 47.81 -36.50 4.40
CA GLN K 56 47.89 -37.86 3.89
C GLN K 56 46.71 -38.71 4.38
N GLU K 57 46.38 -38.62 5.66
CA GLU K 57 45.28 -39.41 6.20
C GLU K 57 43.95 -38.93 5.64
N PHE K 58 43.74 -37.62 5.56
CA PHE K 58 42.45 -37.11 5.12
C PHE K 58 42.16 -37.54 3.69
N TYR K 59 43.19 -37.58 2.85
CA TYR K 59 43.03 -37.92 1.45
C TYR K 59 43.50 -39.33 1.14
N ALA K 60 43.52 -40.22 2.14
CA ALA K 60 44.07 -41.57 1.93
C ALA K 60 43.32 -42.36 0.87
N VAL K 61 42.12 -41.91 0.48
CA VAL K 61 41.40 -42.61 -0.58
C VAL K 61 42.13 -42.48 -1.91
N HIS K 62 42.92 -41.41 -2.08
CA HIS K 62 43.66 -41.15 -3.32
C HIS K 62 45.11 -41.64 -3.27
N LYS K 63 45.47 -42.44 -2.26
CA LYS K 63 46.88 -42.68 -1.98
C LYS K 63 47.60 -43.37 -3.13
N ASP K 64 46.88 -44.10 -3.99
CA ASP K 64 47.48 -44.80 -5.12
C ASP K 64 47.32 -44.04 -6.44
N ARG K 65 46.77 -42.83 -6.40
CA ARG K 65 46.57 -41.99 -7.57
C ARG K 65 47.85 -41.20 -7.87
N PRO K 66 48.14 -40.95 -9.15
CA PRO K 66 49.39 -40.24 -9.49
C PRO K 66 49.47 -38.83 -8.94
N PHE K 67 48.34 -38.18 -8.66
CA PHE K 67 48.35 -36.81 -8.16
C PHE K 67 48.46 -36.72 -6.65
N TYR K 68 48.66 -37.85 -5.95
CA TYR K 68 48.53 -37.88 -4.50
C TYR K 68 49.61 -37.05 -3.80
N ALA K 69 50.87 -37.30 -4.13
CA ALA K 69 51.95 -36.58 -3.45
C ALA K 69 51.88 -35.09 -3.71
N GLY K 70 51.51 -34.70 -4.94
CA GLY K 70 51.31 -33.28 -5.22
C GLY K 70 50.14 -32.69 -4.45
N LEU K 71 49.02 -33.42 -4.38
CA LEU K 71 47.87 -32.96 -3.61
C LEU K 71 48.25 -32.70 -2.15
N VAL K 72 49.06 -33.60 -1.58
CA VAL K 72 49.46 -33.49 -0.19
C VAL K 72 50.36 -32.28 0.02
N GLU K 73 51.32 -32.06 -0.89
CA GLU K 73 52.18 -30.89 -0.82
C GLU K 73 51.36 -29.60 -0.90
N PHE K 74 50.48 -29.52 -1.91
CA PHE K 74 49.61 -28.36 -2.04
C PHE K 74 48.81 -28.13 -0.77
N MET K 75 48.20 -29.19 -0.22
CA MET K 75 47.32 -29.02 0.92
C MET K 75 48.05 -28.68 2.21
N THR K 76 49.38 -28.79 2.24
CA THR K 76 50.18 -28.44 3.41
C THR K 76 51.05 -27.21 3.20
N GLY K 77 50.94 -26.53 2.04
CA GLY K 77 51.82 -25.41 1.77
C GLY K 77 51.42 -24.10 2.44
N GLY K 78 50.21 -24.03 2.96
CA GLY K 78 49.72 -22.86 3.65
C GLY K 78 48.53 -23.27 4.48
N PRO K 79 48.01 -22.38 5.31
CA PRO K 79 46.89 -22.75 6.17
C PRO K 79 45.59 -22.85 5.38
N VAL K 80 44.65 -23.60 5.94
CA VAL K 80 43.32 -23.80 5.38
C VAL K 80 42.30 -23.27 6.39
N MET K 81 41.08 -23.09 5.91
CA MET K 81 39.95 -22.73 6.74
C MET K 81 38.96 -23.89 6.67
N ILE K 82 38.68 -24.52 7.81
CA ILE K 82 37.84 -25.72 7.87
C ILE K 82 36.56 -25.35 8.62
N GLN K 83 35.40 -25.72 8.06
CA GLN K 83 34.14 -25.43 8.75
C GLN K 83 33.16 -26.57 8.53
N VAL K 84 32.25 -26.71 9.50
CA VAL K 84 31.11 -27.61 9.38
C VAL K 84 29.91 -26.78 8.96
N LEU K 85 29.23 -27.21 7.90
CA LEU K 85 28.07 -26.52 7.35
C LEU K 85 26.82 -27.32 7.67
N GLU K 86 25.79 -26.64 8.17
CA GLU K 86 24.55 -27.30 8.57
C GLU K 86 23.38 -26.80 7.74
N GLY K 87 22.54 -27.72 7.30
CA GLY K 87 21.32 -27.38 6.60
C GLY K 87 20.70 -28.59 5.96
N GLU K 88 19.42 -28.51 5.60
CA GLU K 88 18.81 -29.60 4.85
C GLU K 88 19.59 -29.82 3.56
N ASN K 89 19.83 -31.10 3.24
CA ASN K 89 20.58 -31.49 2.05
CA ASN K 89 20.59 -31.50 2.06
C ASN K 89 21.97 -30.84 1.99
N ALA K 90 22.59 -30.61 3.16
CA ALA K 90 23.85 -29.87 3.20
C ALA K 90 24.96 -30.52 2.35
N VAL K 91 25.07 -31.84 2.39
CA VAL K 91 26.16 -32.50 1.65
C VAL K 91 26.06 -32.18 0.17
N LEU K 92 24.88 -32.35 -0.42
CA LEU K 92 24.72 -32.10 -1.85
C LEU K 92 24.76 -30.62 -2.16
N LYS K 93 24.15 -29.78 -1.31
CA LYS K 93 24.14 -28.34 -1.61
CA LYS K 93 24.14 -28.34 -1.62
C LYS K 93 25.56 -27.79 -1.66
N ASN K 94 26.40 -28.19 -0.71
CA ASN K 94 27.80 -27.80 -0.69
C ASN K 94 28.47 -28.16 -2.01
N ARG K 95 28.31 -29.42 -2.44
CA ARG K 95 28.93 -29.85 -3.69
C ARG K 95 28.40 -29.05 -4.87
N GLU K 96 27.10 -28.72 -4.87
CA GLU K 96 26.55 -27.94 -5.97
C GLU K 96 27.15 -26.54 -6.00
N LEU K 97 27.34 -25.94 -4.81
CA LEU K 97 27.92 -24.62 -4.69
C LEU K 97 29.40 -24.60 -5.05
N MET K 98 30.13 -25.69 -4.77
CA MET K 98 31.53 -25.77 -5.15
CA MET K 98 31.53 -25.74 -5.15
C MET K 98 31.68 -25.87 -6.66
N GLY K 99 30.81 -26.63 -7.30
CA GLY K 99 30.91 -26.84 -8.73
C GLY K 99 31.90 -27.94 -9.07
N ALA K 100 32.03 -28.19 -10.38
CA ALA K 100 32.90 -29.26 -10.87
C ALA K 100 34.35 -29.02 -10.47
N THR K 101 35.08 -30.13 -10.26
CA THR K 101 36.47 -30.03 -9.79
C THR K 101 37.32 -29.21 -10.76
N ASN K 102 37.13 -29.40 -12.07
CA ASN K 102 37.84 -28.61 -13.08
C ASN K 102 37.10 -27.29 -13.31
N PRO K 103 37.74 -26.15 -13.06
CA PRO K 103 37.02 -24.87 -13.18
C PRO K 103 36.53 -24.56 -14.58
N THR K 104 37.21 -25.08 -15.61
CA THR K 104 36.72 -24.88 -16.97
C THR K 104 35.40 -25.59 -17.21
N GLU K 105 35.08 -26.62 -16.42
CA GLU K 105 33.82 -27.34 -16.53
C GLU K 105 32.80 -26.88 -15.50
N ALA K 106 33.19 -26.05 -14.54
CA ALA K 106 32.30 -25.67 -13.45
C ALA K 106 31.25 -24.68 -13.93
N ALA K 107 30.03 -24.83 -13.42
CA ALA K 107 28.93 -23.96 -13.82
C ALA K 107 29.20 -22.53 -13.37
N GLU K 108 28.64 -21.57 -14.12
CA GLU K 108 28.83 -20.16 -13.76
C GLU K 108 28.35 -19.93 -12.33
N GLY K 109 29.08 -19.09 -11.61
CA GLY K 109 28.68 -18.72 -10.26
C GLY K 109 29.04 -19.70 -9.17
N THR K 110 29.69 -20.82 -9.50
CA THR K 110 30.15 -21.75 -8.48
C THR K 110 31.48 -21.28 -7.89
N ILE K 111 31.86 -21.89 -6.76
CA ILE K 111 33.13 -21.54 -6.13
C ILE K 111 34.29 -21.83 -7.07
N ARG K 112 34.28 -23.02 -7.69
CA ARG K 112 35.39 -23.36 -8.60
C ARG K 112 35.44 -22.43 -9.80
N ALA K 113 34.28 -22.06 -10.36
CA ALA K 113 34.29 -21.19 -11.52
C ALA K 113 34.96 -19.86 -11.20
N ASP K 114 34.72 -19.35 -9.99
CA ASP K 114 35.17 -18.01 -9.61
C ASP K 114 36.53 -18.00 -8.94
N PHE K 115 36.89 -19.04 -8.17
CA PHE K 115 38.09 -18.97 -7.35
C PHE K 115 39.11 -20.07 -7.61
N ALA K 116 38.77 -21.11 -8.35
CA ALA K 116 39.73 -22.19 -8.57
C ALA K 116 40.73 -21.81 -9.67
N THR K 117 42.01 -22.13 -9.44
CA THR K 117 43.06 -21.93 -10.42
C THR K 117 43.06 -23.02 -11.49
N SER K 118 42.79 -24.26 -11.10
CA SER K 118 42.87 -25.40 -12.00
C SER K 118 42.15 -26.57 -11.35
N VAL K 119 42.13 -27.71 -12.04
CA VAL K 119 41.50 -28.90 -11.49
C VAL K 119 42.25 -29.41 -10.26
N SER K 120 43.54 -29.10 -10.13
CA SER K 120 44.31 -29.51 -8.96
CA SER K 120 44.31 -29.51 -8.96
C SER K 120 44.31 -28.44 -7.88
N ILE K 121 44.40 -27.17 -8.27
CA ILE K 121 44.46 -26.05 -7.35
C ILE K 121 43.05 -25.45 -7.35
N ASN K 122 42.11 -26.09 -6.64
CA ASN K 122 40.70 -25.92 -6.92
C ASN K 122 39.89 -25.36 -5.75
N ALA K 123 40.58 -24.69 -4.81
CA ALA K 123 39.98 -23.75 -3.85
C ALA K 123 39.22 -24.38 -2.70
N VAL K 124 38.49 -25.48 -2.92
CA VAL K 124 37.66 -26.06 -1.87
C VAL K 124 37.62 -27.57 -1.93
N HIS K 125 37.28 -28.16 -0.79
CA HIS K 125 36.86 -29.55 -0.65
C HIS K 125 35.51 -29.58 0.05
N GLY K 126 34.70 -30.58 -0.29
CA GLY K 126 33.50 -30.86 0.49
C GLY K 126 33.28 -32.35 0.56
N SER K 127 32.65 -32.78 1.66
CA SER K 127 32.32 -34.21 1.82
C SER K 127 31.46 -34.68 0.66
N ASP K 128 31.67 -35.93 0.22
CA ASP K 128 30.95 -36.42 -0.94
C ASP K 128 29.76 -37.32 -0.59
N SER K 129 29.48 -37.52 0.69
CA SER K 129 28.35 -38.34 1.11
C SER K 129 28.09 -38.08 2.59
N VAL K 130 26.90 -38.47 3.06
CA VAL K 130 26.58 -38.30 4.47
C VAL K 130 27.48 -39.15 5.36
N GLU K 131 27.77 -40.39 4.93
CA GLU K 131 28.65 -41.24 5.72
C GLU K 131 30.07 -40.69 5.74
N ASN K 132 30.54 -40.17 4.61
CA ASN K 132 31.87 -39.55 4.58
CA ASN K 132 31.86 -39.54 4.57
C ASN K 132 31.88 -38.21 5.33
N ALA K 133 30.76 -37.48 5.33
CA ALA K 133 30.72 -36.24 6.10
C ALA K 133 30.91 -36.52 7.59
N ALA K 134 30.28 -37.58 8.10
CA ALA K 134 30.46 -37.93 9.50
C ALA K 134 31.93 -38.21 9.82
N LEU K 135 32.61 -38.97 8.94
CA LEU K 135 34.01 -39.28 9.18
C LEU K 135 34.89 -38.04 9.10
N GLU K 136 34.66 -37.18 8.10
CA GLU K 136 35.50 -36.01 7.93
C GLU K 136 35.29 -35.00 9.05
N ILE K 137 34.05 -34.82 9.48
CA ILE K 137 33.78 -33.94 10.62
C ILE K 137 34.51 -34.44 11.86
N ALA K 138 34.36 -35.73 12.16
CA ALA K 138 35.02 -36.28 13.34
C ALA K 138 36.54 -36.28 13.22
N TYR K 139 37.08 -36.18 12.00
CA TYR K 139 38.53 -36.12 11.85
C TYR K 139 39.06 -34.79 12.36
N PHE K 140 38.39 -33.68 12.04
CA PHE K 140 38.93 -32.38 12.37
C PHE K 140 38.29 -31.74 13.59
N PHE K 141 37.12 -32.21 14.03
CA PHE K 141 36.41 -31.57 15.12
C PHE K 141 35.95 -32.61 16.16
N SER K 142 35.99 -32.21 17.43
CA SER K 142 35.21 -32.92 18.44
C SER K 142 33.76 -32.45 18.34
N GLN K 143 32.85 -33.26 18.89
CA GLN K 143 31.46 -32.80 18.92
C GLN K 143 31.32 -31.55 19.78
N THR K 144 32.12 -31.42 20.83
CA THR K 144 32.09 -30.23 21.68
C THR K 144 32.52 -28.97 20.93
N GLU K 145 33.23 -29.09 19.82
CA GLU K 145 33.54 -27.89 19.05
C GLU K 145 32.40 -27.42 18.17
N ILE K 146 31.38 -28.26 17.95
CA ILE K 146 30.27 -27.85 17.10
CA ILE K 146 30.26 -27.87 17.11
C ILE K 146 29.33 -26.99 17.93
N CYS K 147 28.87 -25.89 17.34
CA CYS K 147 28.08 -24.89 18.07
C CYS K 147 26.69 -24.83 17.47
N PRO K 148 25.76 -25.63 17.98
CA PRO K 148 24.37 -25.55 17.51
C PRO K 148 23.83 -24.12 17.57
N ARG K 149 23.02 -23.78 16.58
CA ARG K 149 22.34 -22.49 16.56
C ARG K 149 21.19 -22.44 17.56
N MET L 9 51.40 2.04 7.73
CA MET L 9 52.31 2.10 8.87
C MET L 9 52.82 0.72 9.26
N ALA L 10 52.80 0.41 10.56
CA ALA L 10 53.33 -0.85 11.07
C ALA L 10 52.28 -1.94 11.02
N ILE L 11 52.74 -3.17 10.76
CA ILE L 11 51.87 -4.34 10.72
C ILE L 11 51.43 -4.69 12.13
N GLU L 12 50.13 -4.80 12.33
CA GLU L 12 49.59 -5.12 13.64
C GLU L 12 48.71 -6.36 13.55
N ARG L 13 48.42 -6.92 14.71
CA ARG L 13 47.40 -7.95 14.86
C ARG L 13 46.36 -7.45 15.84
N THR L 14 45.09 -7.71 15.52
CA THR L 14 44.01 -7.27 16.38
C THR L 14 42.96 -8.36 16.42
N ILE L 15 42.12 -8.34 17.46
CA ILE L 15 41.03 -9.29 17.63
CA ILE L 15 41.04 -9.31 17.58
C ILE L 15 39.77 -8.70 17.01
N SER L 16 38.99 -9.57 16.38
CA SER L 16 37.66 -9.27 15.88
C SER L 16 36.78 -10.36 16.44
N ILE L 17 35.63 -9.98 16.98
CA ILE L 17 34.59 -10.94 17.34
C ILE L 17 33.35 -10.62 16.54
N ILE L 18 32.84 -11.58 15.80
CA ILE L 18 31.53 -11.46 15.18
C ILE L 18 30.51 -11.98 16.17
N LYS L 19 29.62 -11.11 16.63
CA LYS L 19 28.77 -11.39 17.76
C LYS L 19 27.62 -12.31 17.36
N PRO L 20 26.87 -12.83 18.36
CA PRO L 20 25.85 -13.84 18.05
C PRO L 20 24.76 -13.34 17.12
N ASP L 21 24.49 -12.04 17.09
CA ASP L 21 23.49 -11.51 16.16
C ASP L 21 23.95 -11.67 14.71
N ALA L 22 25.20 -11.31 14.43
CA ALA L 22 25.68 -11.39 13.06
C ALA L 22 25.90 -12.84 12.64
N VAL L 23 26.38 -13.69 13.56
CA VAL L 23 26.41 -15.12 13.29
C VAL L 23 25.02 -15.63 12.98
N GLY L 24 24.02 -15.25 13.79
CA GLY L 24 22.66 -15.71 13.55
C GLY L 24 22.08 -15.19 12.24
N LYS L 25 22.53 -14.02 11.80
CA LYS L 25 22.12 -13.50 10.50
CA LYS L 25 22.11 -13.51 10.49
C LYS L 25 22.82 -14.22 9.35
N ASN L 26 23.80 -15.07 9.65
CA ASN L 26 24.60 -15.75 8.62
C ASN L 26 25.23 -14.75 7.65
N VAL L 27 25.91 -13.75 8.22
CA VAL L 27 26.67 -12.79 7.44
C VAL L 27 28.15 -12.80 7.83
N ILE L 28 28.63 -13.92 8.37
CA ILE L 28 30.06 -14.08 8.64
C ILE L 28 30.88 -13.77 7.40
N GLY L 29 30.51 -14.35 6.26
CA GLY L 29 31.28 -14.15 5.04
C GLY L 29 31.34 -12.70 4.61
N LYS L 30 30.19 -12.02 4.63
CA LYS L 30 30.17 -10.60 4.26
CA LYS L 30 30.17 -10.60 4.26
C LYS L 30 31.11 -9.79 5.14
N ILE L 31 31.13 -10.08 6.45
CA ILE L 31 32.01 -9.35 7.35
C ILE L 31 33.47 -9.72 7.09
N TYR L 32 33.76 -11.00 6.85
CA TYR L 32 35.11 -11.40 6.50
C TYR L 32 35.61 -10.66 5.27
N SER L 33 34.77 -10.55 4.25
CA SER L 33 35.14 -9.83 3.04
C SER L 33 35.41 -8.35 3.30
N ARG L 34 34.70 -7.73 4.27
CA ARG L 34 35.05 -6.35 4.63
C ARG L 34 36.49 -6.25 5.08
N PHE L 35 36.94 -7.19 5.92
CA PHE L 35 38.34 -7.23 6.31
C PHE L 35 39.24 -7.51 5.12
N GLU L 36 38.93 -8.57 4.36
CA GLU L 36 39.87 -9.07 3.37
C GLU L 36 40.03 -8.13 2.20
N GLU L 37 38.99 -7.34 1.89
CA GLU L 37 39.08 -6.38 0.81
C GLU L 37 39.64 -5.04 1.24
N ASN L 38 40.01 -4.89 2.50
CA ASN L 38 40.54 -3.64 3.01
C ASN L 38 41.85 -3.84 3.75
N GLY L 39 42.70 -4.73 3.24
CA GLY L 39 44.07 -4.82 3.70
C GLY L 39 44.31 -5.68 4.93
N LEU L 40 43.34 -6.43 5.40
CA LEU L 40 43.50 -7.27 6.57
C LEU L 40 43.40 -8.74 6.17
N LYS L 41 44.22 -9.58 6.80
CA LYS L 41 44.23 -11.01 6.55
C LYS L 41 43.82 -11.74 7.81
N ILE L 42 43.03 -12.80 7.65
CA ILE L 42 42.64 -13.66 8.77
CA ILE L 42 42.66 -13.65 8.77
C ILE L 42 43.79 -14.64 9.00
N VAL L 43 44.43 -14.54 10.17
CA VAL L 43 45.56 -15.41 10.48
C VAL L 43 45.29 -16.36 11.64
N ALA L 44 44.15 -16.22 12.32
CA ALA L 44 43.64 -17.22 13.24
C ALA L 44 42.13 -17.04 13.29
N ALA L 45 41.41 -18.13 13.51
CA ALA L 45 39.95 -18.07 13.49
C ALA L 45 39.35 -19.31 14.15
N LYS L 46 38.29 -19.10 14.93
CA LYS L 46 37.50 -20.24 15.38
C LYS L 46 36.11 -19.78 15.76
N MET L 47 35.15 -20.69 15.59
CA MET L 47 33.81 -20.50 16.12
C MET L 47 33.73 -21.06 17.53
N LYS L 48 33.11 -20.30 18.43
CA LYS L 48 33.13 -20.63 19.85
C LYS L 48 31.81 -20.24 20.50
N GLN L 49 31.40 -21.04 21.48
CA GLN L 49 30.27 -20.70 22.35
C GLN L 49 30.90 -20.20 23.65
N LEU L 50 30.79 -18.89 23.90
CA LEU L 50 31.38 -18.33 25.12
C LEU L 50 30.61 -18.77 26.36
N THR L 51 31.35 -19.01 27.44
CA THR L 51 30.72 -19.23 28.74
C THR L 51 30.39 -17.88 29.41
N LEU L 52 29.53 -17.95 30.42
CA LEU L 52 29.24 -16.75 31.20
CA LEU L 52 29.24 -16.76 31.22
C LEU L 52 30.51 -16.14 31.76
N LYS L 53 31.40 -16.98 32.32
CA LYS L 53 32.65 -16.47 32.89
C LYS L 53 33.53 -15.79 31.85
N GLU L 54 33.60 -16.36 30.64
CA GLU L 54 34.41 -15.76 29.60
C GLU L 54 33.87 -14.39 29.19
N ALA L 55 32.56 -14.28 28.97
CA ALA L 55 31.97 -12.99 28.62
C ALA L 55 32.15 -12.00 29.76
N GLN L 56 31.97 -12.44 31.01
CA GLN L 56 32.16 -11.55 32.14
C GLN L 56 33.59 -11.02 32.21
N GLU L 57 34.58 -11.91 32.06
CA GLU L 57 35.96 -11.47 32.15
C GLU L 57 36.33 -10.59 30.96
N PHE L 58 35.95 -11.00 29.76
CA PHE L 58 36.32 -10.22 28.58
C PHE L 58 35.78 -8.80 28.67
N TYR L 59 34.56 -8.64 29.20
CA TYR L 59 33.94 -7.32 29.32
C TYR L 59 33.96 -6.78 30.74
N ALA L 60 34.94 -7.21 31.56
CA ALA L 60 34.97 -6.82 32.96
C ALA L 60 35.06 -5.31 33.15
N VAL L 61 35.62 -4.59 32.19
CA VAL L 61 35.69 -3.13 32.29
C VAL L 61 34.31 -2.51 32.47
N HIS L 62 33.25 -3.20 32.05
CA HIS L 62 31.89 -2.70 32.15
C HIS L 62 31.10 -3.32 33.30
N LYS L 63 31.77 -4.03 34.21
CA LYS L 63 31.05 -4.84 35.20
C LYS L 63 30.10 -4.02 36.07
N ASP L 64 30.34 -2.73 36.21
CA ASP L 64 29.50 -1.88 37.06
C ASP L 64 28.45 -1.11 36.27
N ARG L 65 28.31 -1.38 34.96
CA ARG L 65 27.36 -0.67 34.12
C ARG L 65 25.99 -1.35 34.16
N PRO L 66 24.91 -0.58 34.04
CA PRO L 66 23.58 -1.20 34.00
C PRO L 66 23.36 -2.19 32.86
N PHE L 67 24.07 -2.04 31.74
CA PHE L 67 23.89 -2.94 30.61
C PHE L 67 24.76 -4.19 30.70
N TYR L 68 25.54 -4.36 31.76
CA TYR L 68 26.52 -5.44 31.81
C TYR L 68 25.85 -6.81 31.77
N ALA L 69 24.83 -7.03 32.60
CA ALA L 69 24.19 -8.34 32.62
C ALA L 69 23.60 -8.68 31.26
N GLY L 70 22.95 -7.71 30.62
CA GLY L 70 22.40 -7.96 29.30
C GLY L 70 23.48 -8.17 28.25
N LEU L 71 24.59 -7.46 28.38
CA LEU L 71 25.70 -7.68 27.45
C LEU L 71 26.25 -9.11 27.57
N VAL L 72 26.43 -9.57 28.81
CA VAL L 72 26.91 -10.93 29.02
C VAL L 72 25.90 -11.94 28.49
N GLU L 73 24.60 -11.70 28.71
CA GLU L 73 23.58 -12.61 28.23
C GLU L 73 23.51 -12.63 26.70
N PHE L 74 23.71 -11.47 26.08
CA PHE L 74 23.80 -11.40 24.62
C PHE L 74 25.00 -12.21 24.12
N MET L 75 26.18 -11.94 24.67
CA MET L 75 27.41 -12.52 24.15
C MET L 75 27.50 -14.02 24.39
N THR L 76 26.69 -14.56 25.31
CA THR L 76 26.64 -16.00 25.55
C THR L 76 25.39 -16.65 24.99
N GLY L 77 24.54 -15.90 24.28
CA GLY L 77 23.27 -16.46 23.85
C GLY L 77 23.32 -17.24 22.57
N GLY L 78 24.46 -17.22 21.89
CA GLY L 78 24.68 -18.02 20.72
C GLY L 78 26.14 -17.97 20.39
N PRO L 79 26.57 -18.73 19.39
CA PRO L 79 27.99 -18.81 19.08
C PRO L 79 28.50 -17.51 18.46
N VAL L 80 29.80 -17.27 18.65
CA VAL L 80 30.51 -16.16 18.04
C VAL L 80 31.57 -16.71 17.11
N MET L 81 32.02 -15.85 16.19
CA MET L 81 33.14 -16.17 15.30
C MET L 81 34.29 -15.23 15.66
N ILE L 82 35.43 -15.79 16.08
CA ILE L 82 36.54 -15.01 16.61
C ILE L 82 37.74 -15.14 15.67
N GLN L 83 38.37 -14.02 15.33
CA GLN L 83 39.51 -14.12 14.42
C GLN L 83 40.56 -13.07 14.77
N VAL L 84 41.81 -13.42 14.49
CA VAL L 84 42.92 -12.48 14.54
C VAL L 84 43.12 -11.90 13.16
N LEU L 85 43.15 -10.57 13.08
CA LEU L 85 43.28 -9.85 11.82
C LEU L 85 44.65 -9.21 11.79
N GLU L 86 45.38 -9.41 10.69
CA GLU L 86 46.73 -8.90 10.56
C GLU L 86 46.82 -7.97 9.35
N GLY L 87 47.53 -6.86 9.53
CA GLY L 87 47.77 -5.95 8.43
C GLY L 87 48.26 -4.62 8.95
N GLU L 88 48.53 -3.73 8.01
CA GLU L 88 48.95 -2.38 8.35
C GLU L 88 47.87 -1.68 9.16
N ASN L 89 48.25 -1.11 10.31
CA ASN L 89 47.34 -0.29 11.09
C ASN L 89 46.09 -1.07 11.49
N ALA L 90 46.27 -2.36 11.75
CA ALA L 90 45.13 -3.28 11.85
C ALA L 90 44.19 -2.92 12.98
N VAL L 91 44.71 -2.43 14.11
CA VAL L 91 43.84 -2.09 15.23
C VAL L 91 42.85 -1.00 14.83
N LEU L 92 43.36 0.12 14.32
CA LEU L 92 42.46 1.22 13.96
CA LEU L 92 42.47 1.23 13.95
C LEU L 92 41.69 0.93 12.68
N LYS L 93 42.26 0.15 11.76
CA LYS L 93 41.54 -0.17 10.53
C LYS L 93 40.33 -1.03 10.81
N ASN L 94 40.49 -2.03 11.69
CA ASN L 94 39.36 -2.85 12.10
C ASN L 94 38.23 -1.97 12.64
N ARG L 95 38.58 -1.00 13.48
CA ARG L 95 37.56 -0.16 14.08
C ARG L 95 36.88 0.73 13.05
N GLU L 96 37.65 1.23 12.08
CA GLU L 96 37.03 2.04 11.02
CA GLU L 96 37.05 2.03 11.01
C GLU L 96 36.05 1.21 10.20
N LEU L 97 36.42 -0.04 9.88
CA LEU L 97 35.53 -0.90 9.11
C LEU L 97 34.31 -1.33 9.92
N MET L 98 34.44 -1.48 11.24
CA MET L 98 33.29 -1.81 12.06
CA MET L 98 33.30 -1.79 12.08
C MET L 98 32.27 -0.67 12.07
N GLY L 99 32.74 0.57 12.20
CA GLY L 99 31.86 1.73 12.29
C GLY L 99 31.40 2.01 13.71
N ALA L 100 30.76 3.17 13.87
CA ALA L 100 30.24 3.60 15.16
C ALA L 100 29.17 2.63 15.69
N THR L 101 29.03 2.57 17.01
CA THR L 101 28.12 1.60 17.61
C THR L 101 26.66 1.90 17.29
N ASN L 102 26.30 3.17 17.07
CA ASN L 102 24.94 3.54 16.68
C ASN L 102 24.74 3.24 15.20
N PRO L 103 23.89 2.28 14.86
CA PRO L 103 23.78 1.88 13.44
C PRO L 103 23.29 3.00 12.54
N THR L 104 22.55 3.96 13.09
CA THR L 104 22.11 5.11 12.29
C THR L 104 23.23 6.11 12.07
N GLU L 105 24.19 6.19 12.99
CA GLU L 105 25.35 7.07 12.84
C GLU L 105 26.55 6.39 12.18
N ALA L 106 26.53 5.06 12.06
CA ALA L 106 27.64 4.36 11.45
C ALA L 106 27.81 4.79 9.99
N ALA L 107 29.06 4.96 9.57
CA ALA L 107 29.32 5.43 8.21
C ALA L 107 28.84 4.41 7.19
N GLU L 108 28.40 4.92 6.03
CA GLU L 108 28.00 4.06 4.93
C GLU L 108 29.08 3.04 4.64
N GLY L 109 28.66 1.80 4.40
CA GLY L 109 29.58 0.74 4.08
C GLY L 109 30.34 0.13 5.25
N THR L 110 30.05 0.52 6.49
CA THR L 110 30.66 -0.16 7.63
C THR L 110 29.86 -1.39 8.01
N ILE L 111 30.49 -2.25 8.82
CA ILE L 111 29.82 -3.48 9.26
C ILE L 111 28.56 -3.15 10.04
N ARG L 112 28.65 -2.16 10.93
CA ARG L 112 27.52 -1.87 11.79
C ARG L 112 26.42 -1.16 11.02
N ALA L 113 26.80 -0.31 10.07
CA ALA L 113 25.80 0.29 9.18
C ALA L 113 24.97 -0.78 8.50
N ASP L 114 25.61 -1.88 8.11
CA ASP L 114 24.90 -2.91 7.37
C ASP L 114 24.27 -3.98 8.24
N PHE L 115 24.85 -4.31 9.41
CA PHE L 115 24.45 -5.52 10.10
C PHE L 115 24.11 -5.35 11.58
N ALA L 116 24.34 -4.17 12.17
CA ALA L 116 24.01 -3.97 13.58
C ALA L 116 22.53 -3.64 13.74
N THR L 117 21.91 -4.22 14.77
CA THR L 117 20.52 -3.97 15.10
C THR L 117 20.34 -2.75 15.99
N SER L 118 21.26 -2.53 16.93
CA SER L 118 21.11 -1.42 17.88
C SER L 118 22.48 -1.12 18.49
N VAL L 119 22.53 -0.07 19.31
CA VAL L 119 23.80 0.31 19.92
CA VAL L 119 23.79 0.32 19.93
C VAL L 119 24.36 -0.83 20.77
N SER L 120 23.49 -1.67 21.32
CA SER L 120 23.93 -2.81 22.12
CA SER L 120 23.98 -2.80 22.11
C SER L 120 24.09 -4.08 21.28
N ILE L 121 23.17 -4.28 20.35
CA ILE L 121 23.18 -5.47 19.51
C ILE L 121 23.91 -5.07 18.23
N ASN L 122 25.24 -5.01 18.32
CA ASN L 122 26.01 -4.21 17.36
C ASN L 122 27.02 -5.02 16.53
N ALA L 123 26.78 -6.32 16.36
CA ALA L 123 27.42 -7.16 15.33
C ALA L 123 28.86 -7.57 15.58
N VAL L 124 29.71 -6.66 16.08
CA VAL L 124 31.15 -6.90 16.11
C VAL L 124 31.79 -6.24 17.33
N HIS L 125 32.89 -6.84 17.78
CA HIS L 125 33.86 -6.25 18.68
C HIS L 125 35.22 -6.16 17.98
N GLY L 126 36.00 -5.13 18.30
CA GLY L 126 37.39 -5.08 17.89
C GLY L 126 38.24 -4.50 19.00
N SER L 127 39.48 -4.97 19.09
CA SER L 127 40.40 -4.46 20.09
C SER L 127 40.56 -2.95 19.93
N ASP L 128 40.73 -2.25 21.04
CA ASP L 128 40.73 -0.79 20.99
C ASP L 128 42.13 -0.18 21.08
N SER L 129 43.17 -1.00 21.23
CA SER L 129 44.54 -0.49 21.29
C SER L 129 45.49 -1.64 20.99
N VAL L 130 46.74 -1.30 20.71
CA VAL L 130 47.74 -2.32 20.48
C VAL L 130 47.92 -3.19 21.73
N GLU L 131 47.99 -2.55 22.91
CA GLU L 131 48.19 -3.31 24.14
C GLU L 131 46.97 -4.16 24.47
N ASN L 132 45.76 -3.62 24.25
CA ASN L 132 44.55 -4.39 24.48
CA ASN L 132 44.58 -4.42 24.50
C ASN L 132 44.42 -5.52 23.46
N ALA L 133 44.89 -5.30 22.23
CA ALA L 133 44.84 -6.34 21.23
C ALA L 133 45.68 -7.54 21.66
N ALA L 134 46.89 -7.29 22.15
CA ALA L 134 47.74 -8.38 22.60
C ALA L 134 47.05 -9.19 23.69
N LEU L 135 46.36 -8.51 24.61
CA LEU L 135 45.69 -9.22 25.72
C LEU L 135 44.50 -10.03 25.20
N GLU L 136 43.67 -9.43 24.35
CA GLU L 136 42.48 -10.14 23.86
C GLU L 136 42.87 -11.34 23.01
N ILE L 137 43.92 -11.20 22.18
CA ILE L 137 44.38 -12.34 21.40
C ILE L 137 44.84 -13.46 22.32
N ALA L 138 45.66 -13.12 23.31
CA ALA L 138 46.15 -14.14 24.25
C ALA L 138 45.01 -14.74 25.07
N TYR L 139 43.91 -14.01 25.23
CA TYR L 139 42.78 -14.54 25.98
C TYR L 139 42.14 -15.70 25.24
N PHE L 140 41.94 -15.56 23.93
CA PHE L 140 41.21 -16.55 23.16
C PHE L 140 42.09 -17.53 22.39
N PHE L 141 43.36 -17.21 22.15
CA PHE L 141 44.21 -18.02 21.28
C PHE L 141 45.55 -18.30 21.93
N SER L 142 46.06 -19.50 21.72
CA SER L 142 47.50 -19.70 21.90
C SER L 142 48.24 -19.17 20.68
N GLN L 143 49.53 -18.85 20.86
CA GLN L 143 50.35 -18.45 19.73
C GLN L 143 50.39 -19.54 18.66
N THR L 144 50.29 -20.82 19.04
CA THR L 144 50.32 -21.92 18.09
C THR L 144 49.07 -21.98 17.22
N GLU L 145 47.99 -21.27 17.59
CA GLU L 145 46.82 -21.24 16.72
C GLU L 145 46.92 -20.19 15.64
N ILE L 146 47.91 -19.31 15.72
CA ILE L 146 48.08 -18.28 14.71
C ILE L 146 48.86 -18.88 13.55
N CYS L 147 48.36 -18.69 12.32
CA CYS L 147 48.86 -19.40 11.14
C CYS L 147 49.45 -18.39 10.16
N PRO L 148 50.77 -18.16 10.21
CA PRO L 148 51.40 -17.28 9.22
C PRO L 148 51.34 -17.88 7.82
N ARG L 149 51.27 -17.02 6.82
CA ARG L 149 51.31 -17.47 5.44
C ARG L 149 52.73 -17.37 4.90
N MET M 9 42.27 -60.43 21.55
CA MET M 9 41.84 -59.05 21.77
C MET M 9 42.72 -58.07 21.01
N ALA M 10 42.09 -57.15 20.28
CA ALA M 10 42.82 -56.16 19.52
C ALA M 10 43.16 -54.94 20.36
N ILE M 11 43.94 -54.04 19.78
CA ILE M 11 44.29 -52.81 20.48
CA ILE M 11 44.32 -52.78 20.44
C ILE M 11 43.14 -51.83 20.38
N GLU M 12 42.60 -51.45 21.53
CA GLU M 12 41.44 -50.58 21.59
C GLU M 12 41.86 -49.22 22.11
N ARG M 13 40.97 -48.26 21.95
CA ARG M 13 41.07 -46.97 22.60
C ARG M 13 39.82 -46.77 23.41
N THR M 14 39.97 -46.21 24.59
CA THR M 14 38.82 -45.96 25.45
C THR M 14 38.98 -44.59 26.07
N ILE M 15 37.84 -44.00 26.49
CA ILE M 15 37.90 -42.71 27.18
C ILE M 15 38.01 -42.95 28.68
N SER M 16 38.78 -42.08 29.32
CA SER M 16 38.85 -41.99 30.76
C SER M 16 38.58 -40.53 31.14
N ILE M 17 37.75 -40.31 32.15
CA ILE M 17 37.57 -38.98 32.72
C ILE M 17 37.92 -39.05 34.18
N ILE M 18 38.87 -38.21 34.60
CA ILE M 18 39.15 -38.03 36.01
C ILE M 18 38.28 -36.86 36.47
N LYS M 19 37.40 -37.13 37.42
CA LYS M 19 36.28 -36.25 37.69
C LYS M 19 36.72 -35.09 38.60
N PRO M 20 35.84 -34.09 38.84
CA PRO M 20 36.31 -32.91 39.57
C PRO M 20 36.77 -33.22 40.98
N ASP M 21 36.26 -34.30 41.59
CA ASP M 21 36.67 -34.64 42.94
C ASP M 21 38.13 -35.08 42.96
N ALA M 22 38.50 -35.95 42.04
CA ALA M 22 39.88 -36.43 42.01
C ALA M 22 40.83 -35.35 41.50
N VAL M 23 40.39 -34.53 40.53
CA VAL M 23 41.21 -33.37 40.14
C VAL M 23 41.44 -32.46 41.33
N GLY M 24 40.36 -32.14 42.07
CA GLY M 24 40.50 -31.24 43.20
C GLY M 24 41.38 -31.80 44.30
N LYS M 25 41.46 -33.13 44.42
CA LYS M 25 42.35 -33.76 45.39
C LYS M 25 43.78 -33.88 44.89
N ASN M 26 44.06 -33.44 43.67
CA ASN M 26 45.40 -33.47 43.09
C ASN M 26 45.97 -34.89 43.06
N VAL M 27 45.17 -35.84 42.56
CA VAL M 27 45.65 -37.21 42.42
C VAL M 27 45.57 -37.64 40.96
N ILE M 28 45.61 -36.67 40.04
CA ILE M 28 45.66 -37.00 38.61
C ILE M 28 46.81 -37.96 38.33
N GLY M 29 47.99 -37.67 38.89
CA GLY M 29 49.17 -38.49 38.61
C GLY M 29 49.03 -39.91 39.10
N LYS M 30 48.53 -40.08 40.32
CA LYS M 30 48.36 -41.43 40.85
C LYS M 30 47.40 -42.24 39.98
N ILE M 31 46.32 -41.61 39.50
CA ILE M 31 45.37 -42.32 38.66
C ILE M 31 46.00 -42.66 37.31
N TYR M 32 46.70 -41.69 36.71
CA TYR M 32 47.44 -41.95 35.48
C TYR M 32 48.37 -43.16 35.64
N SER M 33 49.10 -43.23 36.74
CA SER M 33 50.05 -44.33 36.95
C SER M 33 49.34 -45.67 37.03
N ARG M 34 48.08 -45.70 37.50
CA ARG M 34 47.31 -46.94 37.47
C ARG M 34 47.16 -47.45 36.04
N PHE M 35 46.79 -46.56 35.12
CA PHE M 35 46.72 -46.94 33.72
C PHE M 35 48.09 -47.35 33.20
N GLU M 36 49.09 -46.50 33.42
CA GLU M 36 50.38 -46.67 32.74
C GLU M 36 51.11 -47.91 33.24
N GLU M 37 51.00 -48.20 34.53
CA GLU M 37 51.68 -49.36 35.10
C GLU M 37 50.98 -50.66 34.79
N ASN M 38 49.85 -50.62 34.09
CA ASN M 38 49.17 -51.82 33.64
C ASN M 38 49.08 -51.87 32.11
N GLY M 39 49.96 -51.17 31.42
CA GLY M 39 50.11 -51.35 29.99
C GLY M 39 49.26 -50.47 29.11
N LEU M 40 48.44 -49.59 29.68
CA LEU M 40 47.69 -48.63 28.88
C LEU M 40 48.55 -47.40 28.61
N LYS M 41 48.41 -46.84 27.42
CA LYS M 41 49.16 -45.65 27.02
C LYS M 41 48.22 -44.48 26.82
N ILE M 42 48.61 -43.32 27.32
CA ILE M 42 47.83 -42.09 27.13
CA ILE M 42 47.85 -42.08 27.14
C ILE M 42 48.17 -41.53 25.75
N VAL M 43 47.17 -41.48 24.88
CA VAL M 43 47.41 -41.02 23.51
C VAL M 43 46.65 -39.73 23.18
N ALA M 44 45.82 -39.23 24.08
CA ALA M 44 45.23 -37.91 23.95
C ALA M 44 44.88 -37.48 25.38
N ALA M 45 45.00 -36.18 25.66
CA ALA M 45 44.72 -35.72 27.02
C ALA M 45 44.43 -34.22 27.02
N LYS M 46 43.45 -33.81 27.83
CA LYS M 46 43.25 -32.38 28.03
C LYS M 46 42.48 -32.14 29.32
N MET M 47 42.80 -31.04 29.98
CA MET M 47 42.05 -30.56 31.12
C MET M 47 40.95 -29.63 30.62
N LYS M 48 39.75 -29.78 31.15
CA LYS M 48 38.61 -29.05 30.59
C LYS M 48 37.57 -28.82 31.67
N GLN M 49 36.90 -27.67 31.57
CA GLN M 49 35.75 -27.34 32.41
C GLN M 49 34.51 -27.69 31.60
N LEU M 50 33.78 -28.72 32.01
CA LEU M 50 32.58 -29.11 31.26
C LEU M 50 31.46 -28.09 31.46
N THR M 51 30.75 -27.81 30.37
CA THR M 51 29.55 -27.00 30.47
C THR M 51 28.38 -27.86 30.93
N LEU M 52 27.30 -27.20 31.36
CA LEU M 52 26.08 -27.92 31.71
C LEU M 52 25.62 -28.79 30.54
N LYS M 53 25.62 -28.23 29.33
CA LYS M 53 25.13 -28.99 28.18
C LYS M 53 26.02 -30.18 27.89
N GLU M 54 27.34 -30.02 28.03
CA GLU M 54 28.25 -31.13 27.80
C GLU M 54 28.03 -32.27 28.77
N ALA M 55 27.87 -31.96 30.07
CA ALA M 55 27.63 -33.01 31.04
C ALA M 55 26.28 -33.68 30.79
N GLN M 56 25.26 -32.87 30.46
CA GLN M 56 23.93 -33.42 30.20
C GLN M 56 23.95 -34.33 28.98
N GLU M 57 24.64 -33.92 27.92
CA GLU M 57 24.69 -34.75 26.72
C GLU M 57 25.54 -35.99 26.96
N PHE M 58 26.68 -35.83 27.61
CA PHE M 58 27.57 -36.99 27.77
C PHE M 58 26.91 -38.08 28.60
N TYR M 59 26.09 -37.69 29.58
CA TYR M 59 25.44 -38.63 30.47
C TYR M 59 23.95 -38.79 30.16
N ALA M 60 23.59 -38.59 28.89
CA ALA M 60 22.18 -38.58 28.51
C ALA M 60 21.50 -39.92 28.76
N VAL M 61 22.26 -41.00 28.86
CA VAL M 61 21.67 -42.31 29.13
C VAL M 61 21.01 -42.34 30.50
N HIS M 62 21.44 -41.48 31.42
CA HIS M 62 20.90 -41.43 32.77
C HIS M 62 19.86 -40.33 32.97
N LYS M 63 19.42 -39.68 31.89
CA LYS M 63 18.63 -38.47 32.03
C LYS M 63 17.34 -38.67 32.83
N ASP M 64 16.82 -39.90 32.89
CA ASP M 64 15.59 -40.17 33.62
C ASP M 64 15.83 -40.72 35.02
N ARG M 65 17.12 -40.84 35.47
CA ARG M 65 17.37 -41.35 36.81
C ARG M 65 17.29 -40.22 37.82
N PRO M 66 16.97 -40.52 39.08
CA PRO M 66 16.86 -39.45 40.08
C PRO M 66 18.18 -38.75 40.38
N PHE M 67 19.32 -39.43 40.20
CA PHE M 67 20.62 -38.83 40.51
C PHE M 67 21.16 -37.95 39.38
N TYR M 68 20.39 -37.76 38.30
CA TYR M 68 20.94 -37.17 37.08
C TYR M 68 21.28 -35.69 37.26
N ALA M 69 20.31 -34.89 37.71
CA ALA M 69 20.57 -33.47 37.94
C ALA M 69 21.78 -33.26 38.84
N GLY M 70 21.89 -34.06 39.91
CA GLY M 70 23.03 -33.93 40.81
C GLY M 70 24.34 -34.35 40.17
N LEU M 71 24.30 -35.44 39.40
CA LEU M 71 25.48 -35.87 38.65
C LEU M 71 25.98 -34.76 37.73
N VAL M 72 25.06 -34.09 37.04
CA VAL M 72 25.48 -33.02 36.13
C VAL M 72 26.08 -31.86 36.92
N GLU M 73 25.52 -31.56 38.09
CA GLU M 73 26.08 -30.49 38.91
C GLU M 73 27.48 -30.86 39.40
N PHE M 74 27.62 -32.08 39.92
CA PHE M 74 28.92 -32.57 40.33
C PHE M 74 29.94 -32.48 39.20
N MET M 75 29.57 -32.95 38.01
CA MET M 75 30.53 -33.02 36.92
C MET M 75 30.86 -31.65 36.32
N THR M 76 30.14 -30.60 36.69
CA THR M 76 30.41 -29.26 36.21
C THR M 76 30.90 -28.33 37.30
N GLY M 77 31.11 -28.84 38.52
CA GLY M 77 31.51 -28.00 39.64
C GLY M 77 32.96 -27.60 39.63
N GLY M 78 33.78 -28.28 38.85
CA GLY M 78 35.17 -27.98 38.73
C GLY M 78 35.71 -28.73 37.52
N PRO M 79 36.96 -28.47 37.16
CA PRO M 79 37.50 -29.06 35.93
C PRO M 79 37.74 -30.56 36.05
N VAL M 80 37.76 -31.22 34.89
CA VAL M 80 38.05 -32.64 34.78
C VAL M 80 39.31 -32.81 33.95
N MET M 81 39.87 -34.00 34.00
CA MET M 81 41.00 -34.39 33.16
C MET M 81 40.53 -35.53 32.26
N ILE M 82 40.55 -35.32 30.94
CA ILE M 82 40.00 -36.27 29.97
C ILE M 82 41.16 -36.86 29.15
N GLN M 83 41.18 -38.19 29.00
CA GLN M 83 42.26 -38.78 28.20
C GLN M 83 41.75 -40.00 27.44
N VAL M 84 42.40 -40.27 26.31
CA VAL M 84 42.18 -41.50 25.56
C VAL M 84 43.27 -42.48 25.95
N LEU M 85 42.88 -43.68 26.37
CA LEU M 85 43.81 -44.73 26.76
C LEU M 85 43.84 -45.79 25.66
N GLU M 86 45.04 -46.21 25.28
CA GLU M 86 45.23 -47.16 24.19
C GLU M 86 45.95 -48.41 24.68
N GLY M 87 45.50 -49.57 24.22
CA GLY M 87 46.17 -50.82 24.52
C GLY M 87 45.26 -51.99 24.21
N GLU M 88 45.84 -53.18 24.22
CA GLU M 88 45.05 -54.38 24.08
C GLU M 88 43.99 -54.42 25.19
N ASN M 89 42.75 -54.71 24.81
CA ASN M 89 41.65 -54.88 25.76
C ASN M 89 41.44 -53.62 26.62
N ALA M 90 41.69 -52.44 26.04
CA ALA M 90 41.74 -51.21 26.84
C ALA M 90 40.40 -50.88 27.49
N VAL M 91 39.28 -51.15 26.80
CA VAL M 91 37.98 -50.81 27.36
C VAL M 91 37.76 -51.54 28.69
N LEU M 92 37.93 -52.87 28.67
CA LEU M 92 37.70 -53.64 29.88
C LEU M 92 38.81 -53.45 30.91
N LYS M 93 40.04 -53.29 30.45
CA LYS M 93 41.13 -53.12 31.41
C LYS M 93 40.97 -51.83 32.20
N ASN M 94 40.56 -50.76 31.51
CA ASN M 94 40.24 -49.50 32.18
C ASN M 94 39.18 -49.71 33.26
N ARG M 95 38.11 -50.43 32.93
CA ARG M 95 37.04 -50.64 33.90
C ARG M 95 37.51 -51.48 35.07
N GLU M 96 38.36 -52.47 34.82
CA GLU M 96 38.88 -53.27 35.92
C GLU M 96 39.75 -52.44 36.84
N LEU M 97 40.54 -51.53 36.27
CA LEU M 97 41.38 -50.63 37.06
C LEU M 97 40.55 -49.61 37.83
N MET M 98 39.42 -49.18 37.27
CA MET M 98 38.56 -48.24 37.99
C MET M 98 37.91 -48.90 39.19
N GLY M 99 37.50 -50.16 39.06
CA GLY M 99 36.81 -50.85 40.13
C GLY M 99 35.32 -50.55 40.13
N ALA M 100 34.60 -51.19 41.05
CA ALA M 100 33.16 -51.01 41.15
C ALA M 100 32.82 -49.57 41.49
N THR M 101 31.62 -49.13 41.07
CA THR M 101 31.23 -47.74 41.25
C THR M 101 31.17 -47.36 42.72
N ASN M 102 30.71 -48.28 43.57
CA ASN M 102 30.67 -48.03 45.02
C ASN M 102 32.01 -48.40 45.63
N PRO M 103 32.77 -47.45 46.18
CA PRO M 103 34.12 -47.78 46.68
C PRO M 103 34.13 -48.83 47.77
N THR M 104 33.05 -48.96 48.54
CA THR M 104 32.98 -50.00 49.56
C THR M 104 32.88 -51.39 48.94
N GLU M 105 32.49 -51.48 47.66
CA GLU M 105 32.46 -52.75 46.95
C GLU M 105 33.64 -52.94 46.01
N ALA M 106 34.40 -51.89 45.74
CA ALA M 106 35.49 -51.96 44.77
C ALA M 106 36.64 -52.81 45.32
N ALA M 107 37.30 -53.55 44.41
CA ALA M 107 38.39 -54.42 44.84
C ALA M 107 39.58 -53.59 45.30
N GLU M 108 40.34 -54.15 46.25
CA GLU M 108 41.53 -53.49 46.75
C GLU M 108 42.44 -53.06 45.61
N GLY M 109 43.04 -51.90 45.75
CA GLY M 109 43.96 -51.40 44.75
C GLY M 109 43.33 -50.80 43.51
N THR M 110 42.00 -50.69 43.44
CA THR M 110 41.38 -50.04 42.29
C THR M 110 41.30 -48.54 42.53
N ILE M 111 41.02 -47.80 41.45
CA ILE M 111 40.93 -46.35 41.57
C ILE M 111 39.80 -45.95 42.51
N ARG M 112 38.64 -46.62 42.41
CA ARG M 112 37.53 -46.30 43.29
C ARG M 112 37.85 -46.66 44.75
N ALA M 113 38.48 -47.81 44.97
CA ALA M 113 38.82 -48.19 46.33
C ALA M 113 39.71 -47.14 46.98
N ASP M 114 40.62 -46.54 46.21
CA ASP M 114 41.62 -45.63 46.77
C ASP M 114 41.22 -44.17 46.72
N PHE M 115 40.45 -43.74 45.72
CA PHE M 115 40.19 -42.32 45.55
C PHE M 115 38.74 -41.92 45.49
N ALA M 116 37.79 -42.86 45.39
CA ALA M 116 36.39 -42.49 45.35
C ALA M 116 35.88 -42.13 46.73
N THR M 117 35.13 -41.02 46.80
CA THR M 117 34.48 -40.60 48.04
C THR M 117 33.23 -41.44 48.31
N SER M 118 32.45 -41.73 47.27
CA SER M 118 31.20 -42.45 47.41
C SER M 118 30.80 -42.99 46.04
N VAL M 119 29.66 -43.68 46.00
CA VAL M 119 29.12 -44.18 44.74
C VAL M 119 28.78 -43.04 43.78
N SER M 120 28.47 -41.86 44.29
CA SER M 120 28.17 -40.74 43.42
CA SER M 120 28.17 -40.73 43.43
C SER M 120 29.37 -39.85 43.17
N ILE M 121 30.28 -39.74 44.13
CA ILE M 121 31.46 -38.92 43.99
C ILE M 121 32.63 -39.89 43.83
N ASN M 122 32.81 -40.45 42.62
CA ASN M 122 33.53 -41.71 42.50
C ASN M 122 34.76 -41.63 41.60
N ALA M 123 35.29 -40.41 41.37
CA ALA M 123 36.64 -40.16 40.90
C ALA M 123 36.84 -40.33 39.40
N VAL M 124 36.20 -41.32 38.76
CA VAL M 124 36.54 -41.64 37.37
C VAL M 124 35.30 -42.08 36.61
N HIS M 125 35.37 -41.88 35.29
CA HIS M 125 34.49 -42.50 34.33
C HIS M 125 35.34 -43.25 33.31
N GLY M 126 34.82 -44.35 32.80
CA GLY M 126 35.40 -45.00 31.64
C GLY M 126 34.32 -45.53 30.73
N SER M 127 34.63 -45.57 29.43
CA SER M 127 33.71 -46.11 28.45
C SER M 127 33.37 -47.56 28.78
N ASP M 128 32.12 -47.94 28.55
CA ASP M 128 31.68 -49.26 28.96
C ASP M 128 31.61 -50.26 27.82
N SER M 129 31.95 -49.86 26.59
CA SER M 129 31.97 -50.77 25.46
C SER M 129 32.84 -50.16 24.36
N VAL M 130 33.19 -50.99 23.38
CA VAL M 130 33.96 -50.51 22.23
C VAL M 130 33.14 -49.49 21.44
N GLU M 131 31.85 -49.76 21.26
CA GLU M 131 31.01 -48.84 20.51
C GLU M 131 30.84 -47.53 21.28
N ASN M 132 30.63 -47.63 22.59
CA ASN M 132 30.52 -46.41 23.39
CA ASN M 132 30.51 -46.42 23.41
C ASN M 132 31.84 -45.67 23.48
N ALA M 133 32.97 -46.39 23.48
CA ALA M 133 34.26 -45.72 23.49
C ALA M 133 34.42 -44.83 22.26
N ALA M 134 34.10 -45.36 21.09
CA ALA M 134 34.20 -44.56 19.87
C ALA M 134 33.37 -43.29 19.96
N LEU M 135 32.12 -43.40 20.43
CA LEU M 135 31.26 -42.23 20.54
C LEU M 135 31.80 -41.24 21.56
N GLU M 136 32.27 -41.74 22.70
CA GLU M 136 32.74 -40.85 23.74
C GLU M 136 34.04 -40.16 23.35
N ILE M 137 34.97 -40.88 22.73
CA ILE M 137 36.19 -40.26 22.22
C ILE M 137 35.83 -39.15 21.23
N ALA M 138 34.96 -39.46 20.26
CA ALA M 138 34.58 -38.48 19.24
C ALA M 138 33.85 -37.29 19.85
N TYR M 139 33.19 -37.48 21.00
CA TYR M 139 32.51 -36.37 21.64
C TYR M 139 33.49 -35.31 22.11
N PHE M 140 34.61 -35.72 22.70
CA PHE M 140 35.54 -34.80 23.34
C PHE M 140 36.77 -34.49 22.50
N PHE M 141 37.11 -35.33 21.52
CA PHE M 141 38.35 -35.20 20.77
C PHE M 141 38.11 -35.32 19.27
N SER M 142 38.82 -34.49 18.50
CA SER M 142 38.95 -34.78 17.07
C SER M 142 39.99 -35.87 16.89
N GLN M 143 39.95 -36.56 15.76
CA GLN M 143 41.00 -37.54 15.49
C GLN M 143 42.38 -36.89 15.46
N THR M 144 42.47 -35.65 14.98
CA THR M 144 43.74 -34.93 14.93
C THR M 144 44.31 -34.65 16.32
N GLU M 145 43.51 -34.71 17.39
CA GLU M 145 44.07 -34.53 18.73
C GLU M 145 44.69 -35.80 19.27
N ILE M 146 44.46 -36.94 18.64
CA ILE M 146 45.00 -38.19 19.13
C ILE M 146 46.40 -38.34 18.57
N CYS M 147 47.38 -38.63 19.44
CA CYS M 147 48.79 -38.62 19.10
C CYS M 147 49.32 -40.04 19.17
N PRO M 148 49.28 -40.80 18.06
CA PRO M 148 49.76 -42.18 18.10
C PRO M 148 51.23 -42.24 18.47
N ARG M 149 51.59 -43.33 19.13
CA ARG M 149 52.94 -43.53 19.60
C ARG M 149 53.86 -43.98 18.47
N MET N 9 55.33 -17.65 50.07
CA MET N 9 55.67 -17.20 48.73
C MET N 9 54.40 -16.92 47.93
N ALA N 10 54.55 -16.14 46.85
CA ALA N 10 53.40 -15.75 46.03
C ALA N 10 53.08 -16.85 45.01
N ILE N 11 51.82 -16.88 44.59
CA ILE N 11 51.30 -17.93 43.72
C ILE N 11 51.63 -17.60 42.26
N GLU N 12 52.47 -18.42 41.66
CA GLU N 12 52.86 -18.25 40.27
C GLU N 12 52.26 -19.37 39.43
N ARG N 13 52.39 -19.22 38.11
CA ARG N 13 52.09 -20.26 37.16
C ARG N 13 53.29 -20.45 36.26
N THR N 14 53.61 -21.71 35.96
CA THR N 14 54.76 -22.02 35.13
C THR N 14 54.37 -23.12 34.17
N ILE N 15 55.14 -23.24 33.10
CA ILE N 15 54.94 -24.28 32.10
C ILE N 15 55.80 -25.48 32.47
N SER N 16 55.26 -26.67 32.25
CA SER N 16 55.98 -27.92 32.31
C SER N 16 55.76 -28.65 31.00
N ILE N 17 56.82 -29.22 30.43
CA ILE N 17 56.67 -30.11 29.30
C ILE N 17 57.27 -31.45 29.70
N ILE N 18 56.47 -32.50 29.58
CA ILE N 18 56.98 -33.86 29.67
C ILE N 18 57.34 -34.29 28.27
N LYS N 19 58.61 -34.61 28.05
CA LYS N 19 59.20 -34.74 26.72
C LYS N 19 58.91 -36.11 26.12
N PRO N 20 59.21 -36.32 24.83
CA PRO N 20 58.83 -37.59 24.18
C PRO N 20 59.42 -38.82 24.82
N ASP N 21 60.58 -38.70 25.47
CA ASP N 21 61.16 -39.86 26.13
C ASP N 21 60.30 -40.30 27.32
N ALA N 22 59.95 -39.37 28.20
CA ALA N 22 59.14 -39.74 29.36
C ALA N 22 57.71 -40.13 28.97
N VAL N 23 57.13 -39.49 27.96
CA VAL N 23 55.84 -39.95 27.44
C VAL N 23 55.96 -41.39 26.95
N GLY N 24 57.00 -41.69 26.16
CA GLY N 24 57.16 -43.05 25.67
C GLY N 24 57.48 -44.06 26.74
N LYS N 25 58.08 -43.61 27.85
CA LYS N 25 58.27 -44.50 29.00
C LYS N 25 56.98 -44.71 29.78
N ASN N 26 55.94 -43.94 29.49
CA ASN N 26 54.66 -44.02 30.20
C ASN N 26 54.84 -43.74 31.70
N VAL N 27 55.56 -42.67 32.01
CA VAL N 27 55.67 -42.23 33.40
C VAL N 27 55.10 -40.81 33.55
N ILE N 28 54.12 -40.46 32.70
CA ILE N 28 53.42 -39.20 32.86
C ILE N 28 52.83 -39.09 34.27
N GLY N 29 52.19 -40.15 34.75
CA GLY N 29 51.58 -40.13 36.07
C GLY N 29 52.59 -39.91 37.18
N LYS N 30 53.70 -40.64 37.14
CA LYS N 30 54.72 -40.48 38.17
C LYS N 30 55.21 -39.04 38.23
N ILE N 31 55.37 -38.40 37.07
CA ILE N 31 55.84 -37.03 37.03
C ILE N 31 54.76 -36.07 37.52
N TYR N 32 53.51 -36.26 37.07
CA TYR N 32 52.42 -35.47 37.63
C TYR N 32 52.41 -35.54 39.16
N SER N 33 52.61 -36.73 39.72
CA SER N 33 52.55 -36.88 41.17
C SER N 33 53.68 -36.13 41.88
N ARG N 34 54.84 -35.98 41.23
CA ARG N 34 55.89 -35.15 41.83
C ARG N 34 55.42 -33.71 42.00
N PHE N 35 54.75 -33.16 40.98
CA PHE N 35 54.16 -31.84 41.11
C PHE N 35 53.09 -31.82 42.18
N GLU N 36 52.12 -32.73 42.08
CA GLU N 36 50.93 -32.66 42.93
C GLU N 36 51.26 -32.88 44.39
N GLU N 37 52.27 -33.70 44.68
CA GLU N 37 52.64 -33.94 46.07
C GLU N 37 53.59 -32.90 46.62
N ASN N 38 53.94 -31.89 45.83
CA ASN N 38 54.85 -30.85 46.28
C ASN N 38 54.26 -29.46 46.09
N GLY N 39 52.94 -29.35 46.29
CA GLY N 39 52.28 -28.06 46.33
C GLY N 39 52.00 -27.42 45.00
N LEU N 40 52.04 -28.16 43.90
CA LEU N 40 51.70 -27.62 42.60
C LEU N 40 50.43 -28.28 42.07
N LYS N 41 49.58 -27.49 41.42
CA LYS N 41 48.31 -27.94 40.89
C LYS N 41 48.31 -27.81 39.37
N ILE N 42 47.78 -28.82 38.69
CA ILE N 42 47.65 -28.77 37.24
CA ILE N 42 47.64 -28.79 37.24
C ILE N 42 46.40 -27.95 36.91
N VAL N 43 46.60 -26.80 36.27
CA VAL N 43 45.45 -25.93 35.95
C VAL N 43 45.21 -25.82 34.44
N ALA N 44 46.10 -26.37 33.61
CA ALA N 44 45.88 -26.54 32.18
C ALA N 44 46.75 -27.71 31.73
N ALA N 45 46.28 -28.45 30.72
CA ALA N 45 47.05 -29.61 30.28
C ALA N 45 46.58 -30.09 28.91
N LYS N 46 47.53 -30.53 28.09
CA LYS N 46 47.13 -31.22 26.88
C LYS N 46 48.32 -31.99 26.33
N MET N 47 48.00 -33.09 25.65
CA MET N 47 48.98 -33.86 24.91
C MET N 47 49.04 -33.35 23.48
N LYS N 48 50.26 -33.22 22.95
CA LYS N 48 50.44 -32.52 21.69
C LYS N 48 51.61 -33.12 20.95
N GLN N 49 51.52 -33.15 19.63
CA GLN N 49 52.66 -33.50 18.78
C GLN N 49 53.22 -32.20 18.22
N LEU N 50 54.36 -31.77 18.72
CA LEU N 50 54.97 -30.54 18.25
C LEU N 50 55.40 -30.62 16.78
N THR N 51 55.11 -29.58 16.02
CA THR N 51 55.69 -29.44 14.70
C THR N 51 57.13 -28.95 14.79
N LEU N 52 57.86 -29.08 13.67
CA LEU N 52 59.21 -28.52 13.59
CA LEU N 52 59.22 -28.53 13.61
C LEU N 52 59.21 -27.04 13.95
N LYS N 53 58.29 -26.27 13.36
CA LYS N 53 58.25 -24.83 13.61
C LYS N 53 57.99 -24.52 15.08
N GLU N 54 57.08 -25.26 15.71
CA GLU N 54 56.78 -25.02 17.13
C GLU N 54 58.00 -25.29 18.01
N ALA N 55 58.69 -26.41 17.79
CA ALA N 55 59.90 -26.68 18.57
C ALA N 55 60.96 -25.62 18.32
N GLN N 56 61.15 -25.23 17.05
CA GLN N 56 62.14 -24.21 16.73
C GLN N 56 61.81 -22.88 17.40
N GLU N 57 60.53 -22.49 17.39
CA GLU N 57 60.15 -21.22 17.99
C GLU N 57 60.23 -21.27 19.50
N PHE N 58 59.76 -22.36 20.11
CA PHE N 58 59.73 -22.43 21.55
C PHE N 58 61.13 -22.34 22.13
N TYR N 59 62.11 -22.92 21.44
CA TYR N 59 63.50 -22.94 21.88
C TYR N 59 64.39 -22.01 21.07
N ALA N 60 63.80 -20.96 20.49
CA ALA N 60 64.56 -20.08 19.61
C ALA N 60 65.79 -19.50 20.30
N VAL N 61 65.73 -19.32 21.62
CA VAL N 61 66.87 -18.76 22.35
C VAL N 61 68.14 -19.58 22.12
N HIS N 62 68.00 -20.86 21.81
CA HIS N 62 69.13 -21.75 21.57
C HIS N 62 69.46 -21.91 20.09
N LYS N 63 68.91 -21.05 19.22
CA LYS N 63 69.01 -21.26 17.77
C LYS N 63 70.46 -21.35 17.30
N ASP N 64 71.39 -20.69 18.00
CA ASP N 64 72.79 -20.63 17.58
C ASP N 64 73.67 -21.54 18.44
N ARG N 65 73.11 -22.60 18.97
CA ARG N 65 73.83 -23.54 19.82
C ARG N 65 73.98 -24.89 19.13
N PRO N 66 75.08 -25.61 19.38
CA PRO N 66 75.30 -26.88 18.65
C PRO N 66 74.22 -27.92 18.88
N PHE N 67 73.60 -27.95 20.07
CA PHE N 67 72.58 -28.94 20.38
C PHE N 67 71.21 -28.60 19.80
N TYR N 68 71.06 -27.44 19.15
CA TYR N 68 69.74 -26.98 18.74
C TYR N 68 69.07 -27.97 17.78
N ALA N 69 69.77 -28.35 16.71
CA ALA N 69 69.19 -29.26 15.73
C ALA N 69 68.69 -30.54 16.39
N GLY N 70 69.53 -31.16 17.23
CA GLY N 70 69.13 -32.40 17.89
C GLY N 70 68.00 -32.21 18.88
N LEU N 71 67.97 -31.05 19.55
CA LEU N 71 66.87 -30.75 20.47
C LEU N 71 65.55 -30.69 19.73
N VAL N 72 65.54 -30.07 18.55
CA VAL N 72 64.30 -29.96 17.80
C VAL N 72 63.89 -31.32 17.25
N GLU N 73 64.85 -32.11 16.77
CA GLU N 73 64.53 -33.46 16.32
C GLU N 73 63.96 -34.30 17.45
N PHE N 74 64.52 -34.15 18.65
CA PHE N 74 64.03 -34.91 19.81
C PHE N 74 62.62 -34.46 20.16
N MET N 75 62.41 -33.16 20.29
CA MET N 75 61.13 -32.64 20.75
C MET N 75 60.00 -32.82 19.73
N THR N 76 60.32 -33.13 18.47
CA THR N 76 59.30 -33.42 17.48
C THR N 76 59.16 -34.90 17.15
N GLY N 77 59.89 -35.78 17.83
CA GLY N 77 59.92 -37.17 17.42
C GLY N 77 58.80 -38.02 17.98
N GLY N 78 58.05 -37.48 18.91
CA GLY N 78 56.91 -38.15 19.49
C GLY N 78 56.12 -37.16 20.32
N PRO N 79 54.97 -37.59 20.84
CA PRO N 79 54.11 -36.66 21.58
C PRO N 79 54.72 -36.20 22.88
N VAL N 80 54.29 -35.02 23.32
CA VAL N 80 54.66 -34.46 24.62
C VAL N 80 53.40 -34.21 25.42
N MET N 81 53.57 -34.05 26.72
CA MET N 81 52.49 -33.70 27.64
C MET N 81 52.83 -32.34 28.24
N ILE N 82 51.98 -31.34 27.98
CA ILE N 82 52.24 -29.95 28.36
C ILE N 82 51.22 -29.55 29.40
N GLN N 83 51.67 -28.93 30.49
CA GLN N 83 50.73 -28.50 31.52
C GLN N 83 51.18 -27.20 32.15
N VAL N 84 50.19 -26.42 32.59
CA VAL N 84 50.45 -25.24 33.42
C VAL N 84 50.35 -25.67 34.88
N LEU N 85 51.39 -25.40 35.66
CA LEU N 85 51.44 -25.74 37.07
C LEU N 85 51.28 -24.48 37.89
N GLU N 86 50.37 -24.50 38.86
CA GLU N 86 50.11 -23.34 39.71
C GLU N 86 50.44 -23.65 41.17
N GLY N 87 51.02 -22.67 41.84
CA GLY N 87 51.35 -22.82 43.25
C GLY N 87 52.39 -21.81 43.66
N GLU N 88 52.63 -21.75 44.97
CA GLU N 88 53.60 -20.81 45.50
C GLU N 88 54.98 -21.16 44.98
N ASN N 89 55.71 -20.14 44.50
CA ASN N 89 57.07 -20.32 44.01
C ASN N 89 57.10 -21.35 42.88
N ALA N 90 56.03 -21.35 42.07
CA ALA N 90 55.85 -22.43 41.09
C ALA N 90 57.03 -22.52 40.13
N VAL N 91 57.56 -21.38 39.68
CA VAL N 91 58.62 -21.41 38.69
C VAL N 91 59.84 -22.15 39.24
N LEU N 92 60.32 -21.73 40.41
CA LEU N 92 61.52 -22.34 40.99
C LEU N 92 61.26 -23.75 41.50
N LYS N 93 60.08 -23.99 42.06
CA LYS N 93 59.75 -25.32 42.58
C LYS N 93 59.80 -26.36 41.48
N ASN N 94 59.15 -26.07 40.34
CA ASN N 94 59.21 -26.93 39.17
C ASN N 94 60.66 -27.31 38.85
N ARG N 95 61.54 -26.32 38.77
CA ARG N 95 62.92 -26.62 38.42
C ARG N 95 63.62 -27.44 39.50
N GLU N 96 63.30 -27.22 40.77
CA GLU N 96 63.88 -28.06 41.82
C GLU N 96 63.44 -29.51 41.65
N LEU N 97 62.16 -29.73 41.35
CA LEU N 97 61.64 -31.08 41.20
C LEU N 97 62.16 -31.75 39.95
N MET N 98 62.42 -30.99 38.89
CA MET N 98 63.01 -31.56 37.68
C MET N 98 64.41 -32.10 37.97
N GLY N 99 65.21 -31.34 38.70
CA GLY N 99 66.61 -31.68 38.92
C GLY N 99 67.49 -31.20 37.78
N ALA N 100 68.80 -31.30 38.01
CA ALA N 100 69.80 -30.88 37.03
C ALA N 100 69.64 -31.66 35.72
N THR N 101 70.03 -31.01 34.61
CA THR N 101 69.82 -31.61 33.30
C THR N 101 70.56 -32.93 33.16
N ASN N 102 71.76 -33.03 33.75
CA ASN N 102 72.55 -34.25 33.67
C ASN N 102 72.07 -35.24 34.73
N PRO N 103 71.48 -36.37 34.33
CA PRO N 103 70.94 -37.32 35.33
C PRO N 103 72.00 -37.90 36.25
N THR N 104 73.27 -37.88 35.85
CA THR N 104 74.34 -38.31 36.74
C THR N 104 74.64 -37.28 37.83
N GLU N 105 74.13 -36.06 37.70
CA GLU N 105 74.32 -35.01 38.68
C GLU N 105 73.03 -34.57 39.36
N ALA N 106 71.88 -35.06 38.91
CA ALA N 106 70.60 -34.66 39.49
C ALA N 106 70.44 -35.26 40.88
N ALA N 107 69.81 -34.49 41.77
CA ALA N 107 69.63 -34.95 43.15
C ALA N 107 68.69 -36.15 43.20
N GLU N 108 68.91 -37.00 44.20
CA GLU N 108 68.06 -38.18 44.38
C GLU N 108 66.60 -37.75 44.51
N GLY N 109 65.72 -38.50 43.85
CA GLY N 109 64.30 -38.21 43.91
C GLY N 109 63.81 -37.13 42.98
N THR N 110 64.67 -36.54 42.15
CA THR N 110 64.16 -35.61 41.15
C THR N 110 63.67 -36.37 39.93
N ILE N 111 62.92 -35.66 39.08
CA ILE N 111 62.38 -36.28 37.87
C ILE N 111 63.51 -36.80 36.99
N ARG N 112 64.59 -36.01 36.86
CA ARG N 112 65.66 -36.39 35.96
C ARG N 112 66.53 -37.51 36.53
N ALA N 113 66.74 -37.51 37.84
CA ALA N 113 67.45 -38.63 38.45
C ALA N 113 66.72 -39.94 38.16
N ASP N 114 65.39 -39.90 38.16
CA ASP N 114 64.57 -41.10 38.02
C ASP N 114 64.25 -41.46 36.57
N PHE N 115 64.01 -40.48 35.70
CA PHE N 115 63.47 -40.76 34.38
C PHE N 115 64.28 -40.25 33.20
N ALA N 116 65.35 -39.48 33.42
CA ALA N 116 66.14 -38.98 32.29
C ALA N 116 67.11 -40.04 31.81
N THR N 117 67.27 -40.12 30.49
CA THR N 117 68.23 -41.04 29.88
C THR N 117 69.63 -40.42 29.78
N SER N 118 69.71 -39.16 29.39
CA SER N 118 71.01 -38.50 29.21
C SER N 118 70.82 -37.01 29.45
N VAL N 119 71.92 -36.26 29.34
CA VAL N 119 71.86 -34.81 29.56
C VAL N 119 70.90 -34.15 28.56
N SER N 120 70.83 -34.68 27.34
CA SER N 120 69.91 -34.10 26.37
C SER N 120 68.58 -34.83 26.30
N ILE N 121 68.55 -36.15 26.56
CA ILE N 121 67.29 -36.91 26.61
C ILE N 121 66.86 -36.87 28.07
N ASN N 122 66.29 -35.73 28.47
CA ASN N 122 66.25 -35.39 29.90
C ASN N 122 64.84 -35.18 30.44
N ALA N 123 63.82 -35.79 29.82
CA ALA N 123 62.50 -36.03 30.42
C ALA N 123 61.56 -34.84 30.52
N VAL N 124 62.06 -33.65 30.88
CA VAL N 124 61.18 -32.54 31.21
C VAL N 124 61.78 -31.22 30.79
N HIS N 125 60.90 -30.24 30.57
CA HIS N 125 61.24 -28.83 30.46
C HIS N 125 60.42 -28.05 31.49
N GLY N 126 61.00 -26.98 32.00
CA GLY N 126 60.27 -26.06 32.87
C GLY N 126 60.65 -24.63 32.59
N SER N 127 59.70 -23.69 32.67
CA SER N 127 60.04 -22.29 32.50
C SER N 127 61.15 -21.91 33.48
N ASP N 128 61.98 -20.94 33.09
CA ASP N 128 63.14 -20.59 33.88
C ASP N 128 63.02 -19.25 34.58
N SER N 129 61.93 -18.53 34.37
CA SER N 129 61.68 -17.28 35.07
C SER N 129 60.20 -16.95 34.96
N VAL N 130 59.73 -16.04 35.82
CA VAL N 130 58.33 -15.64 35.78
C VAL N 130 58.00 -15.02 34.43
N GLU N 131 58.87 -14.14 33.92
CA GLU N 131 58.64 -13.53 32.62
C GLU N 131 58.58 -14.59 31.51
N ASN N 132 59.53 -15.52 31.51
CA ASN N 132 59.52 -16.56 30.49
CA ASN N 132 59.54 -16.57 30.51
C ASN N 132 58.34 -17.51 30.65
N ALA N 133 57.89 -17.75 31.88
CA ALA N 133 56.71 -18.58 32.10
C ALA N 133 55.49 -18.01 31.39
N ALA N 134 55.24 -16.71 31.57
CA ALA N 134 54.09 -16.08 30.94
C ALA N 134 54.13 -16.24 29.43
N LEU N 135 55.32 -16.07 28.83
CA LEU N 135 55.48 -16.22 27.39
C LEU N 135 55.27 -17.67 26.96
N GLU N 136 55.81 -18.63 27.71
CA GLU N 136 55.67 -20.03 27.34
C GLU N 136 54.22 -20.50 27.51
N ILE N 137 53.56 -20.08 28.58
CA ILE N 137 52.15 -20.41 28.77
C ILE N 137 51.33 -19.87 27.58
N ALA N 138 51.53 -18.59 27.24
CA ALA N 138 50.78 -17.99 26.14
C ALA N 138 51.14 -18.62 24.81
N TYR N 139 52.33 -19.19 24.69
CA TYR N 139 52.70 -19.86 23.45
C TYR N 139 51.80 -21.06 23.19
N PHE N 140 51.54 -21.87 24.21
CA PHE N 140 50.83 -23.14 24.03
C PHE N 140 49.37 -23.08 24.43
N PHE N 141 48.94 -22.13 25.25
CA PHE N 141 47.58 -22.11 25.77
C PHE N 141 46.95 -20.74 25.57
N SER N 142 45.67 -20.73 25.25
CA SER N 142 44.89 -19.51 25.47
C SER N 142 44.55 -19.40 26.96
N GLN N 143 44.23 -18.18 27.40
CA GLN N 143 43.78 -18.01 28.78
C GLN N 143 42.53 -18.84 29.05
N THR N 144 41.63 -18.96 28.05
CA THR N 144 40.42 -19.77 28.20
C THR N 144 40.69 -21.24 28.42
N GLU N 145 41.90 -21.73 28.10
CA GLU N 145 42.20 -23.13 28.37
C GLU N 145 42.63 -23.37 29.81
N ILE N 146 42.95 -22.33 30.56
CA ILE N 146 43.32 -22.50 31.96
C ILE N 146 42.05 -22.63 32.77
N CYS N 147 42.04 -23.59 33.70
CA CYS N 147 40.83 -23.99 34.43
C CYS N 147 41.03 -23.73 35.92
N PRO N 148 40.61 -22.57 36.41
CA PRO N 148 40.74 -22.29 37.85
C PRO N 148 39.87 -23.24 38.66
N ARG N 149 40.30 -23.47 39.90
CA ARG N 149 39.62 -24.42 40.78
C ARG N 149 38.52 -23.71 41.57
N ILE O 11 57.85 -53.12 44.58
CA ILE O 11 58.19 -53.68 43.27
C ILE O 11 58.75 -55.09 43.41
N GLU O 12 57.89 -56.08 43.22
CA GLU O 12 58.31 -57.46 43.20
C GLU O 12 59.14 -57.77 41.96
N ARG O 13 59.94 -58.82 42.07
CA ARG O 13 60.65 -59.41 40.94
C ARG O 13 60.35 -60.90 40.91
N THR O 14 60.02 -61.44 39.74
CA THR O 14 59.73 -62.85 39.59
C THR O 14 60.49 -63.41 38.39
N ILE O 15 60.82 -64.70 38.45
CA ILE O 15 61.48 -65.34 37.33
C ILE O 15 60.42 -65.80 36.32
N SER O 16 60.79 -65.77 35.06
CA SER O 16 60.01 -66.34 33.99
C SER O 16 60.96 -67.20 33.15
N ILE O 17 60.52 -68.40 32.78
CA ILE O 17 61.26 -69.22 31.82
C ILE O 17 60.33 -69.53 30.66
N ILE O 18 60.74 -69.14 29.46
CA ILE O 18 60.10 -69.58 28.24
C ILE O 18 60.76 -70.91 27.84
N LYS O 19 59.97 -71.98 27.82
CA LYS O 19 60.51 -73.33 27.77
C LYS O 19 60.92 -73.68 26.34
N PRO O 20 61.63 -74.80 26.14
CA PRO O 20 62.18 -75.06 24.79
C PRO O 20 61.13 -75.29 23.72
N ASP O 21 59.91 -75.68 24.09
CA ASP O 21 58.85 -75.79 23.10
C ASP O 21 58.50 -74.43 22.52
N ALA O 22 58.34 -73.42 23.37
CA ALA O 22 57.98 -72.08 22.89
C ALA O 22 59.16 -71.41 22.19
N VAL O 23 60.37 -71.59 22.71
CA VAL O 23 61.56 -71.10 22.03
C VAL O 23 61.64 -71.70 20.62
N GLY O 24 61.39 -73.00 20.49
CA GLY O 24 61.45 -73.64 19.18
C GLY O 24 60.38 -73.12 18.24
N LYS O 25 59.24 -72.70 18.78
CA LYS O 25 58.17 -72.09 17.98
C LYS O 25 58.47 -70.64 17.61
N ASN O 26 59.52 -70.05 18.15
CA ASN O 26 59.90 -68.67 17.87
C ASN O 26 58.78 -67.71 18.24
N VAL O 27 58.26 -67.86 19.45
CA VAL O 27 57.22 -66.99 19.96
C VAL O 27 57.72 -66.29 21.22
N ILE O 28 59.04 -66.13 21.34
CA ILE O 28 59.59 -65.39 22.49
C ILE O 28 59.01 -63.98 22.53
N GLY O 29 58.95 -63.31 21.36
CA GLY O 29 58.46 -61.95 21.32
C GLY O 29 57.00 -61.83 21.74
N LYS O 30 56.15 -62.73 21.24
CA LYS O 30 54.73 -62.68 21.61
C LYS O 30 54.56 -62.86 23.11
N ILE O 31 55.37 -63.72 23.72
CA ILE O 31 55.26 -63.94 25.17
C ILE O 31 55.80 -62.73 25.92
N TYR O 32 56.94 -62.19 25.49
CA TYR O 32 57.46 -60.97 26.08
C TYR O 32 56.41 -59.84 26.05
N SER O 33 55.64 -59.77 24.97
CA SER O 33 54.66 -58.70 24.86
C SER O 33 53.48 -58.91 25.81
N ARG O 34 53.19 -60.16 26.18
CA ARG O 34 52.19 -60.40 27.22
C ARG O 34 52.62 -59.78 28.54
N PHE O 35 53.89 -59.93 28.89
CA PHE O 35 54.40 -59.32 30.12
C PHE O 35 54.39 -57.80 30.02
N GLU O 36 54.93 -57.27 28.92
CA GLU O 36 55.19 -55.84 28.83
C GLU O 36 53.90 -55.04 28.71
N GLU O 37 52.90 -55.57 27.99
CA GLU O 37 51.63 -54.86 27.82
C GLU O 37 50.75 -54.93 29.05
N ASN O 38 51.17 -55.64 30.08
CA ASN O 38 50.48 -55.64 31.35
C ASN O 38 51.37 -55.03 32.43
N GLY O 39 52.23 -54.10 32.01
CA GLY O 39 52.99 -53.26 32.90
C GLY O 39 54.25 -53.88 33.48
N LEU O 40 54.54 -55.15 33.19
CA LEU O 40 55.75 -55.78 33.69
C LEU O 40 56.95 -55.38 32.85
N LYS O 41 58.09 -55.21 33.49
CA LYS O 41 59.32 -54.83 32.80
C LYS O 41 60.35 -55.94 32.94
N ILE O 42 61.05 -56.21 31.83
CA ILE O 42 62.15 -57.15 31.81
CA ILE O 42 62.15 -57.16 31.82
C ILE O 42 63.39 -56.44 32.34
N VAL O 43 63.88 -56.87 33.49
CA VAL O 43 65.06 -56.26 34.11
C VAL O 43 66.29 -57.15 34.08
N ALA O 44 66.15 -58.40 33.62
CA ALA O 44 67.28 -59.26 33.36
C ALA O 44 66.80 -60.32 32.38
N ALA O 45 67.72 -60.80 31.54
CA ALA O 45 67.33 -61.74 30.50
C ALA O 45 68.55 -62.44 29.95
N LYS O 46 68.42 -63.74 29.70
CA LYS O 46 69.44 -64.43 28.92
C LYS O 46 68.87 -65.71 28.35
N MET O 47 69.40 -66.09 27.18
CA MET O 47 69.09 -67.37 26.57
C MET O 47 70.11 -68.40 27.05
N LYS O 48 69.62 -69.59 27.38
CA LYS O 48 70.50 -70.57 28.02
C LYS O 48 70.10 -71.99 27.61
N GLN O 49 71.11 -72.85 27.43
CA GLN O 49 70.89 -74.27 27.31
C GLN O 49 71.06 -74.89 28.70
N LEU O 50 69.96 -75.33 29.30
CA LEU O 50 70.04 -75.93 30.63
C LEU O 50 70.78 -77.26 30.59
N THR O 51 71.66 -77.47 31.58
CA THR O 51 72.26 -78.78 31.76
C THR O 51 71.26 -79.70 32.46
N LEU O 52 71.57 -81.00 32.43
CA LEU O 52 70.78 -81.98 33.17
C LEU O 52 70.70 -81.61 34.65
N LYS O 53 71.86 -81.34 35.27
CA LYS O 53 71.88 -81.00 36.68
C LYS O 53 71.07 -79.76 36.96
N GLU O 54 71.14 -78.77 36.07
CA GLU O 54 70.41 -77.53 36.31
C GLU O 54 68.91 -77.76 36.29
N ALA O 55 68.41 -78.55 35.33
CA ALA O 55 66.99 -78.89 35.33
C ALA O 55 66.61 -79.70 36.57
N GLN O 56 67.48 -80.62 36.98
CA GLN O 56 67.20 -81.43 38.16
C GLN O 56 67.18 -80.57 39.41
N GLU O 57 68.15 -79.67 39.55
CA GLU O 57 68.20 -78.83 40.74
C GLU O 57 67.07 -77.82 40.77
N PHE O 58 66.77 -77.21 39.62
CA PHE O 58 65.74 -76.17 39.60
C PHE O 58 64.38 -76.75 39.97
N TYR O 59 64.11 -77.99 39.55
CA TYR O 59 62.83 -78.64 39.82
C TYR O 59 62.95 -79.72 40.91
N ALA O 60 63.91 -79.56 41.82
CA ALA O 60 64.15 -80.59 42.85
C ALA O 60 62.96 -80.77 43.77
N VAL O 61 62.05 -79.79 43.83
CA VAL O 61 60.83 -79.95 44.61
C VAL O 61 59.99 -81.11 44.13
N HIS O 62 60.16 -81.52 42.86
CA HIS O 62 59.41 -82.63 42.29
C HIS O 62 60.26 -83.89 42.11
N LYS O 63 61.39 -83.97 42.80
CA LYS O 63 62.33 -85.06 42.56
C LYS O 63 61.70 -86.42 42.83
N ASP O 64 60.71 -86.49 43.72
CA ASP O 64 60.07 -87.75 44.07
C ASP O 64 58.72 -87.91 43.39
N ARG O 65 58.50 -87.20 42.24
CA ARG O 65 57.27 -87.24 41.46
C ARG O 65 57.45 -88.09 40.21
N PRO O 66 56.37 -88.68 39.69
CA PRO O 66 56.51 -89.55 38.52
C PRO O 66 56.88 -88.81 37.25
N PHE O 67 56.44 -87.57 37.08
CA PHE O 67 56.73 -86.77 35.90
C PHE O 67 58.10 -86.10 35.94
N TYR O 68 58.90 -86.40 36.97
CA TYR O 68 60.15 -85.68 37.18
C TYR O 68 61.14 -85.93 36.05
N ALA O 69 61.36 -87.20 35.70
CA ALA O 69 62.32 -87.52 34.66
C ALA O 69 61.91 -86.92 33.32
N GLY O 70 60.62 -87.01 32.98
CA GLY O 70 60.15 -86.44 31.73
C GLY O 70 60.24 -84.93 31.71
N LEU O 71 59.96 -84.29 32.84
CA LEU O 71 60.10 -82.83 32.93
C LEU O 71 61.55 -82.41 32.67
N VAL O 72 62.50 -83.11 33.29
CA VAL O 72 63.92 -82.78 33.12
C VAL O 72 64.33 -82.97 31.66
N GLU O 73 63.89 -84.06 31.03
CA GLU O 73 64.21 -84.26 29.62
C GLU O 73 63.62 -83.15 28.75
N PHE O 74 62.38 -82.76 29.04
CA PHE O 74 61.76 -81.67 28.29
C PHE O 74 62.53 -80.38 28.46
N MET O 75 62.94 -80.05 29.69
CA MET O 75 63.55 -78.75 29.96
C MET O 75 64.97 -78.65 29.45
N THR O 76 65.58 -79.77 29.07
CA THR O 76 66.94 -79.77 28.52
C THR O 76 66.97 -80.11 27.03
N GLY O 77 65.81 -80.27 26.38
CA GLY O 77 65.77 -80.67 24.99
C GLY O 77 66.12 -79.57 24.00
N GLY O 78 66.06 -78.32 24.44
CA GLY O 78 66.45 -77.19 23.65
C GLY O 78 66.71 -76.02 24.55
N PRO O 79 67.19 -74.90 24.01
CA PRO O 79 67.46 -73.74 24.85
C PRO O 79 66.18 -73.08 25.36
N VAL O 80 66.32 -72.40 26.50
CA VAL O 80 65.24 -71.66 27.11
C VAL O 80 65.58 -70.18 27.09
N MET O 81 64.56 -69.35 27.31
CA MET O 81 64.73 -67.92 27.51
C MET O 81 64.33 -67.62 28.94
N ILE O 82 65.25 -67.07 29.73
CA ILE O 82 65.05 -66.81 31.16
C ILE O 82 65.07 -65.30 31.37
N GLN O 83 64.12 -64.79 32.15
CA GLN O 83 64.10 -63.36 32.38
C GLN O 83 63.52 -63.06 33.76
N VAL O 84 63.99 -61.96 34.34
CA VAL O 84 63.40 -61.41 35.56
C VAL O 84 62.39 -60.34 35.16
N LEU O 85 61.16 -60.47 35.67
CA LEU O 85 60.07 -59.53 35.42
C LEU O 85 59.86 -58.69 36.67
N GLU O 86 59.72 -57.38 36.48
CA GLU O 86 59.57 -56.47 37.62
C GLU O 86 58.29 -55.67 37.52
N GLY O 87 57.62 -55.48 38.66
CA GLY O 87 56.41 -54.71 38.72
C GLY O 87 55.66 -55.02 40.00
N GLU O 88 54.69 -54.15 40.31
CA GLU O 88 53.83 -54.40 41.46
C GLU O 88 53.10 -55.71 41.26
N ASN O 89 53.10 -56.57 42.29
CA ASN O 89 52.41 -57.85 42.25
C ASN O 89 52.92 -58.74 41.11
N ALA O 90 54.22 -58.67 40.80
CA ALA O 90 54.75 -59.30 39.60
C ALA O 90 54.58 -60.81 39.64
N VAL O 91 54.77 -61.41 40.81
CA VAL O 91 54.66 -62.86 40.95
C VAL O 91 53.26 -63.34 40.54
N LEU O 92 52.22 -62.66 41.05
CA LEU O 92 50.87 -63.06 40.69
C LEU O 92 50.53 -62.68 39.26
N LYS O 93 50.96 -61.50 38.82
CA LYS O 93 50.65 -61.05 37.45
C LYS O 93 51.20 -62.04 36.44
N ASN O 94 52.46 -62.42 36.59
CA ASN O 94 53.07 -63.44 35.74
C ASN O 94 52.21 -64.70 35.68
N ARG O 95 51.86 -65.24 36.85
CA ARG O 95 51.10 -66.49 36.87
C ARG O 95 49.73 -66.32 36.23
N GLU O 96 49.09 -65.17 36.43
CA GLU O 96 47.83 -64.91 35.75
C GLU O 96 48.00 -64.86 34.25
N LEU O 97 49.09 -64.23 33.77
CA LEU O 97 49.35 -64.18 32.33
C LEU O 97 49.68 -65.56 31.78
N MET O 98 50.36 -66.40 32.57
CA MET O 98 50.68 -67.74 32.12
CA MET O 98 50.68 -67.74 32.12
C MET O 98 49.42 -68.57 31.93
N GLY O 99 48.49 -68.49 32.88
CA GLY O 99 47.28 -69.27 32.81
C GLY O 99 47.45 -70.65 33.42
N ALA O 100 46.33 -71.36 33.50
CA ALA O 100 46.31 -72.69 34.08
C ALA O 100 47.31 -73.58 33.35
N THR O 101 48.00 -74.43 34.12
CA THR O 101 49.01 -75.30 33.54
C THR O 101 48.41 -76.28 32.54
N ASN O 102 47.12 -76.59 32.66
CA ASN O 102 46.42 -77.36 31.64
C ASN O 102 45.87 -76.40 30.60
N PRO O 103 46.41 -76.41 29.37
CA PRO O 103 45.91 -75.47 28.35
C PRO O 103 44.42 -75.61 28.04
N THR O 104 43.79 -76.72 28.45
CA THR O 104 42.34 -76.82 28.34
C THR O 104 41.64 -75.95 29.38
N GLU O 105 42.16 -75.92 30.60
CA GLU O 105 41.63 -75.06 31.65
C GLU O 105 42.12 -73.62 31.54
N ALA O 106 43.04 -73.33 30.62
CA ALA O 106 43.65 -72.00 30.55
C ALA O 106 42.65 -70.99 29.98
N ALA O 107 42.56 -69.85 30.65
CA ALA O 107 41.70 -68.76 30.19
C ALA O 107 42.16 -68.24 28.83
N GLU O 108 41.22 -67.66 28.09
CA GLU O 108 41.56 -67.07 26.80
C GLU O 108 42.57 -65.95 26.99
N GLY O 109 43.50 -65.85 26.04
CA GLY O 109 44.51 -64.81 26.10
C GLY O 109 45.63 -65.05 27.08
N THR O 110 45.68 -66.21 27.72
CA THR O 110 46.84 -66.56 28.52
C THR O 110 47.91 -67.18 27.63
N ILE O 111 49.14 -67.18 28.16
CA ILE O 111 50.26 -67.74 27.41
C ILE O 111 50.01 -69.20 27.08
N ARG O 112 49.50 -69.96 28.05
CA ARG O 112 49.31 -71.40 27.85
C ARG O 112 48.11 -71.72 26.98
N ALA O 113 47.06 -70.89 27.00
CA ALA O 113 45.95 -71.14 26.09
C ALA O 113 46.38 -70.99 24.64
N ASP O 114 47.38 -70.15 24.38
CA ASP O 114 47.80 -69.86 23.02
C ASP O 114 49.04 -70.62 22.58
N PHE O 115 49.93 -70.98 23.50
CA PHE O 115 51.23 -71.55 23.12
C PHE O 115 51.57 -72.87 23.80
N ALA O 116 50.79 -73.35 24.76
CA ALA O 116 51.10 -74.61 25.41
C ALA O 116 50.58 -75.76 24.56
N THR O 117 51.40 -76.80 24.41
CA THR O 117 50.99 -77.99 23.68
C THR O 117 50.15 -78.92 24.55
N SER O 118 50.55 -79.13 25.80
CA SER O 118 49.80 -79.96 26.73
C SER O 118 50.05 -79.43 28.15
N VAL O 119 49.55 -80.17 29.14
CA VAL O 119 49.76 -79.77 30.53
C VAL O 119 51.23 -79.95 30.92
N SER O 120 51.94 -80.88 30.28
CA SER O 120 53.35 -81.08 30.54
CA SER O 120 53.35 -81.08 30.54
C SER O 120 54.23 -80.20 29.67
N ILE O 121 53.87 -80.02 28.41
CA ILE O 121 54.59 -79.13 27.50
C ILE O 121 53.86 -77.80 27.51
N ASN O 122 54.04 -77.02 28.58
CA ASN O 122 53.17 -75.90 28.90
C ASN O 122 53.85 -74.54 28.72
N ALA O 123 54.82 -74.47 27.80
CA ALA O 123 55.32 -73.22 27.24
C ALA O 123 56.13 -72.36 28.21
N VAL O 124 55.71 -72.25 29.47
CA VAL O 124 56.31 -71.27 30.38
C VAL O 124 56.34 -71.79 31.81
N HIS O 125 57.30 -71.28 32.56
CA HIS O 125 57.37 -71.41 34.01
C HIS O 125 57.42 -70.03 34.64
N GLY O 126 56.84 -69.90 35.82
CA GLY O 126 56.96 -68.68 36.60
C GLY O 126 56.99 -69.02 38.07
N SER O 127 57.66 -68.16 38.85
CA SER O 127 57.75 -68.38 40.28
C SER O 127 56.36 -68.37 40.90
N ASP O 128 56.17 -69.21 41.92
CA ASP O 128 54.87 -69.37 42.54
C ASP O 128 54.71 -68.56 43.82
N SER O 129 55.76 -67.91 44.30
CA SER O 129 55.69 -67.11 45.52
C SER O 129 56.85 -66.14 45.52
N VAL O 130 56.77 -65.14 46.40
CA VAL O 130 57.86 -64.18 46.53
C VAL O 130 59.11 -64.86 47.07
N GLU O 131 58.96 -65.73 48.07
CA GLU O 131 60.10 -66.45 48.62
C GLU O 131 60.79 -67.31 47.55
N ASN O 132 60.00 -68.05 46.76
CA ASN O 132 60.59 -68.90 45.73
CA ASN O 132 60.57 -68.91 45.73
C ASN O 132 61.13 -68.09 44.57
N ALA O 133 60.55 -66.90 44.31
CA ALA O 133 61.07 -66.05 43.25
C ALA O 133 62.49 -65.59 43.55
N ALA O 134 62.76 -65.22 44.81
CA ALA O 134 64.11 -64.83 45.18
C ALA O 134 65.08 -65.98 44.99
N LEU O 135 64.67 -67.20 45.37
CA LEU O 135 65.52 -68.37 45.18
C LEU O 135 65.76 -68.66 43.70
N GLU O 136 64.71 -68.55 42.87
CA GLU O 136 64.86 -68.91 41.46
C GLU O 136 65.65 -67.85 40.68
N ILE O 137 65.48 -66.56 41.03
CA ILE O 137 66.33 -65.53 40.43
C ILE O 137 67.79 -65.76 40.78
N ALA O 138 68.05 -66.07 42.06
CA ALA O 138 69.42 -66.30 42.53
C ALA O 138 70.04 -67.51 41.87
N TYR O 139 69.21 -68.48 41.45
CA TYR O 139 69.75 -69.67 40.83
C TYR O 139 70.35 -69.35 39.46
N PHE O 140 69.65 -68.52 38.68
CA PHE O 140 70.08 -68.25 37.32
C PHE O 140 70.83 -66.94 37.13
N PHE O 141 70.68 -65.98 38.03
CA PHE O 141 71.29 -64.66 37.87
C PHE O 141 72.08 -64.28 39.12
N SER O 142 73.19 -63.58 38.90
CA SER O 142 73.76 -62.78 39.97
C SER O 142 72.99 -61.47 40.08
N GLN O 143 73.12 -60.80 41.22
CA GLN O 143 72.49 -59.49 41.36
C GLN O 143 73.07 -58.50 40.37
N THR O 144 74.35 -58.64 40.02
CA THR O 144 74.99 -57.72 39.07
C THR O 144 74.45 -57.88 37.65
N GLU O 145 73.73 -58.97 37.35
CA GLU O 145 73.10 -59.09 36.04
C GLU O 145 71.75 -58.38 35.97
N ILE O 146 71.20 -57.95 37.09
CA ILE O 146 69.91 -57.29 37.05
C ILE O 146 70.13 -55.82 36.69
N CYS O 147 69.33 -55.31 35.76
CA CYS O 147 69.53 -54.01 35.14
C CYS O 147 68.37 -53.08 35.48
N PRO O 148 68.44 -52.37 36.61
CA PRO O 148 67.32 -51.50 36.98
C PRO O 148 67.13 -50.36 35.99
N ARG O 149 65.89 -49.91 35.88
CA ARG O 149 65.55 -48.84 34.94
C ARG O 149 65.87 -47.47 35.55
N MET P 9 70.10 -68.33 -0.27
CA MET P 9 70.85 -67.51 0.67
C MET P 9 71.40 -68.35 1.83
N ALA P 10 72.67 -68.15 2.15
CA ALA P 10 73.32 -68.90 3.22
C ALA P 10 72.83 -68.42 4.58
N ILE P 11 72.98 -69.28 5.58
CA ILE P 11 72.58 -68.96 6.95
C ILE P 11 73.63 -68.05 7.56
N GLU P 12 73.20 -66.92 8.11
CA GLU P 12 74.09 -65.96 8.72
C GLU P 12 73.68 -65.74 10.18
N ARG P 13 74.61 -65.17 10.94
CA ARG P 13 74.33 -64.68 12.29
C ARG P 13 74.70 -63.20 12.33
N THR P 14 73.85 -62.39 12.96
CA THR P 14 74.08 -60.96 13.04
C THR P 14 73.68 -60.49 14.43
N ILE P 15 74.25 -59.37 14.85
CA ILE P 15 73.89 -58.84 16.16
C ILE P 15 72.76 -57.85 15.99
N SER P 16 71.91 -57.82 17.02
CA SER P 16 70.87 -56.84 17.17
C SER P 16 71.02 -56.25 18.56
N ILE P 17 70.89 -54.93 18.66
CA ILE P 17 70.82 -54.26 19.95
C ILE P 17 69.52 -53.47 19.97
N ILE P 18 68.70 -53.73 20.97
CA ILE P 18 67.56 -52.89 21.26
C ILE P 18 68.03 -51.84 22.24
N LYS P 19 67.98 -50.57 21.83
CA LYS P 19 68.64 -49.47 22.53
C LYS P 19 67.80 -49.01 23.73
N PRO P 20 68.37 -48.16 24.60
CA PRO P 20 67.67 -47.84 25.87
C PRO P 20 66.33 -47.18 25.67
N ASP P 21 66.09 -46.54 24.52
CA ASP P 21 64.79 -45.94 24.28
C ASP P 21 63.73 -47.01 24.11
N ALA P 22 64.00 -48.01 23.26
CA ALA P 22 63.02 -49.07 23.02
C ALA P 22 62.85 -49.98 24.24
N VAL P 23 63.92 -50.22 25.00
CA VAL P 23 63.77 -50.94 26.26
C VAL P 23 62.86 -50.17 27.20
N GLY P 24 63.07 -48.84 27.30
CA GLY P 24 62.27 -48.04 28.20
C GLY P 24 60.81 -47.93 27.79
N LYS P 25 60.52 -48.10 26.50
CA LYS P 25 59.16 -48.17 26.01
C LYS P 25 58.51 -49.53 26.24
N ASN P 26 59.29 -50.53 26.66
CA ASN P 26 58.81 -51.90 26.88
C ASN P 26 58.17 -52.48 25.63
N VAL P 27 58.91 -52.43 24.52
CA VAL P 27 58.47 -53.03 23.27
C VAL P 27 59.51 -54.04 22.79
N ILE P 28 60.27 -54.60 23.74
CA ILE P 28 61.24 -55.65 23.41
C ILE P 28 60.56 -56.80 22.70
N GLY P 29 59.40 -57.22 23.22
CA GLY P 29 58.68 -58.33 22.61
C GLY P 29 58.16 -58.03 21.22
N LYS P 30 57.62 -56.83 21.02
CA LYS P 30 57.20 -56.43 19.68
C LYS P 30 58.36 -56.53 18.69
N ILE P 31 59.51 -56.01 19.07
CA ILE P 31 60.68 -56.03 18.19
C ILE P 31 61.15 -57.47 17.96
N TYR P 32 61.22 -58.27 19.03
CA TYR P 32 61.54 -59.69 18.87
C TYR P 32 60.62 -60.35 17.84
N SER P 33 59.33 -60.07 17.92
CA SER P 33 58.38 -60.71 17.01
C SER P 33 58.59 -60.28 15.56
N ARG P 34 59.10 -59.07 15.33
CA ARG P 34 59.46 -58.70 13.96
C ARG P 34 60.55 -59.62 13.41
N PHE P 35 61.53 -59.96 14.24
CA PHE P 35 62.55 -60.91 13.80
C PHE P 35 61.96 -62.30 13.59
N GLU P 36 61.27 -62.81 14.61
CA GLU P 36 60.80 -64.19 14.59
C GLU P 36 59.78 -64.44 13.49
N GLU P 37 58.95 -63.46 13.17
CA GLU P 37 57.95 -63.65 12.13
C GLU P 37 58.51 -63.46 10.72
N ASN P 38 59.77 -63.08 10.60
CA ASN P 38 60.41 -62.87 9.30
C ASN P 38 61.67 -63.72 9.15
N GLY P 39 61.62 -64.96 9.62
CA GLY P 39 62.64 -65.94 9.31
C GLY P 39 63.92 -65.86 10.13
N LEU P 40 63.98 -65.00 11.14
CA LEU P 40 65.15 -64.90 11.99
C LEU P 40 64.87 -65.57 13.32
N LYS P 41 65.89 -66.21 13.89
CA LYS P 41 65.75 -66.92 15.15
C LYS P 41 66.73 -66.36 16.17
N ILE P 42 66.26 -66.20 17.40
CA ILE P 42 67.14 -65.76 18.48
CA ILE P 42 67.11 -65.76 18.51
C ILE P 42 67.95 -66.95 18.99
N VAL P 43 69.28 -66.87 18.82
CA VAL P 43 70.18 -67.95 19.24
C VAL P 43 71.09 -67.53 20.39
N ALA P 44 71.04 -66.27 20.81
CA ALA P 44 71.74 -65.81 22.01
C ALA P 44 71.09 -64.48 22.40
N ALA P 45 71.09 -64.18 23.70
CA ALA P 45 70.42 -62.98 24.15
C ALA P 45 70.85 -62.65 25.57
N LYS P 46 71.04 -61.37 25.86
CA LYS P 46 71.27 -60.92 27.23
C LYS P 46 70.85 -59.46 27.36
N MET P 47 70.30 -59.12 28.52
CA MET P 47 70.08 -57.72 28.88
C MET P 47 71.30 -57.19 29.61
N LYS P 48 71.73 -55.98 29.25
CA LYS P 48 73.01 -55.50 29.73
C LYS P 48 72.94 -53.99 29.92
N GLN P 49 73.66 -53.50 30.94
CA GLN P 49 73.89 -52.07 31.10
C GLN P 49 75.29 -51.78 30.58
N LEU P 50 75.39 -51.05 29.47
CA LEU P 50 76.70 -50.79 28.88
C LEU P 50 77.46 -49.79 29.73
N THR P 51 78.74 -50.03 29.89
CA THR P 51 79.61 -49.04 30.49
C THR P 51 79.97 -47.98 29.44
N LEU P 52 80.49 -46.85 29.91
CA LEU P 52 81.00 -45.84 29.00
CA LEU P 52 81.00 -45.84 29.01
C LEU P 52 82.02 -46.43 28.03
N LYS P 53 83.02 -47.15 28.56
CA LYS P 53 84.06 -47.70 27.70
C LYS P 53 83.50 -48.71 26.70
N GLU P 54 82.45 -49.45 27.08
CA GLU P 54 81.89 -50.43 26.14
C GLU P 54 81.20 -49.74 24.97
N ALA P 55 80.40 -48.70 25.25
CA ALA P 55 79.76 -47.97 24.16
C ALA P 55 80.80 -47.28 23.29
N GLN P 56 81.86 -46.76 23.90
CA GLN P 56 82.90 -46.08 23.14
C GLN P 56 83.64 -47.04 22.23
N GLU P 57 83.97 -48.23 22.73
CA GLU P 57 84.67 -49.21 21.91
C GLU P 57 83.77 -49.75 20.81
N PHE P 58 82.54 -50.12 21.16
CA PHE P 58 81.63 -50.71 20.18
C PHE P 58 81.38 -49.76 19.01
N TYR P 59 81.34 -48.46 19.28
CA TYR P 59 81.11 -47.44 18.25
C TYR P 59 82.37 -46.63 17.95
N ALA P 60 83.56 -47.23 18.15
CA ALA P 60 84.79 -46.50 17.95
C ALA P 60 84.93 -45.97 16.52
N VAL P 61 84.22 -46.58 15.56
CA VAL P 61 84.29 -46.11 14.18
C VAL P 61 83.76 -44.70 14.03
N HIS P 62 82.96 -44.22 14.98
CA HIS P 62 82.39 -42.87 14.93
C HIS P 62 83.09 -41.90 15.87
N LYS P 63 84.27 -42.24 16.37
CA LYS P 63 84.84 -41.52 17.51
C LYS P 63 85.11 -40.05 17.20
N ASP P 64 85.36 -39.72 15.94
CA ASP P 64 85.68 -38.34 15.55
C ASP P 64 84.47 -37.61 14.97
N ARG P 65 83.29 -38.13 15.16
CA ARG P 65 82.17 -37.46 14.54
C ARG P 65 81.41 -36.63 15.57
N PRO P 66 80.71 -35.57 15.14
CA PRO P 66 80.04 -34.70 16.11
C PRO P 66 79.06 -35.41 17.03
N PHE P 67 78.36 -36.45 16.55
CA PHE P 67 77.31 -37.11 17.32
C PHE P 67 77.84 -38.17 18.28
N TYR P 68 79.16 -38.33 18.37
CA TYR P 68 79.73 -39.47 19.10
C TYR P 68 79.40 -39.40 20.59
N ALA P 69 79.68 -38.26 21.22
CA ALA P 69 79.50 -38.16 22.66
C ALA P 69 78.03 -38.36 23.05
N GLY P 70 77.11 -37.79 22.27
CA GLY P 70 75.69 -38.00 22.54
C GLY P 70 75.27 -39.44 22.31
N LEU P 71 75.84 -40.08 21.28
CA LEU P 71 75.56 -41.49 21.05
C LEU P 71 75.96 -42.34 22.25
N VAL P 72 77.15 -42.11 22.80
CA VAL P 72 77.62 -42.90 23.94
C VAL P 72 76.76 -42.62 25.17
N GLU P 73 76.44 -41.35 25.42
CA GLU P 73 75.57 -41.01 26.54
C GLU P 73 74.20 -41.69 26.41
N PHE P 74 73.63 -41.67 25.20
CA PHE P 74 72.37 -42.35 24.95
C PHE P 74 72.48 -43.84 25.23
N MET P 75 73.49 -44.49 24.65
CA MET P 75 73.59 -45.94 24.78
C MET P 75 73.99 -46.41 26.17
N THR P 76 74.46 -45.52 27.05
CA THR P 76 74.75 -45.90 28.43
C THR P 76 73.72 -45.35 29.41
N GLY P 77 72.65 -44.73 28.92
CA GLY P 77 71.69 -44.07 29.78
C GLY P 77 70.62 -44.98 30.34
N GLY P 78 70.60 -46.23 29.91
CA GLY P 78 69.69 -47.23 30.41
C GLY P 78 70.07 -48.57 29.83
N PRO P 79 69.44 -49.64 30.31
CA PRO P 79 69.82 -50.99 29.84
C PRO P 79 69.45 -51.19 28.37
N VAL P 80 70.19 -52.11 27.72
CA VAL P 80 69.90 -52.51 26.35
C VAL P 80 69.57 -54.00 26.36
N MET P 81 69.00 -54.46 25.25
CA MET P 81 68.72 -55.87 25.04
C MET P 81 69.50 -56.31 23.80
N ILE P 82 70.45 -57.23 23.98
CA ILE P 82 71.39 -57.64 22.91
C ILE P 82 71.08 -59.08 22.52
N GLN P 83 70.99 -59.34 21.22
CA GLN P 83 70.73 -60.71 20.80
C GLN P 83 71.43 -61.02 19.47
N VAL P 84 71.67 -62.30 19.27
CA VAL P 84 72.20 -62.83 18.03
C VAL P 84 71.05 -63.43 17.24
N LEU P 85 70.88 -62.98 16.00
CA LEU P 85 69.83 -63.43 15.10
C LEU P 85 70.43 -64.34 14.04
N GLU P 86 69.76 -65.47 13.79
CA GLU P 86 70.25 -66.45 12.81
C GLU P 86 69.17 -66.76 11.78
N GLY P 87 69.58 -66.89 10.53
CA GLY P 87 68.67 -67.19 9.45
C GLY P 87 69.31 -66.85 8.12
N GLU P 88 68.63 -67.26 7.05
CA GLU P 88 69.10 -66.90 5.72
C GLU P 88 69.19 -65.39 5.59
N ASN P 89 70.29 -64.91 5.02
CA ASN P 89 70.47 -63.49 4.72
C ASN P 89 70.25 -62.61 5.95
N ALA P 90 70.62 -63.12 7.13
CA ALA P 90 70.19 -62.50 8.38
C ALA P 90 70.72 -61.08 8.51
N VAL P 91 71.94 -60.82 8.02
CA VAL P 91 72.51 -59.49 8.20
C VAL P 91 71.64 -58.45 7.49
N LEU P 92 71.31 -58.69 6.22
CA LEU P 92 70.51 -57.72 5.48
C LEU P 92 69.04 -57.76 5.88
N LYS P 93 68.49 -58.93 6.24
CA LYS P 93 67.09 -58.98 6.66
C LYS P 93 66.88 -58.18 7.94
N ASN P 94 67.80 -58.29 8.89
CA ASN P 94 67.73 -57.48 10.11
C ASN P 94 67.72 -56.00 9.78
N ARG P 95 68.60 -55.56 8.89
CA ARG P 95 68.62 -54.13 8.54
C ARG P 95 67.35 -53.73 7.80
N GLU P 96 66.80 -54.63 6.99
CA GLU P 96 65.53 -54.40 6.31
C GLU P 96 64.40 -54.19 7.31
N LEU P 97 64.31 -55.07 8.31
CA LEU P 97 63.28 -54.94 9.34
C LEU P 97 63.51 -53.72 10.25
N MET P 98 64.77 -53.33 10.47
CA MET P 98 65.04 -52.12 11.25
C MET P 98 64.51 -50.89 10.56
N GLY P 99 64.75 -50.77 9.25
CA GLY P 99 64.38 -49.59 8.51
C GLY P 99 65.45 -48.52 8.57
N ALA P 100 65.27 -47.50 7.73
CA ALA P 100 66.22 -46.39 7.64
C ALA P 100 66.34 -45.69 8.99
N THR P 101 67.50 -45.07 9.23
CA THR P 101 67.74 -44.43 10.52
C THR P 101 66.78 -43.27 10.77
N ASN P 102 66.37 -42.56 9.72
CA ASN P 102 65.43 -41.47 9.89
C ASN P 102 64.02 -42.04 9.97
N PRO P 103 63.35 -41.91 11.12
CA PRO P 103 62.00 -42.51 11.25
C PRO P 103 61.01 -41.98 10.24
N THR P 104 61.19 -40.75 9.77
CA THR P 104 60.27 -40.19 8.78
C THR P 104 60.48 -40.82 7.41
N GLU P 105 61.70 -41.29 7.12
CA GLU P 105 62.00 -41.94 5.85
C GLU P 105 62.01 -43.46 5.96
N ALA P 106 61.87 -44.02 7.17
CA ALA P 106 61.80 -45.46 7.33
C ALA P 106 60.50 -46.02 6.74
N ALA P 107 60.61 -47.21 6.14
CA ALA P 107 59.47 -47.79 5.44
C ALA P 107 58.39 -48.24 6.43
N GLU P 108 57.15 -48.26 5.95
CA GLU P 108 56.02 -48.66 6.77
C GLU P 108 56.21 -50.08 7.28
N GLY P 109 55.89 -50.29 8.56
CA GLY P 109 56.02 -51.59 9.16
C GLY P 109 57.39 -51.94 9.72
N THR P 110 58.38 -51.06 9.59
CA THR P 110 59.70 -51.36 10.14
C THR P 110 59.78 -50.98 11.61
N ILE P 111 60.83 -51.49 12.28
CA ILE P 111 61.01 -51.24 13.70
C ILE P 111 61.14 -49.75 13.97
N ARG P 112 61.89 -49.04 13.13
CA ARG P 112 62.11 -47.62 13.38
C ARG P 112 60.90 -46.78 13.05
N ALA P 113 60.16 -47.13 11.98
CA ALA P 113 58.92 -46.42 11.71
C ALA P 113 57.96 -46.53 12.88
N ASP P 114 58.00 -47.65 13.59
CA ASP P 114 57.06 -47.88 14.68
C ASP P 114 57.57 -47.39 16.03
N PHE P 115 58.88 -47.42 16.26
CA PHE P 115 59.40 -47.22 17.61
C PHE P 115 60.52 -46.18 17.72
N ALA P 116 61.11 -45.72 16.63
CA ALA P 116 62.20 -44.76 16.72
C ALA P 116 61.65 -43.35 16.95
N THR P 117 62.35 -42.60 17.80
CA THR P 117 61.99 -41.22 18.11
C THR P 117 62.64 -40.22 17.17
N SER P 118 63.92 -40.40 16.84
CA SER P 118 64.60 -39.48 15.95
C SER P 118 65.68 -40.25 15.20
N VAL P 119 66.37 -39.55 14.30
CA VAL P 119 67.47 -40.17 13.56
C VAL P 119 68.55 -40.69 14.50
N SER P 120 68.69 -40.07 15.68
CA SER P 120 69.66 -40.53 16.66
CA SER P 120 69.66 -40.50 16.69
C SER P 120 69.05 -41.40 17.76
N ILE P 121 67.82 -41.14 18.15
CA ILE P 121 67.14 -41.97 19.16
C ILE P 121 66.32 -42.99 18.38
N ASN P 122 67.02 -44.00 17.85
CA ASN P 122 66.48 -44.75 16.74
C ASN P 122 66.25 -46.23 17.06
N ALA P 123 66.12 -46.58 18.36
CA ALA P 123 65.52 -47.83 18.83
C ALA P 123 66.39 -49.08 18.69
N VAL P 124 67.13 -49.25 17.57
CA VAL P 124 67.83 -50.50 17.30
C VAL P 124 69.16 -50.26 16.60
N HIS P 125 70.06 -51.23 16.78
CA HIS P 125 71.29 -51.34 16.00
C HIS P 125 71.35 -52.74 15.38
N GLY P 126 71.97 -52.81 14.22
CA GLY P 126 72.26 -54.10 13.60
C GLY P 126 73.61 -54.06 12.92
N SER P 127 74.29 -55.21 12.91
CA SER P 127 75.54 -55.32 12.17
C SER P 127 75.30 -55.00 10.70
N ASP P 128 76.35 -54.53 10.03
CA ASP P 128 76.18 -54.01 8.66
C ASP P 128 76.85 -54.87 7.60
N SER P 129 77.50 -55.97 7.99
CA SER P 129 78.07 -56.92 7.06
C SER P 129 78.34 -58.22 7.81
N VAL P 130 78.55 -59.29 7.06
CA VAL P 130 78.90 -60.58 7.65
C VAL P 130 80.13 -60.45 8.54
N GLU P 131 81.17 -59.77 8.05
CA GLU P 131 82.40 -59.66 8.84
C GLU P 131 82.24 -58.72 10.02
N ASN P 132 81.44 -57.65 9.87
CA ASN P 132 81.18 -56.77 11.00
C ASN P 132 80.35 -57.50 12.06
N ALA P 133 79.41 -58.36 11.62
CA ALA P 133 78.64 -59.16 12.58
C ALA P 133 79.55 -60.08 13.38
N ALA P 134 80.55 -60.69 12.75
CA ALA P 134 81.45 -61.56 13.49
C ALA P 134 82.13 -60.80 14.63
N LEU P 135 82.61 -59.59 14.34
CA LEU P 135 83.27 -58.76 15.35
C LEU P 135 82.31 -58.33 16.44
N GLU P 136 81.11 -57.90 16.06
CA GLU P 136 80.17 -57.36 17.04
C GLU P 136 79.64 -58.46 17.97
N ILE P 137 79.36 -59.63 17.40
CA ILE P 137 78.91 -60.77 18.20
C ILE P 137 79.98 -61.16 19.21
N ALA P 138 81.24 -61.28 18.75
CA ALA P 138 82.35 -61.64 19.63
C ALA P 138 82.64 -60.56 20.67
N TYR P 139 82.25 -59.31 20.41
CA TYR P 139 82.42 -58.27 21.42
C TYR P 139 81.54 -58.52 22.64
N PHE P 140 80.29 -58.94 22.42
CA PHE P 140 79.32 -59.10 23.51
C PHE P 140 79.06 -60.53 23.95
N PHE P 141 79.42 -61.53 23.15
CA PHE P 141 79.17 -62.93 23.47
C PHE P 141 80.43 -63.76 23.30
N SER P 142 80.59 -64.75 24.17
CA SER P 142 81.45 -65.88 23.82
C SER P 142 80.67 -66.85 22.95
N GLN P 143 81.38 -67.68 22.18
CA GLN P 143 80.72 -68.72 21.41
C GLN P 143 79.90 -69.66 22.29
N THR P 144 80.36 -69.91 23.53
CA THR P 144 79.62 -70.78 24.43
C THR P 144 78.26 -70.21 24.83
N GLU P 145 78.04 -68.90 24.64
CA GLU P 145 76.75 -68.31 24.94
C GLU P 145 75.75 -68.45 23.80
N ILE P 146 76.19 -68.91 22.64
CA ILE P 146 75.30 -69.11 21.51
C ILE P 146 74.68 -70.49 21.63
N CYS P 147 73.36 -70.56 21.44
CA CYS P 147 72.56 -71.76 21.68
C CYS P 147 71.97 -72.23 20.36
N PRO P 148 72.67 -73.09 19.62
CA PRO P 148 72.08 -73.65 18.41
C PRO P 148 70.81 -74.42 18.72
N ARG P 149 69.90 -74.43 17.75
CA ARG P 149 68.54 -74.94 18.00
C ARG P 149 68.45 -76.45 17.87
C1 CIT Q . -64.42 77.67 -18.77
O1 CIT Q . -63.32 78.04 -19.23
O2 CIT Q . -64.80 78.11 -17.66
C2 CIT Q . -65.28 76.71 -19.54
C3 CIT Q . -64.93 75.26 -19.17
O7 CIT Q . -63.50 75.08 -19.37
C4 CIT Q . -65.33 74.95 -17.73
C5 CIT Q . -64.53 73.78 -17.20
O3 CIT Q . -63.52 73.37 -17.79
O4 CIT Q . -64.90 73.19 -16.16
C6 CIT Q . -65.71 74.34 -20.08
O5 CIT Q . -65.47 74.29 -21.31
O6 CIT Q . -66.62 73.63 -19.60
C1 EDO R . -76.60 71.70 -24.57
O1 EDO R . -77.74 72.48 -24.19
C2 EDO R . -75.57 71.75 -23.46
O2 EDO R . -76.13 71.16 -22.28
C1 EDO S . -59.37 48.89 -23.16
O1 EDO S . -60.07 50.12 -23.34
C2 EDO S . -60.32 47.81 -22.65
O2 EDO S . -61.03 47.22 -23.75
C1 CIT T . -56.14 45.69 -49.00
O1 CIT T . -55.44 45.28 -49.96
O2 CIT T . -56.38 44.93 -48.04
C2 CIT T . -56.73 47.08 -49.02
C3 CIT T . -55.70 48.12 -48.60
O7 CIT T . -55.22 47.84 -47.25
C4 CIT T . -54.52 48.18 -49.58
C5 CIT T . -53.51 49.20 -49.11
O3 CIT T . -52.54 49.50 -49.85
O4 CIT T . -53.61 49.75 -47.99
C6 CIT T . -56.47 49.43 -48.53
O5 CIT T . -56.51 50.21 -49.51
O6 CIT T . -57.08 49.71 -47.47
C1 EDO U . -65.10 56.11 -54.08
O1 EDO U . -65.43 55.51 -55.34
C2 EDO U . -63.64 55.87 -53.76
O2 EDO U . -62.83 56.36 -54.84
C1 CIT V . -48.65 40.21 2.29
O1 CIT V . -48.19 41.04 3.11
O2 CIT V . -49.66 39.55 2.58
C2 CIT V . -47.98 40.05 0.95
C3 CIT V . -48.58 41.04 -0.04
O7 CIT V . -50.01 40.83 -0.13
C4 CIT V . -48.29 42.49 0.35
C5 CIT V . -48.89 43.44 -0.65
O3 CIT V . -48.50 44.64 -0.68
O4 CIT V . -49.76 43.09 -1.48
C6 CIT V . -47.90 40.74 -1.37
O5 CIT V . -46.91 41.40 -1.74
O6 CIT V . -48.35 39.82 -2.08
C1 EDO W . -37.59 37.65 -6.62
O1 EDO W . -36.23 37.63 -6.13
C2 EDO W . -38.35 38.82 -6.00
O2 EDO W . -37.80 40.05 -6.48
C1 EDO X . -55.88 50.69 -24.38
O1 EDO X . -54.94 49.84 -23.70
C2 EDO X . -55.10 51.66 -25.25
O2 EDO X . -54.46 50.94 -26.31
C1 CIT Y . -61.42 29.44 -39.25
O1 CIT Y . -61.05 30.61 -39.47
O2 CIT Y . -62.40 28.97 -39.88
C2 CIT Y . -60.71 28.62 -38.21
C3 CIT Y . -61.59 28.49 -36.97
O7 CIT Y . -62.11 29.80 -36.61
C4 CIT Y . -62.75 27.54 -37.21
C5 CIT Y . -63.69 27.60 -36.02
O3 CIT Y . -63.49 28.39 -35.07
O4 CIT Y . -64.69 26.85 -35.98
C6 CIT Y . -60.70 27.94 -35.87
O5 CIT Y . -59.99 28.73 -35.20
O6 CIT Y . -60.68 26.71 -35.64
C1 EDO Z . -52.31 19.69 -33.49
O1 EDO Z . -51.81 18.92 -34.59
C2 EDO Z . -53.80 19.94 -33.69
O2 EDO Z . -54.53 18.76 -33.36
C1 CIT AA . -36.57 1.69 -11.10
O1 CIT AA . -35.64 2.03 -10.35
O2 CIT AA . -37.02 0.54 -11.04
C2 CIT AA . -37.14 2.70 -12.08
C3 CIT AA . -36.37 2.60 -13.38
O7 CIT AA . -34.95 2.70 -13.14
C4 CIT AA . -36.67 1.27 -14.05
C5 CIT AA . -35.79 1.11 -15.27
O3 CIT AA . -34.85 1.92 -15.53
O4 CIT AA . -35.98 0.16 -16.05
C6 CIT AA . -36.84 3.74 -14.28
O5 CIT AA . -36.29 4.86 -14.18
O6 CIT AA . -37.76 3.56 -15.10
C1 EDO BA . -46.82 9.65 -17.44
O1 EDO BA . -48.18 9.23 -17.25
C2 EDO BA . -45.94 8.40 -17.54
O2 EDO BA . -46.28 7.64 -18.71
C1 CIT CA . -19.78 36.17 -34.14
O1 CIT CA . -18.92 37.08 -34.24
O2 CIT CA . -19.91 35.35 -35.07
C2 CIT CA . -20.64 36.08 -32.91
C3 CIT CA . -19.89 35.34 -31.81
O7 CIT CA . -19.44 34.08 -32.37
C4 CIT CA . -18.68 36.12 -31.26
C5 CIT CA . -17.97 35.36 -30.15
O3 CIT CA . -17.17 35.94 -29.38
O4 CIT CA . -18.15 34.14 -29.96
C6 CIT CA . -20.91 35.07 -30.71
O5 CIT CA . -20.98 35.83 -29.71
O6 CIT CA . -21.67 34.10 -30.80
C1 EDO DA . -30.10 40.13 -24.63
O1 EDO DA . -30.40 41.53 -24.63
C2 EDO DA . -28.60 39.94 -24.77
O2 EDO DA . -27.93 40.69 -23.75
C1 CIT EA . -28.87 5.26 6.68
O1 CIT EA . -29.02 5.39 5.45
O2 CIT EA . -29.87 5.28 7.43
C2 CIT EA . -27.48 5.06 7.24
C3 CIT EA . -26.96 6.38 7.79
O7 CIT EA . -27.01 7.39 6.74
C4 CIT EA . -27.73 6.84 9.03
C5 CIT EA . -27.23 8.16 9.54
O3 CIT EA . -26.41 8.83 8.86
O4 CIT EA . -27.63 8.62 10.63
C6 CIT EA . -25.51 6.14 8.15
O5 CIT EA . -24.64 6.15 7.24
O6 CIT EA . -25.19 5.90 9.34
C1 EDO FA . -17.94 -2.20 13.28
O1 EDO FA . -19.06 -3.05 13.56
C2 EDO FA . -18.40 -0.77 13.18
O2 EDO FA . -19.09 -0.39 14.39
C1 EDO GA . -16.65 19.49 -9.99
O1 EDO GA . -17.83 19.92 -10.67
C2 EDO GA . -16.49 20.29 -8.70
O2 EDO GA . -17.53 19.94 -7.78
C1 CIT HA . 11.38 22.29 -2.68
O1 CIT HA . 12.20 22.80 -3.48
O2 CIT HA . 11.15 22.86 -1.58
C2 CIT HA . 10.69 21.00 -3.01
C3 CIT HA . 9.44 21.23 -3.85
O7 CIT HA . 8.57 22.16 -3.15
C4 CIT HA . 9.77 21.77 -5.23
C5 CIT HA . 8.52 22.12 -6.01
O3 CIT HA . 8.59 22.44 -7.22
O4 CIT HA . 7.40 22.11 -5.48
C6 CIT HA . 8.78 19.86 -3.97
O5 CIT HA . 8.95 19.16 -4.99
O6 CIT HA . 8.08 19.41 -3.03
C1 EDO IA . 10.44 8.09 -5.55
O1 EDO IA . 11.62 7.45 -6.06
C2 EDO IA . 10.23 9.40 -6.28
O2 EDO IA . 10.49 9.22 -7.68
C1 EDO JA . -15.39 16.62 -12.40
O1 EDO JA . -14.06 16.58 -12.95
C2 EDO JA . -16.45 16.47 -13.49
O2 EDO JA . -16.33 15.20 -14.14
C1 CIT KA . -2.02 -20.95 -13.62
O1 CIT KA . -1.70 -21.37 -14.76
O2 CIT KA . -2.79 -21.64 -12.91
C2 CIT KA . -1.51 -19.62 -13.11
C3 CIT KA . -0.10 -19.76 -12.55
O7 CIT KA . -0.10 -20.85 -11.57
C4 CIT KA . 0.91 -20.03 -13.65
C5 CIT KA . 2.24 -20.41 -13.04
O3 CIT KA . 3.26 -20.51 -13.76
O4 CIT KA . 2.34 -20.61 -11.81
C6 CIT KA . 0.25 -18.46 -11.84
O5 CIT KA . 0.99 -17.63 -12.41
O6 CIT KA . -0.19 -18.23 -10.69
C1 EDO LA . -0.26 -6.39 -12.47
O1 EDO LA . -0.46 -5.57 -13.63
C2 EDO LA . 0.55 -7.59 -12.91
O2 EDO LA . 1.55 -7.15 -13.81
C1 CIT MA . 10.54 -7.82 27.25
O1 CIT MA . 11.66 -7.72 26.73
O2 CIT MA . 10.46 -8.15 28.46
C2 CIT MA . 9.30 -7.55 26.43
C3 CIT MA . 8.64 -8.89 26.10
O7 CIT MA . 9.58 -9.78 25.45
C4 CIT MA . 8.06 -9.52 27.35
C5 CIT MA . 7.53 -10.90 27.09
O3 CIT MA . 7.64 -11.43 25.95
O4 CIT MA . 6.97 -11.52 28.01
C6 CIT MA . 7.53 -8.59 25.12
O5 CIT MA . 7.80 -8.52 23.90
O6 CIT MA . 6.36 -8.39 25.53
C1 EDO NA . -0.77 -0.34 22.76
O1 EDO NA . -1.71 0.34 23.60
C2 EDO NA . -1.25 -1.76 22.58
O2 EDO NA . -1.58 -2.29 23.87
C1 CIT OA . 41.65 -33.54 -5.67
O1 CIT OA . 42.38 -32.59 -6.04
O2 CIT OA . 41.39 -34.48 -6.46
C2 CIT OA . 41.05 -33.55 -4.29
C3 CIT OA . 39.62 -32.99 -4.32
O7 CIT OA . 39.69 -31.68 -4.94
C4 CIT OA . 38.63 -33.88 -5.06
C5 CIT OA . 37.27 -33.20 -5.10
O3 CIT OA . 37.12 -32.00 -4.74
O4 CIT OA . 36.25 -33.82 -5.47
C6 CIT OA . 39.18 -32.88 -2.86
O5 CIT OA . 39.57 -31.90 -2.19
O6 CIT OA . 38.47 -33.77 -2.35
C1 EDO PA . 39.23 -38.97 7.47
O1 EDO PA . 39.72 -40.30 7.64
C2 EDO PA . 38.59 -38.81 6.09
O2 EDO PA . 37.39 -39.59 6.03
C1 EDO QA . 19.08 -19.08 6.41
O1 EDO QA . 20.20 -19.97 6.61
C2 EDO QA . 17.81 -19.76 6.86
O2 EDO QA . 17.67 -19.62 8.29
C1 CIT RA . 29.39 -2.97 24.68
O1 CIT RA . 29.42 -2.02 25.52
O2 CIT RA . 28.29 -3.30 24.17
C2 CIT RA . 30.66 -3.72 24.31
C3 CIT RA . 31.22 -3.30 22.95
O7 CIT RA . 30.20 -3.35 21.93
C4 CIT RA . 31.82 -1.90 23.01
C5 CIT RA . 32.15 -1.48 21.60
O3 CIT RA . 32.56 -0.31 21.42
O4 CIT RA . 32.03 -2.26 20.62
C6 CIT RA . 32.33 -4.28 22.57
O5 CIT RA . 33.54 -3.99 22.82
O6 CIT RA . 32.04 -5.36 22.03
C1 EDO SA . 40.71 -10.56 28.95
O1 EDO SA . 41.15 -9.78 30.07
C2 EDO SA . 40.29 -9.62 27.83
O2 EDO SA . 41.20 -8.52 27.74
C1 CIT TA . 27.30 -42.28 37.83
O1 CIT TA . 27.71 -41.71 38.86
O2 CIT TA . 26.31 -43.04 37.89
C2 CIT TA . 27.99 -42.07 36.50
C3 CIT TA . 29.16 -43.04 36.36
O7 CIT TA . 29.98 -42.95 37.53
C4 CIT TA . 28.70 -44.50 36.17
C5 CIT TA . 29.89 -45.41 36.03
O3 CIT TA . 31.04 -45.07 36.41
O4 CIT TA . 29.76 -46.54 35.50
C6 CIT TA . 29.94 -42.59 35.13
O5 CIT TA . 30.72 -41.62 35.23
O6 CIT TA . 29.80 -43.16 34.02
C1 EDO UA . 28.29 -38.64 23.88
O1 EDO UA . 27.05 -38.80 23.16
C2 EDO UA . 28.52 -39.83 24.78
O2 EDO UA . 28.41 -41.04 24.02
C1 EDO VA . 54.01 -50.82 28.27
O1 EDO VA . 52.88 -49.95 28.14
C2 EDO VA . 54.06 -51.75 27.05
O2 EDO VA . 54.66 -51.06 25.95
C1 CIT WA . 68.25 -28.53 26.50
O1 CIT WA . 69.23 -27.79 26.69
O2 CIT WA . 68.43 -29.74 26.22
C2 CIT WA . 66.84 -27.99 26.59
C3 CIT WA . 66.34 -28.01 28.03
O7 CIT WA . 66.36 -29.37 28.54
C4 CIT WA . 67.17 -27.10 28.93
C5 CIT WA . 66.78 -27.33 30.38
O3 CIT WA . 67.26 -26.61 31.28
O4 CIT WA . 65.95 -28.22 30.68
C6 CIT WA . 64.91 -27.52 28.00
O5 CIT WA . 64.61 -26.35 28.35
O6 CIT WA . 64.01 -28.31 27.63
C1 EDO XA . 57.77 -18.77 23.14
O1 EDO XA . 58.34 -17.68 22.41
C2 EDO XA . 58.76 -19.24 24.19
O2 EDO XA . 58.89 -18.24 25.20
C1 CIT YA . 55.15 -79.01 35.42
O1 CIT YA . 55.15 -79.30 34.21
O2 CIT YA . 54.33 -79.56 36.18
C2 CIT YA . 56.15 -78.00 35.97
C3 CIT YA . 55.59 -76.58 35.95
O7 CIT YA . 54.98 -76.31 34.66
C4 CIT YA . 54.59 -76.36 37.08
C5 CIT YA . 53.86 -75.04 36.87
O3 CIT YA . 53.93 -74.43 35.79
O4 CIT YA . 53.17 -74.56 37.81
C6 CIT YA . 56.75 -75.63 36.19
O5 CIT YA . 57.53 -75.30 35.27
O6 CIT YA . 56.93 -75.16 37.35
C1 EDO ZA . 66.46 -73.15 42.73
O1 EDO ZA . 66.98 -73.69 43.95
C2 EDO ZA . 64.95 -73.34 42.69
O2 EDO ZA . 64.37 -72.64 43.80
C1 CIT AB . 73.91 -43.77 14.91
O1 CIT AB . 74.15 -43.27 13.80
O2 CIT AB . 73.27 -43.10 15.75
C2 CIT AB . 74.40 -45.16 15.26
C3 CIT AB . 73.53 -46.22 14.57
O7 CIT AB . 72.14 -46.04 14.92
C4 CIT AB . 73.70 -46.17 13.05
C5 CIT AB . 72.72 -47.11 12.38
O3 CIT AB . 72.74 -47.24 11.13
O4 CIT AB . 71.90 -47.77 13.04
C6 CIT AB . 73.97 -47.57 15.11
O5 CIT AB . 74.79 -48.28 14.50
O6 CIT AB . 73.48 -47.98 16.19
C1 EDO BB . 83.42 -54.03 18.28
O1 EDO BB . 84.80 -53.65 18.13
C2 EDO BB . 82.70 -53.77 16.95
O2 EDO BB . 83.48 -54.28 15.88
#